data_9CCG
#
_entry.id   9CCG
#
_cell.length_a   1.00
_cell.length_b   1.00
_cell.length_c   1.00
_cell.angle_alpha   90.00
_cell.angle_beta   90.00
_cell.angle_gamma   90.00
#
_symmetry.space_group_name_H-M   'P 1'
#
loop_
_entity.id
_entity.type
_entity.pdbx_description
1 polymer 'POTRA domain-containing protein'
2 polymer 'Fab 9 heavy chain'
3 polymer 'Fab 9 light chain'
#
loop_
_entity_poly.entity_id
_entity_poly.type
_entity_poly.pdbx_seq_one_letter_code
_entity_poly.pdbx_strand_id
1 'polypeptide(L)'
;LPIKSVEVVNNQQVPASLIKNTLKLKEGAKFSTEALLADFNALKETGYFEDVILQPVSYDGGVRIVVDVVEKENVVDLLK
EKGVAINTLREDTDKSIVLSSVKFTGNKRVTTSELLDITQLKAGEYFSRSRVEDAQRRLLATGKFSEVRPDAQVANGKMA
LSFEVVENPIVKSVIITGNNTIPTSTIMSELTTKPGSVQNYNNLREDRDKILGLYQAQGYTLVNITDMSTDENGTLHISI
VEGIVRRIEVKKMVTKQKGNRRTPNDDVLKTKDYVIDREIEIQPGKIFNVKEYDATVDNLMRLGIFKNVKYEARSIPGDP
EGIDLILLIDEDRTAELQGGVAYGSETGFLGTLSLKDSNWRGKNQQFGFTFEKSNKNYTGFALDFYDPWIKDTDRVSWGW
GAYRTSYGDEDSILFHEIDTIGFRTNIGKGLGKNFTLSLGTKVEYIKEKHEDGKLRQANNGKWYYKEKNKWREIEGVDDK
YWLWSIYPYISYDTRNNYLNPTSGFYGKFQVEAGHAGGYKSGNFGNATLELRTYHKGLFKNNIFAYKVVGGVATNNTKES
QKFWVGGGNSLRGYDGGFFKGSQKLVATIENRTQLNDIIGLVVFADAGRAWKQNGRDPSYTRDNSRFGHNIGTTAGVGIR
LNTPIGPLRFDFGWPVGNKMDDDGMKFYFNMGQSF
;
A,D
2 'polypeptide(L)'
;EVQLVESGGGLVQPGGSLRLSCAASGFNVYSSSIHWVRQAPGKGLEWVASIYSYYGSTYYADSVKGRFTISADTSKNTAY
LQMNSLRAEDTAVYYCARGYSSYWLKSHQWPYGFDYWGQGTLVTVSSASTKGPSVFPLAPSSKSTSGGTAALGCLVKDYF
PEPVTVSWNSGALTSGVHTFPAVLQSSGLYSLSSVVTVPSSSLGTQTYICNVNHKPSNTKVDKKVEP
;
B,F
3 'polypeptide(L)'
;QMTQSPSSLSASVGDRVTITCRASQSVSSAVAWYQQKPGKAPKLLIYSASSLYSGVPSRFSGSRSGTDFTLTISSLQPED
FATYYCQQFSQRLVTFGQGTKVEIKRTVAAPSVFIFPPSDSQLKSGTASVVCLLNNFYPREAKVQWKVDNALQSGNSQES
VTEQDSKDSTYSLSSTLTLSKADYEKHKVYACEVTHQGLSSPVTKSFNRGEC
;
C,E
#
# COMPACT_ATOMS: atom_id res chain seq x y z
N LEU A 1 -21.67 -5.53 -25.47
CA LEU A 1 -21.31 -6.81 -26.09
C LEU A 1 -20.01 -6.69 -26.88
N PRO A 2 -19.24 -7.79 -26.93
CA PRO A 2 -18.01 -7.78 -27.73
C PRO A 2 -18.29 -7.88 -29.22
N ILE A 3 -17.25 -8.01 -30.03
CA ILE A 3 -17.36 -8.10 -31.48
C ILE A 3 -16.69 -9.39 -31.94
N LYS A 4 -17.44 -10.19 -32.71
CA LYS A 4 -16.93 -11.46 -33.21
C LYS A 4 -16.31 -11.33 -34.60
N SER A 5 -16.92 -10.54 -35.48
CA SER A 5 -16.41 -10.37 -36.83
C SER A 5 -17.00 -9.12 -37.44
N VAL A 6 -16.19 -8.38 -38.19
CA VAL A 6 -16.67 -7.17 -38.88
C VAL A 6 -16.82 -7.55 -40.35
N GLU A 7 -18.03 -7.98 -40.70
CA GLU A 7 -18.36 -8.35 -42.07
C GLU A 7 -19.07 -7.18 -42.72
N VAL A 8 -18.34 -6.44 -43.56
CA VAL A 8 -18.88 -5.28 -44.24
C VAL A 8 -19.44 -5.71 -45.60
N VAL A 9 -20.61 -5.21 -45.95
CA VAL A 9 -21.26 -5.55 -47.20
C VAL A 9 -21.44 -4.24 -47.99
N ASN A 10 -21.63 -4.39 -49.31
CA ASN A 10 -21.93 -3.29 -50.24
C ASN A 10 -20.68 -2.44 -50.49
N ASN A 11 -19.60 -2.73 -49.76
CA ASN A 11 -18.31 -2.07 -50.00
C ASN A 11 -17.57 -2.77 -51.14
N GLN A 12 -18.20 -2.76 -52.31
CA GLN A 12 -17.73 -3.58 -53.43
C GLN A 12 -16.41 -3.09 -53.99
N GLN A 13 -16.15 -1.78 -53.97
CA GLN A 13 -14.90 -1.23 -54.48
C GLN A 13 -14.18 -0.33 -53.49
N VAL A 14 -14.89 0.32 -52.58
CA VAL A 14 -14.22 1.04 -51.48
C VAL A 14 -13.45 0.02 -50.64
N PRO A 15 -12.16 0.24 -50.40
CA PRO A 15 -11.32 -0.87 -49.91
C PRO A 15 -11.74 -1.34 -48.54
N ALA A 16 -11.88 -2.67 -48.40
CA ALA A 16 -12.07 -3.26 -47.09
C ALA A 16 -10.84 -3.06 -46.22
N SER A 17 -9.64 -3.16 -46.82
CA SER A 17 -8.41 -2.91 -46.08
C SER A 17 -8.36 -1.47 -45.56
N LEU A 18 -8.69 -0.50 -46.41
CA LEU A 18 -8.65 0.90 -46.00
C LEU A 18 -9.66 1.18 -44.89
N ILE A 19 -10.88 0.64 -45.02
CA ILE A 19 -11.90 0.90 -44.02
C ILE A 19 -11.56 0.21 -42.70
N LYS A 20 -11.01 -1.00 -42.77
CA LYS A 20 -10.64 -1.70 -41.54
C LYS A 20 -9.45 -1.04 -40.86
N ASN A 21 -8.55 -0.46 -41.64
CA ASN A 21 -7.50 0.38 -41.06
C ASN A 21 -8.10 1.62 -40.42
N THR A 22 -9.10 2.21 -41.07
CA THR A 22 -9.70 3.43 -40.55
C THR A 22 -10.64 3.14 -39.39
N LEU A 23 -11.52 2.15 -39.54
CA LEU A 23 -12.45 1.81 -38.48
C LEU A 23 -11.70 1.20 -37.30
N LYS A 24 -12.07 1.62 -36.09
CA LYS A 24 -11.44 1.14 -34.88
C LYS A 24 -12.26 0.08 -34.17
N LEU A 25 -13.43 -0.27 -34.70
CA LEU A 25 -14.28 -1.30 -34.10
C LEU A 25 -13.78 -2.66 -34.58
N LYS A 26 -12.62 -3.05 -34.07
CA LYS A 26 -12.04 -4.33 -34.42
C LYS A 26 -12.69 -5.43 -33.59
N GLU A 27 -12.29 -6.67 -33.86
CA GLU A 27 -12.88 -7.82 -33.18
C GLU A 27 -12.55 -7.78 -31.70
N GLY A 28 -13.54 -8.11 -30.87
CA GLY A 28 -13.35 -8.11 -29.44
C GLY A 28 -13.44 -6.77 -28.76
N ALA A 29 -13.83 -5.72 -29.49
CA ALA A 29 -13.94 -4.40 -28.89
C ALA A 29 -15.22 -4.28 -28.06
N LYS A 30 -15.40 -3.12 -27.44
CA LYS A 30 -16.54 -2.90 -26.57
C LYS A 30 -17.64 -2.14 -27.31
N PHE A 31 -18.88 -2.44 -26.97
CA PHE A 31 -20.04 -1.80 -27.57
C PHE A 31 -20.60 -0.77 -26.60
N SER A 32 -20.57 0.50 -26.99
CA SER A 32 -21.08 1.58 -26.15
C SER A 32 -21.60 2.69 -27.05
N THR A 33 -22.71 3.32 -26.63
CA THR A 33 -23.33 4.36 -27.44
C THR A 33 -22.35 5.46 -27.76
N GLU A 34 -21.55 5.88 -26.78
CA GLU A 34 -20.52 6.88 -27.06
C GLU A 34 -19.47 6.35 -28.02
N ALA A 35 -19.12 5.06 -27.89
CA ALA A 35 -18.09 4.49 -28.76
C ALA A 35 -18.53 4.50 -30.22
N LEU A 36 -19.74 4.00 -30.51
CA LEU A 36 -20.22 4.02 -31.88
C LEU A 36 -20.54 5.43 -32.34
N LEU A 37 -20.91 6.32 -31.42
CA LEU A 37 -21.12 7.72 -31.81
C LEU A 37 -19.82 8.35 -32.30
N ALA A 38 -18.73 8.15 -31.54
CA ALA A 38 -17.43 8.67 -31.97
C ALA A 38 -16.98 8.00 -33.26
N ASP A 39 -17.25 6.70 -33.42
CA ASP A 39 -16.88 5.99 -34.64
C ASP A 39 -17.64 6.53 -35.85
N PHE A 40 -18.94 6.78 -35.69
CA PHE A 40 -19.74 7.36 -36.76
C PHE A 40 -19.22 8.75 -37.13
N ASN A 41 -18.90 9.57 -36.12
CA ASN A 41 -18.31 10.88 -36.41
C ASN A 41 -17.00 10.74 -37.17
N ALA A 42 -16.17 9.79 -36.76
CA ALA A 42 -14.86 9.62 -37.38
C ALA A 42 -14.99 9.23 -38.85
N LEU A 43 -15.79 8.20 -39.15
CA LEU A 43 -15.94 7.80 -40.55
C LEU A 43 -16.66 8.87 -41.38
N LYS A 44 -17.58 9.63 -40.77
CA LYS A 44 -18.20 10.71 -41.51
C LYS A 44 -17.19 11.80 -41.85
N GLU A 45 -16.27 12.10 -40.92
CA GLU A 45 -15.26 13.13 -41.18
C GLU A 45 -14.17 12.64 -42.12
N THR A 46 -13.94 11.33 -42.21
CA THR A 46 -12.87 10.83 -43.06
C THR A 46 -13.09 11.20 -44.52
N GLY A 47 -14.35 11.20 -44.96
CA GLY A 47 -14.65 11.54 -46.34
C GLY A 47 -14.50 10.43 -47.34
N TYR A 48 -14.34 9.19 -46.89
CA TYR A 48 -14.26 8.05 -47.78
C TYR A 48 -15.62 7.61 -48.33
N PHE A 49 -16.69 8.32 -47.98
CA PHE A 49 -18.04 8.02 -48.43
C PHE A 49 -18.92 9.23 -48.16
N GLU A 50 -20.04 9.29 -48.87
CA GLU A 50 -20.98 10.40 -48.69
C GLU A 50 -22.07 10.04 -47.67
N ASP A 51 -22.76 8.92 -47.90
CA ASP A 51 -23.81 8.45 -47.01
C ASP A 51 -23.43 7.08 -46.48
N VAL A 52 -23.61 6.87 -45.18
CA VAL A 52 -23.32 5.60 -44.53
C VAL A 52 -24.49 5.22 -43.64
N ILE A 53 -24.92 3.97 -43.74
CA ILE A 53 -25.88 3.38 -42.83
C ILE A 53 -25.17 2.20 -42.17
N LEU A 54 -24.47 2.47 -41.07
CA LEU A 54 -23.68 1.44 -40.39
C LEU A 54 -24.58 0.84 -39.31
N GLN A 55 -25.06 -0.37 -39.57
CA GLN A 55 -25.98 -1.05 -38.68
C GLN A 55 -25.24 -2.17 -37.97
N PRO A 56 -25.03 -2.09 -36.66
CA PRO A 56 -24.40 -3.20 -35.95
C PRO A 56 -25.36 -4.37 -35.79
N VAL A 57 -24.88 -5.56 -36.14
CA VAL A 57 -25.67 -6.78 -36.11
C VAL A 57 -25.15 -7.68 -35.00
N SER A 58 -26.07 -8.27 -34.23
CA SER A 58 -25.68 -9.27 -33.25
C SER A 58 -25.20 -10.53 -33.97
N TYR A 59 -24.06 -11.07 -33.54
CA TYR A 59 -23.47 -12.23 -34.20
C TYR A 59 -22.67 -13.03 -33.19
N ASP A 60 -23.02 -14.30 -33.03
CA ASP A 60 -22.26 -15.25 -32.21
C ASP A 60 -22.09 -14.73 -30.78
N GLY A 61 -23.13 -14.11 -30.26
CA GLY A 61 -23.07 -13.52 -28.94
C GLY A 61 -22.31 -12.21 -28.88
N GLY A 62 -21.92 -11.66 -30.03
CA GLY A 62 -21.18 -10.42 -30.12
C GLY A 62 -21.89 -9.42 -31.01
N VAL A 63 -21.09 -8.59 -31.67
CA VAL A 63 -21.59 -7.55 -32.56
C VAL A 63 -20.88 -7.68 -33.90
N ARG A 64 -21.66 -7.63 -34.99
CA ARG A 64 -21.12 -7.64 -36.34
C ARG A 64 -21.43 -6.28 -36.96
N ILE A 65 -20.39 -5.44 -37.06
CA ILE A 65 -20.56 -4.10 -37.60
C ILE A 65 -20.71 -4.21 -39.12
N VAL A 66 -21.91 -3.98 -39.61
CA VAL A 66 -22.20 -3.99 -41.04
C VAL A 66 -22.38 -2.54 -41.47
N VAL A 67 -21.50 -2.07 -42.36
CA VAL A 67 -21.49 -0.69 -42.79
C VAL A 67 -21.96 -0.62 -44.24
N ASP A 68 -23.06 0.10 -44.46
CA ASP A 68 -23.62 0.30 -45.79
C ASP A 68 -23.18 1.68 -46.28
N VAL A 69 -22.27 1.71 -47.24
CA VAL A 69 -21.67 2.96 -47.69
C VAL A 69 -22.35 3.45 -48.96
N VAL A 70 -22.33 4.77 -49.13
CA VAL A 70 -22.70 5.41 -50.40
C VAL A 70 -21.57 6.39 -50.69
N GLU A 71 -20.60 5.96 -51.48
CA GLU A 71 -19.39 6.74 -51.64
C GLU A 71 -19.61 7.93 -52.56
N LYS A 72 -18.80 8.96 -52.36
CA LYS A 72 -18.80 10.14 -53.20
C LYS A 72 -18.02 9.85 -54.49
N GLU A 73 -17.70 10.89 -55.25
CA GLU A 73 -17.00 10.72 -56.52
C GLU A 73 -15.80 11.66 -56.64
N ASN A 74 -15.22 12.10 -55.53
CA ASN A 74 -14.14 13.08 -55.60
C ASN A 74 -12.98 12.74 -54.66
N VAL A 75 -12.69 11.46 -54.44
CA VAL A 75 -11.56 11.04 -53.61
C VAL A 75 -10.65 10.08 -54.35
N VAL A 76 -10.99 9.70 -55.59
CA VAL A 76 -10.19 8.76 -56.35
C VAL A 76 -8.83 9.31 -56.73
N ASP A 77 -8.62 10.63 -56.62
CA ASP A 77 -7.35 11.24 -56.99
C ASP A 77 -6.23 10.92 -56.01
N LEU A 78 -6.53 10.32 -54.85
CA LEU A 78 -5.49 9.96 -53.91
C LEU A 78 -4.53 8.94 -54.50
N LEU A 79 -5.06 7.95 -55.23
CA LEU A 79 -4.30 6.90 -55.90
C LEU A 79 -3.66 5.91 -54.94
N LYS A 80 -3.78 6.17 -53.63
CA LYS A 80 -3.42 5.18 -52.60
C LYS A 80 -4.73 4.55 -52.15
N GLU A 81 -5.20 3.57 -52.93
CA GLU A 81 -6.52 2.95 -52.78
C GLU A 81 -7.63 3.98 -53.02
N LYS A 82 -8.82 3.49 -53.37
CA LYS A 82 -9.87 4.39 -53.82
C LYS A 82 -11.22 3.70 -53.67
N GLY A 83 -12.28 4.47 -53.84
CA GLY A 83 -13.63 4.00 -53.57
C GLY A 83 -14.25 3.22 -54.71
N VAL A 84 -15.44 3.62 -55.14
CA VAL A 84 -16.25 2.88 -56.10
C VAL A 84 -15.48 2.62 -57.39
N ALA A 85 -14.41 3.36 -57.63
CA ALA A 85 -13.60 3.21 -58.83
C ALA A 85 -12.35 2.38 -58.53
N VAL A 98 -23.51 1.61 -74.91
CA VAL A 98 -23.37 2.79 -75.77
C VAL A 98 -24.65 3.62 -75.74
N LEU A 99 -24.61 4.72 -75.00
CA LEU A 99 -25.77 5.61 -74.91
C LEU A 99 -25.43 6.97 -75.52
N SER A 100 -26.45 7.68 -75.99
CA SER A 100 -26.20 8.83 -76.86
C SER A 100 -26.91 10.13 -76.48
N SER A 101 -27.81 10.14 -75.51
CA SER A 101 -28.56 11.36 -75.25
C SER A 101 -28.89 11.47 -73.76
N VAL A 102 -29.15 12.72 -73.34
CA VAL A 102 -29.54 12.99 -71.97
C VAL A 102 -30.90 13.70 -71.95
N LYS A 103 -31.20 14.45 -73.01
CA LYS A 103 -32.52 15.04 -73.25
C LYS A 103 -32.99 16.02 -72.17
N PHE A 104 -34.12 16.67 -72.43
CA PHE A 104 -34.84 17.53 -71.48
C PHE A 104 -33.97 18.69 -71.01
N THR A 105 -33.69 19.59 -71.96
CA THR A 105 -33.01 20.85 -71.67
C THR A 105 -33.81 21.64 -70.65
N GLY A 106 -33.13 22.23 -69.66
CA GLY A 106 -33.81 22.94 -68.60
C GLY A 106 -34.09 24.39 -68.96
N ASN A 107 -34.74 25.09 -68.02
CA ASN A 107 -35.12 26.47 -68.25
C ASN A 107 -34.07 27.43 -67.68
N LYS A 108 -33.89 27.41 -66.36
CA LYS A 108 -32.92 28.31 -65.73
C LYS A 108 -31.50 27.95 -66.15
N ARG A 109 -31.14 26.67 -66.01
CA ARG A 109 -29.89 26.17 -66.55
C ARG A 109 -30.14 25.56 -67.92
N VAL A 110 -29.08 25.22 -68.64
CA VAL A 110 -29.20 24.44 -69.86
C VAL A 110 -29.20 22.95 -69.60
N THR A 111 -28.77 22.51 -68.40
CA THR A 111 -28.72 21.13 -67.94
C THR A 111 -28.03 20.23 -68.96
N THR A 112 -27.29 20.84 -69.89
CA THR A 112 -26.45 20.11 -70.83
C THR A 112 -24.98 20.40 -70.56
N SER A 113 -24.57 21.67 -70.58
CA SER A 113 -23.22 22.01 -70.14
C SER A 113 -23.01 21.62 -68.69
N GLU A 114 -23.90 22.07 -67.80
CA GLU A 114 -23.76 21.81 -66.37
C GLU A 114 -23.69 20.31 -66.10
N LEU A 115 -24.68 19.56 -66.58
CA LEU A 115 -24.68 18.12 -66.34
C LEU A 115 -23.47 17.46 -66.99
N LEU A 116 -23.32 17.62 -68.30
CA LEU A 116 -22.28 16.89 -69.03
C LEU A 116 -20.89 17.25 -68.54
N ASP A 117 -20.72 18.37 -67.85
CA ASP A 117 -19.41 18.72 -67.30
C ASP A 117 -19.25 18.24 -65.86
N ILE A 118 -20.10 18.74 -64.95
CA ILE A 118 -19.90 18.45 -63.53
C ILE A 118 -20.41 17.05 -63.19
N THR A 119 -21.63 16.73 -63.60
CA THR A 119 -22.30 15.52 -63.16
C THR A 119 -22.44 14.48 -64.26
N GLN A 120 -23.14 14.80 -65.34
CA GLN A 120 -23.36 13.82 -66.40
C GLN A 120 -22.08 13.62 -67.20
N LEU A 121 -21.99 12.43 -67.82
CA LEU A 121 -20.92 12.05 -68.73
C LEU A 121 -19.60 11.82 -67.98
N LYS A 122 -19.57 12.17 -66.70
CA LYS A 122 -18.48 11.78 -65.82
C LYS A 122 -18.98 10.99 -64.63
N ALA A 123 -19.95 11.52 -63.89
CA ALA A 123 -20.65 10.78 -62.85
C ALA A 123 -22.01 10.28 -63.32
N GLY A 124 -22.61 10.93 -64.32
CA GLY A 124 -23.87 10.44 -64.85
C GLY A 124 -23.73 9.06 -65.46
N GLU A 125 -22.57 8.77 -66.04
CA GLU A 125 -22.21 7.49 -66.63
C GLU A 125 -23.10 7.09 -67.79
N TYR A 126 -23.99 7.98 -68.24
CA TYR A 126 -25.02 7.76 -69.26
C TYR A 126 -26.13 6.84 -68.77
N PHE A 127 -25.98 6.22 -67.59
CA PHE A 127 -26.97 5.33 -67.03
C PHE A 127 -26.64 5.02 -65.57
N SER A 128 -27.39 4.12 -64.94
CA SER A 128 -27.17 3.73 -63.55
C SER A 128 -27.25 4.95 -62.63
N ARG A 129 -28.48 5.46 -62.49
CA ARG A 129 -28.66 6.81 -61.97
C ARG A 129 -28.57 6.91 -60.46
N SER A 130 -27.56 6.27 -59.86
CA SER A 130 -27.25 6.48 -58.46
C SER A 130 -26.35 7.69 -58.29
N ARG A 131 -25.27 7.75 -59.08
CA ARG A 131 -24.52 8.99 -59.17
C ARG A 131 -25.32 10.09 -59.85
N VAL A 132 -26.44 9.75 -60.51
CA VAL A 132 -27.33 10.80 -61.02
C VAL A 132 -28.24 11.31 -59.91
N GLU A 133 -28.65 10.44 -58.99
CA GLU A 133 -29.24 10.94 -57.75
C GLU A 133 -28.25 11.86 -57.03
N ASP A 134 -26.98 11.46 -56.99
CA ASP A 134 -25.95 12.34 -56.46
C ASP A 134 -25.83 13.63 -57.29
N ALA A 135 -26.10 13.53 -58.59
CA ALA A 135 -26.05 14.71 -59.45
C ALA A 135 -27.11 15.72 -59.06
N GLN A 136 -28.33 15.24 -58.83
CA GLN A 136 -29.38 16.13 -58.33
C GLN A 136 -29.04 16.63 -56.93
N ARG A 137 -28.31 15.83 -56.16
CA ARG A 137 -27.85 16.29 -54.85
C ARG A 137 -26.88 17.47 -54.98
N ARG A 138 -25.95 17.40 -55.94
CA ARG A 138 -25.05 18.53 -56.15
C ARG A 138 -25.78 19.70 -56.78
N LEU A 139 -26.85 19.43 -57.52
CA LEU A 139 -27.69 20.52 -58.02
C LEU A 139 -28.37 21.23 -56.85
N LEU A 140 -28.78 20.48 -55.84
CA LEU A 140 -29.29 21.08 -54.60
C LEU A 140 -28.17 21.78 -53.82
N ALA A 141 -26.94 21.28 -53.97
CA ALA A 141 -25.78 21.97 -53.40
C ALA A 141 -25.61 23.34 -54.03
N THR A 142 -25.72 23.42 -55.36
CA THR A 142 -25.91 24.70 -56.02
C THR A 142 -27.33 25.22 -55.83
N GLY A 143 -28.25 24.38 -55.38
CA GLY A 143 -29.61 24.78 -55.04
C GLY A 143 -30.42 25.30 -56.19
N LYS A 144 -29.84 25.41 -57.38
CA LYS A 144 -30.54 26.04 -58.50
C LYS A 144 -31.76 25.25 -58.94
N PHE A 145 -31.88 24.00 -58.48
CA PHE A 145 -33.06 23.18 -58.71
C PHE A 145 -33.76 22.90 -57.39
N SER A 146 -34.99 22.39 -57.49
CA SER A 146 -35.76 21.97 -56.33
C SER A 146 -35.99 20.48 -56.31
N GLU A 147 -36.60 19.91 -57.35
CA GLU A 147 -36.85 18.48 -57.45
C GLU A 147 -36.46 18.04 -58.86
N VAL A 148 -35.74 16.92 -58.95
CA VAL A 148 -35.34 16.34 -60.23
C VAL A 148 -35.98 14.98 -60.34
N ARG A 149 -36.69 14.74 -61.44
CA ARG A 149 -37.31 13.45 -61.70
C ARG A 149 -36.68 12.79 -62.91
N PRO A 150 -35.82 11.79 -62.71
CA PRO A 150 -35.22 11.07 -63.85
C PRO A 150 -36.21 10.09 -64.45
N ASP A 151 -36.69 10.40 -65.65
CA ASP A 151 -37.61 9.54 -66.39
C ASP A 151 -36.86 8.95 -67.57
N ALA A 152 -36.44 7.70 -67.44
CA ALA A 152 -35.64 7.05 -68.47
C ALA A 152 -36.54 6.55 -69.60
N GLN A 153 -36.36 7.12 -70.79
CA GLN A 153 -37.08 6.68 -71.98
C GLN A 153 -36.17 5.77 -72.79
N VAL A 154 -36.07 4.51 -72.35
CA VAL A 154 -35.22 3.53 -72.99
C VAL A 154 -35.98 2.96 -74.18
N ALA A 155 -35.50 3.25 -75.38
CA ALA A 155 -36.13 2.78 -76.62
C ALA A 155 -35.09 2.06 -77.47
N ASN A 156 -35.33 0.78 -77.73
CA ASN A 156 -34.46 -0.05 -78.57
C ASN A 156 -33.01 -0.04 -78.06
N GLY A 157 -32.87 -0.22 -76.76
CA GLY A 157 -31.55 -0.20 -76.13
C GLY A 157 -31.09 1.18 -75.74
N LYS A 158 -31.10 2.12 -76.67
CA LYS A 158 -30.78 3.50 -76.36
C LYS A 158 -31.84 4.12 -75.45
N MET A 159 -31.41 5.04 -74.61
CA MET A 159 -32.29 5.68 -73.65
C MET A 159 -32.16 7.19 -73.76
N ALA A 160 -33.26 7.89 -73.51
CA ALA A 160 -33.27 9.34 -73.47
C ALA A 160 -32.97 9.88 -72.09
N LEU A 161 -33.40 9.16 -71.04
CA LEU A 161 -33.17 9.54 -69.65
C LEU A 161 -33.60 10.98 -69.39
N SER A 162 -34.86 11.26 -69.68
CA SER A 162 -35.41 12.59 -69.45
C SER A 162 -35.32 12.94 -67.97
N PHE A 163 -34.78 14.12 -67.68
CA PHE A 163 -34.54 14.57 -66.32
C PHE A 163 -35.46 15.77 -66.07
N GLU A 164 -36.69 15.48 -65.65
CA GLU A 164 -37.66 16.53 -65.37
C GLU A 164 -37.31 17.17 -64.04
N VAL A 165 -36.92 18.44 -64.07
CA VAL A 165 -36.39 19.12 -62.90
C VAL A 165 -37.36 20.23 -62.48
N VAL A 166 -37.25 20.61 -61.22
CA VAL A 166 -37.98 21.74 -60.67
C VAL A 166 -36.95 22.78 -60.23
N GLU A 167 -37.15 24.02 -60.67
CA GLU A 167 -36.16 25.07 -60.47
C GLU A 167 -36.56 25.95 -59.29
N ASN A 168 -35.58 26.28 -58.46
CA ASN A 168 -35.81 27.12 -57.30
C ASN A 168 -36.00 28.57 -57.74
N PRO A 169 -37.14 29.19 -57.46
CA PRO A 169 -37.24 30.64 -57.68
C PRO A 169 -36.35 31.39 -56.71
N ILE A 170 -35.86 32.54 -57.16
CA ILE A 170 -35.06 33.38 -56.27
C ILE A 170 -35.91 33.86 -55.11
N VAL A 171 -35.30 34.00 -53.95
CA VAL A 171 -36.03 34.40 -52.76
C VAL A 171 -36.30 35.90 -52.80
N LYS A 172 -37.56 36.26 -52.61
CA LYS A 172 -37.97 37.66 -52.63
C LYS A 172 -37.80 38.33 -51.28
N SER A 173 -38.03 37.60 -50.20
CA SER A 173 -37.86 38.14 -48.86
C SER A 173 -37.56 37.00 -47.90
N VAL A 174 -36.89 37.34 -46.81
CA VAL A 174 -36.52 36.39 -45.76
C VAL A 174 -37.13 36.89 -44.46
N ILE A 175 -37.99 36.08 -43.85
CA ILE A 175 -38.74 36.48 -42.67
C ILE A 175 -38.38 35.56 -41.52
N ILE A 176 -37.93 36.14 -40.41
CA ILE A 176 -37.61 35.40 -39.20
C ILE A 176 -38.69 35.67 -38.17
N THR A 177 -39.22 34.61 -37.59
CA THR A 177 -40.26 34.71 -36.57
C THR A 177 -39.80 34.02 -35.29
N GLY A 178 -40.05 34.64 -34.15
CA GLY A 178 -39.81 33.99 -32.89
C GLY A 178 -38.37 33.89 -32.47
N ASN A 179 -37.48 34.74 -32.99
CA ASN A 179 -36.11 34.72 -32.52
C ASN A 179 -36.01 35.26 -31.09
N ASN A 180 -36.51 36.48 -30.86
CA ASN A 180 -36.77 37.02 -29.53
C ASN A 180 -35.53 37.17 -28.66
N THR A 181 -34.36 36.77 -29.15
CA THR A 181 -33.11 36.99 -28.43
C THR A 181 -32.09 37.74 -29.27
N ILE A 182 -31.87 37.30 -30.50
CA ILE A 182 -30.90 37.92 -31.40
C ILE A 182 -31.67 38.82 -32.36
N PRO A 183 -31.27 40.08 -32.51
CA PRO A 183 -31.98 40.96 -33.44
C PRO A 183 -31.97 40.42 -34.86
N THR A 184 -33.10 40.61 -35.56
CA THR A 184 -33.26 40.04 -36.88
C THR A 184 -32.25 40.58 -37.87
N SER A 185 -31.77 41.81 -37.65
CA SER A 185 -30.78 42.37 -38.58
C SER A 185 -29.50 41.56 -38.58
N THR A 186 -29.03 41.16 -37.39
CA THR A 186 -27.83 40.32 -37.32
C THR A 186 -28.08 38.96 -37.97
N ILE A 187 -29.27 38.41 -37.78
CA ILE A 187 -29.60 37.11 -38.37
C ILE A 187 -29.54 37.20 -39.89
N MET A 188 -30.14 38.26 -40.45
CA MET A 188 -30.09 38.46 -41.89
C MET A 188 -28.67 38.68 -42.37
N SER A 189 -27.88 39.43 -41.60
CA SER A 189 -26.49 39.68 -41.98
C SER A 189 -25.70 38.37 -42.02
N GLU A 190 -25.98 37.46 -41.09
CA GLU A 190 -25.33 36.16 -41.13
C GLU A 190 -25.80 35.33 -42.32
N LEU A 191 -27.03 35.56 -42.78
CA LEU A 191 -27.61 34.74 -43.84
C LEU A 191 -26.78 34.83 -45.12
N THR A 192 -26.59 33.69 -45.77
CA THR A 192 -25.82 33.64 -47.01
C THR A 192 -26.73 33.75 -48.23
N THR A 193 -27.83 33.00 -48.25
CA THR A 193 -28.78 33.04 -49.36
C THR A 193 -29.64 34.29 -49.22
N LYS A 194 -29.08 35.41 -49.66
CA LYS A 194 -29.72 36.71 -49.54
C LYS A 194 -30.84 36.86 -50.57
N PRO A 195 -31.78 37.76 -50.32
CA PRO A 195 -32.80 38.05 -51.33
C PRO A 195 -32.16 38.54 -52.63
N GLY A 196 -32.74 38.13 -53.75
CA GLY A 196 -32.19 38.42 -55.05
C GLY A 196 -31.35 37.31 -55.64
N SER A 197 -30.89 36.37 -54.83
CA SER A 197 -30.19 35.20 -55.31
C SER A 197 -31.14 34.01 -55.35
N VAL A 198 -30.80 33.04 -56.20
CA VAL A 198 -31.64 31.85 -56.35
C VAL A 198 -31.71 31.10 -55.03
N GLN A 199 -32.88 30.56 -54.72
CA GLN A 199 -33.03 29.69 -53.57
C GLN A 199 -32.11 28.49 -53.70
N ASN A 200 -31.46 28.12 -52.60
CA ASN A 200 -30.39 27.12 -52.64
C ASN A 200 -30.60 26.13 -51.49
N TYR A 201 -30.96 24.89 -51.82
CA TYR A 201 -31.35 23.93 -50.80
C TYR A 201 -30.21 23.63 -49.84
N ASN A 202 -29.04 23.24 -50.37
CA ASN A 202 -27.95 22.88 -49.48
C ASN A 202 -27.33 24.11 -48.83
N ASN A 203 -27.28 25.23 -49.56
CA ASN A 203 -26.88 26.47 -48.93
C ASN A 203 -27.88 26.87 -47.84
N LEU A 204 -29.16 26.56 -48.04
CA LEU A 204 -30.14 26.77 -46.98
C LEU A 204 -29.81 25.91 -45.77
N ARG A 205 -29.45 24.65 -46.02
CA ARG A 205 -29.13 23.74 -44.92
C ARG A 205 -27.92 24.23 -44.14
N GLU A 206 -26.86 24.62 -44.85
CA GLU A 206 -25.67 25.13 -44.18
C GLU A 206 -25.92 26.48 -43.52
N ASP A 207 -26.81 27.29 -44.09
CA ASP A 207 -27.18 28.54 -43.47
C ASP A 207 -27.91 28.30 -42.15
N ARG A 208 -28.80 27.33 -42.12
CA ARG A 208 -29.44 26.95 -40.87
C ARG A 208 -28.44 26.38 -39.87
N ASP A 209 -27.49 25.58 -40.34
CA ASP A 209 -26.44 25.11 -39.44
C ASP A 209 -25.65 26.27 -38.86
N LYS A 210 -25.35 27.27 -39.68
CA LYS A 210 -24.61 28.43 -39.18
C LYS A 210 -25.47 29.27 -38.23
N ILE A 211 -26.77 29.36 -38.47
CA ILE A 211 -27.65 30.06 -37.54
C ILE A 211 -27.64 29.37 -36.19
N LEU A 212 -27.74 28.04 -36.20
CA LEU A 212 -27.65 27.28 -34.96
C LEU A 212 -26.30 27.49 -34.29
N GLY A 213 -25.22 27.51 -35.07
CA GLY A 213 -23.91 27.75 -34.49
C GLY A 213 -23.78 29.12 -33.87
N LEU A 214 -24.36 30.14 -34.51
CA LEU A 214 -24.34 31.49 -33.94
C LEU A 214 -25.11 31.53 -32.64
N TYR A 215 -26.26 30.88 -32.59
CA TYR A 215 -27.02 30.81 -31.34
C TYR A 215 -26.23 30.08 -30.27
N GLN A 216 -25.50 29.03 -30.67
CA GLN A 216 -24.63 28.32 -29.72
C GLN A 216 -23.55 29.25 -29.18
N ALA A 217 -22.93 30.04 -30.06
CA ALA A 217 -21.87 30.95 -29.64
C ALA A 217 -22.39 32.01 -28.69
N GLN A 218 -23.57 32.54 -28.95
CA GLN A 218 -24.07 33.59 -28.08
C GLN A 218 -24.54 33.08 -26.72
N GLY A 219 -24.37 31.81 -26.38
CA GLY A 219 -24.74 31.32 -25.07
C GLY A 219 -26.05 30.55 -24.99
N TYR A 220 -26.64 30.17 -26.11
CA TYR A 220 -27.90 29.43 -26.13
C TYR A 220 -27.66 28.15 -26.93
N THR A 221 -27.54 27.03 -26.23
CA THR A 221 -27.24 25.76 -26.86
C THR A 221 -28.46 24.86 -27.02
N LEU A 222 -29.66 25.39 -26.80
CA LEU A 222 -30.89 24.59 -26.81
C LEU A 222 -31.93 25.24 -27.70
N VAL A 223 -31.54 25.58 -28.92
CA VAL A 223 -32.45 26.20 -29.88
C VAL A 223 -32.52 25.33 -31.12
N ASN A 224 -33.73 25.00 -31.55
CA ASN A 224 -33.98 24.27 -32.77
C ASN A 224 -34.53 25.21 -33.83
N ILE A 225 -34.86 24.65 -34.99
CA ILE A 225 -35.24 25.47 -36.15
C ILE A 225 -36.68 25.23 -36.56
N THR A 226 -37.16 23.99 -36.45
CA THR A 226 -38.54 23.64 -36.75
C THR A 226 -38.85 23.80 -38.23
N ASP A 227 -39.07 25.03 -38.68
CA ASP A 227 -39.47 25.30 -40.06
C ASP A 227 -38.39 26.09 -40.78
N MET A 228 -38.12 25.70 -42.02
CA MET A 228 -37.14 26.40 -42.86
C MET A 228 -37.68 26.56 -44.27
N SER A 229 -38.99 26.78 -44.40
CA SER A 229 -39.67 26.66 -45.69
C SER A 229 -39.62 27.95 -46.50
N THR A 230 -40.05 27.83 -47.75
CA THR A 230 -40.25 28.94 -48.66
C THR A 230 -41.49 28.68 -49.49
N ASP A 231 -42.44 29.61 -49.47
CA ASP A 231 -43.67 29.44 -50.23
C ASP A 231 -43.41 29.67 -51.72
N GLU A 232 -44.48 29.62 -52.51
CA GLU A 232 -44.36 29.80 -53.95
C GLU A 232 -43.94 31.22 -54.31
N ASN A 233 -44.30 32.20 -53.49
CA ASN A 233 -43.97 33.59 -53.75
C ASN A 233 -42.52 33.94 -53.44
N GLY A 234 -41.67 32.94 -53.21
CA GLY A 234 -40.28 33.20 -52.90
C GLY A 234 -40.07 33.88 -51.57
N THR A 235 -40.92 33.57 -50.58
CA THR A 235 -40.81 34.12 -49.24
C THR A 235 -40.24 33.04 -48.33
N LEU A 236 -38.98 33.21 -47.94
CA LEU A 236 -38.32 32.26 -47.07
C LEU A 236 -38.89 32.36 -45.66
N HIS A 237 -39.91 31.56 -45.36
CA HIS A 237 -40.55 31.68 -44.06
C HIS A 237 -39.69 31.03 -42.98
N ILE A 238 -38.67 31.75 -42.52
CA ILE A 238 -37.75 31.19 -41.54
C ILE A 238 -38.41 31.21 -40.17
N SER A 239 -38.35 30.09 -39.46
CA SER A 239 -38.87 29.99 -38.10
C SER A 239 -37.77 29.54 -37.18
N ILE A 240 -37.74 30.11 -35.97
CA ILE A 240 -36.79 29.71 -34.93
C ILE A 240 -37.53 29.67 -33.61
N VAL A 241 -37.36 28.57 -32.88
CA VAL A 241 -37.99 28.39 -31.57
C VAL A 241 -36.88 28.43 -30.53
N GLU A 242 -37.07 29.27 -29.51
CA GLU A 242 -36.01 29.48 -28.51
C GLU A 242 -35.87 28.27 -27.60
N GLY A 243 -36.91 27.97 -26.83
CA GLY A 243 -36.81 26.92 -25.85
C GLY A 243 -36.56 27.48 -24.47
N ILE A 244 -37.61 27.58 -23.67
CA ILE A 244 -37.56 28.23 -22.36
C ILE A 244 -37.87 27.18 -21.30
N VAL A 245 -36.97 27.06 -20.31
CA VAL A 245 -37.12 26.04 -19.29
C VAL A 245 -38.39 26.30 -18.49
N ARG A 246 -39.37 25.42 -18.61
CA ARG A 246 -40.61 25.55 -17.86
C ARG A 246 -40.54 24.82 -16.52
N ARG A 247 -39.84 23.70 -16.47
CA ARG A 247 -39.75 22.92 -15.24
C ARG A 247 -38.48 22.09 -15.27
N ILE A 248 -37.69 22.17 -14.21
CA ILE A 248 -36.43 21.46 -14.12
C ILE A 248 -36.56 20.41 -13.02
N GLU A 249 -36.41 19.15 -13.39
CA GLU A 249 -36.52 18.03 -12.47
C GLU A 249 -35.16 17.40 -12.27
N VAL A 250 -34.98 16.76 -11.12
CA VAL A 250 -33.71 16.14 -10.76
C VAL A 250 -33.97 14.68 -10.42
N LYS A 251 -33.35 13.78 -11.17
CA LYS A 251 -33.36 12.36 -10.87
C LYS A 251 -31.98 11.78 -11.13
N LYS A 252 -31.65 10.71 -10.42
CA LYS A 252 -30.29 10.19 -10.48
C LYS A 252 -30.00 9.61 -11.85
N MET A 253 -28.74 9.70 -12.25
CA MET A 253 -28.31 9.20 -13.55
C MET A 253 -28.24 7.67 -13.49
N VAL A 254 -29.15 7.01 -14.19
CA VAL A 254 -29.17 5.55 -14.22
C VAL A 254 -28.23 5.08 -15.34
N THR A 255 -26.97 4.86 -14.98
CA THR A 255 -25.98 4.36 -15.92
C THR A 255 -26.00 2.83 -15.92
N LYS A 256 -24.94 2.22 -16.45
CA LYS A 256 -24.83 0.77 -16.50
C LYS A 256 -24.50 0.28 -15.10
N GLN A 257 -25.53 0.21 -14.26
CA GLN A 257 -25.39 -0.25 -12.88
C GLN A 257 -25.44 -1.77 -12.89
N LYS A 258 -24.28 -2.38 -13.15
CA LYS A 258 -24.20 -3.83 -13.23
C LYS A 258 -24.56 -4.47 -11.89
N GLY A 259 -25.41 -5.49 -11.93
CA GLY A 259 -25.85 -6.17 -10.74
C GLY A 259 -26.99 -5.50 -10.00
N ASN A 260 -27.49 -4.37 -10.49
CA ASN A 260 -28.57 -3.64 -9.85
C ASN A 260 -29.63 -3.27 -10.88
N ARG A 261 -30.89 -3.34 -10.47
CA ARG A 261 -32.00 -2.99 -11.33
C ARG A 261 -32.51 -1.59 -10.97
N ARG A 262 -33.61 -1.18 -11.60
CA ARG A 262 -34.20 0.13 -11.36
C ARG A 262 -35.24 0.05 -10.22
N THR A 263 -34.78 -0.47 -9.09
CA THR A 263 -35.63 -0.58 -7.92
C THR A 263 -35.93 0.82 -7.35
N PRO A 264 -37.07 0.98 -6.66
CA PRO A 264 -37.39 2.30 -6.09
C PRO A 264 -36.33 2.83 -5.14
N ASN A 265 -35.61 1.95 -4.44
CA ASN A 265 -34.53 2.41 -3.58
C ASN A 265 -33.30 2.79 -4.40
N ASP A 266 -33.08 2.15 -5.54
CA ASP A 266 -31.89 2.43 -6.34
C ASP A 266 -31.98 3.81 -7.00
N ASP A 267 -33.09 4.11 -7.66
CA ASP A 267 -33.20 5.35 -8.41
C ASP A 267 -33.42 6.57 -7.52
N VAL A 268 -33.95 6.37 -6.32
CA VAL A 268 -34.14 7.50 -5.42
C VAL A 268 -32.77 7.97 -4.92
N LEU A 269 -32.67 9.27 -4.65
CA LEU A 269 -31.43 9.88 -4.19
C LEU A 269 -31.49 10.05 -2.68
N LYS A 270 -30.47 9.54 -1.99
CA LYS A 270 -30.42 9.70 -0.54
C LYS A 270 -30.33 11.17 -0.15
N THR A 271 -29.59 11.97 -0.92
CA THR A 271 -29.52 13.39 -0.65
C THR A 271 -30.89 14.03 -0.78
N LYS A 272 -31.21 14.91 0.16
CA LYS A 272 -32.53 15.52 0.18
C LYS A 272 -32.70 16.46 -1.00
N ASP A 273 -33.96 16.77 -1.31
CA ASP A 273 -34.26 17.60 -2.47
C ASP A 273 -33.76 19.03 -2.30
N TYR A 274 -33.85 19.59 -1.09
CA TYR A 274 -33.48 20.98 -0.89
C TYR A 274 -32.01 21.21 -1.16
N VAL A 275 -31.16 20.23 -0.88
CA VAL A 275 -29.72 20.38 -1.11
C VAL A 275 -29.45 20.63 -2.59
N ILE A 276 -30.09 19.85 -3.46
CA ILE A 276 -29.93 20.06 -4.90
C ILE A 276 -30.62 21.34 -5.33
N ASP A 277 -31.79 21.63 -4.77
CA ASP A 277 -32.56 22.79 -5.20
C ASP A 277 -31.79 24.09 -4.95
N ARG A 278 -31.16 24.21 -3.77
CA ARG A 278 -30.43 25.42 -3.44
C ARG A 278 -29.18 25.61 -4.28
N GLU A 279 -28.76 24.59 -5.03
CA GLU A 279 -27.55 24.66 -5.83
C GLU A 279 -27.80 24.96 -7.30
N ILE A 280 -29.01 24.72 -7.80
CA ILE A 280 -29.27 24.89 -9.22
C ILE A 280 -29.31 26.37 -9.57
N GLU A 281 -28.55 26.75 -10.61
CA GLU A 281 -28.53 28.13 -11.06
C GLU A 281 -29.47 28.41 -12.23
N ILE A 282 -29.84 27.37 -12.99
CA ILE A 282 -30.76 27.57 -14.11
C ILE A 282 -32.13 27.96 -13.57
N GLN A 283 -32.73 28.99 -14.17
CA GLN A 283 -34.00 29.47 -13.68
C GLN A 283 -35.06 29.42 -14.77
N PRO A 284 -36.31 29.11 -14.42
CA PRO A 284 -37.38 29.13 -15.42
C PRO A 284 -37.60 30.53 -15.95
N GLY A 285 -38.08 30.61 -17.19
CA GLY A 285 -38.27 31.88 -17.85
C GLY A 285 -37.06 32.39 -18.62
N LYS A 286 -35.95 31.67 -18.59
CA LYS A 286 -34.73 32.06 -19.28
C LYS A 286 -34.41 31.02 -20.34
N ILE A 287 -33.76 31.46 -21.42
CA ILE A 287 -33.49 30.56 -22.56
C ILE A 287 -32.15 29.90 -22.27
N PHE A 288 -32.18 28.92 -21.36
CA PHE A 288 -31.13 27.93 -21.15
C PHE A 288 -29.71 28.42 -21.41
N ASN A 289 -29.29 29.49 -20.72
CA ASN A 289 -27.93 29.97 -20.94
C ASN A 289 -26.94 28.91 -20.48
N VAL A 290 -26.18 28.34 -21.41
CA VAL A 290 -25.30 27.22 -21.10
C VAL A 290 -24.29 27.59 -20.04
N LYS A 291 -23.97 28.88 -19.89
CA LYS A 291 -23.10 29.30 -18.80
C LYS A 291 -23.74 29.03 -17.45
N GLU A 292 -25.06 29.24 -17.35
CA GLU A 292 -25.75 28.91 -16.11
C GLU A 292 -25.66 27.43 -15.80
N TYR A 293 -25.83 26.58 -16.82
CA TYR A 293 -25.70 25.15 -16.60
C TYR A 293 -24.28 24.79 -16.20
N ASP A 294 -23.28 25.44 -16.79
CA ASP A 294 -21.91 25.18 -16.40
C ASP A 294 -21.66 25.55 -14.95
N ALA A 295 -22.22 26.69 -14.52
CA ALA A 295 -22.09 27.08 -13.13
C ALA A 295 -22.77 26.07 -12.21
N THR A 296 -23.95 25.58 -12.61
CA THR A 296 -24.64 24.60 -11.79
C THR A 296 -23.82 23.31 -11.66
N VAL A 297 -23.28 22.83 -12.77
CA VAL A 297 -22.51 21.59 -12.70
C VAL A 297 -21.22 21.81 -11.92
N ASP A 298 -20.62 23.00 -12.02
CA ASP A 298 -19.43 23.29 -11.22
C ASP A 298 -19.75 23.27 -9.74
N ASN A 299 -20.86 23.88 -9.35
CA ASN A 299 -21.26 23.86 -7.94
C ASN A 299 -21.53 22.44 -7.47
N LEU A 300 -22.23 21.65 -8.29
CA LEU A 300 -22.54 20.28 -7.89
C LEU A 300 -21.27 19.45 -7.74
N MET A 301 -20.31 19.62 -8.65
CA MET A 301 -19.04 18.93 -8.51
C MET A 301 -18.31 19.38 -7.26
N ARG A 302 -18.30 20.68 -6.99
CA ARG A 302 -17.64 21.18 -5.79
C ARG A 302 -18.31 20.69 -4.52
N LEU A 303 -19.58 20.28 -4.61
CA LEU A 303 -20.23 19.71 -3.44
C LEU A 303 -19.52 18.45 -2.97
N GLY A 304 -18.97 17.67 -3.90
CA GLY A 304 -18.09 16.58 -3.55
C GLY A 304 -18.73 15.20 -3.52
N ILE A 305 -20.04 15.16 -3.26
CA ILE A 305 -20.74 13.89 -3.07
C ILE A 305 -21.22 13.34 -4.41
N PHE A 306 -20.81 13.98 -5.50
CA PHE A 306 -21.22 13.57 -6.83
C PHE A 306 -19.99 13.38 -7.71
N LYS A 307 -20.14 12.55 -8.74
CA LYS A 307 -19.06 12.25 -9.66
C LYS A 307 -19.31 12.70 -11.09
N ASN A 308 -20.57 12.69 -11.54
CA ASN A 308 -20.87 13.15 -12.89
C ASN A 308 -22.31 13.64 -12.95
N VAL A 309 -22.53 14.68 -13.75
CA VAL A 309 -23.85 15.28 -13.93
C VAL A 309 -24.06 15.57 -15.40
N LYS A 310 -25.21 15.18 -15.92
CA LYS A 310 -25.56 15.42 -17.32
C LYS A 310 -26.98 15.95 -17.40
N TYR A 311 -27.24 16.73 -18.44
CA TYR A 311 -28.55 17.33 -18.66
C TYR A 311 -29.24 16.64 -19.83
N GLU A 312 -30.56 16.80 -19.89
CA GLU A 312 -31.37 16.13 -20.88
C GLU A 312 -32.62 16.97 -21.13
N ALA A 313 -32.88 17.28 -22.39
CA ALA A 313 -34.00 18.13 -22.76
C ALA A 313 -35.15 17.27 -23.26
N ARG A 314 -36.32 17.43 -22.64
CA ARG A 314 -37.50 16.64 -23.01
C ARG A 314 -38.65 17.59 -23.29
N SER A 315 -39.33 17.38 -24.41
CA SER A 315 -40.41 18.26 -24.81
C SER A 315 -41.65 18.06 -23.95
N ILE A 316 -42.39 19.14 -23.77
CA ILE A 316 -43.68 19.12 -23.08
C ILE A 316 -44.77 19.22 -24.14
N PRO A 317 -45.63 18.22 -24.29
CA PRO A 317 -46.64 18.26 -25.35
C PRO A 317 -47.54 19.48 -25.22
N GLY A 318 -47.87 20.06 -26.36
CA GLY A 318 -48.72 21.25 -26.40
C GLY A 318 -47.99 22.55 -26.23
N ASP A 319 -46.73 22.53 -25.79
CA ASP A 319 -45.92 23.74 -25.62
C ASP A 319 -44.68 23.64 -26.49
N PRO A 320 -44.64 24.34 -27.62
CA PRO A 320 -43.45 24.26 -28.49
C PRO A 320 -42.19 24.73 -27.81
N GLU A 321 -42.20 25.97 -27.31
CA GLU A 321 -41.02 26.50 -26.64
C GLU A 321 -40.73 25.81 -25.32
N GLY A 322 -41.72 25.13 -24.74
CA GLY A 322 -41.52 24.47 -23.47
C GLY A 322 -40.46 23.38 -23.53
N ILE A 323 -39.57 23.35 -22.55
CA ILE A 323 -38.59 22.29 -22.42
C ILE A 323 -38.60 21.81 -20.98
N ASP A 324 -38.78 20.49 -20.79
CA ASP A 324 -38.80 19.89 -19.46
C ASP A 324 -37.41 19.35 -19.16
N LEU A 325 -36.47 20.27 -18.95
CA LEU A 325 -35.10 19.89 -18.68
C LEU A 325 -35.02 19.01 -17.45
N ILE A 326 -34.30 17.89 -17.57
CA ILE A 326 -34.15 16.92 -16.49
C ILE A 326 -32.68 16.68 -16.25
N LEU A 327 -32.25 16.79 -15.00
CA LEU A 327 -30.85 16.68 -14.63
C LEU A 327 -30.53 15.25 -14.21
N LEU A 328 -29.37 14.77 -14.65
CA LEU A 328 -28.89 13.46 -14.26
C LEU A 328 -27.77 13.61 -13.23
N ILE A 329 -27.83 12.81 -12.17
CA ILE A 329 -26.91 12.93 -11.05
C ILE A 329 -26.37 11.56 -10.69
N ASP A 330 -25.08 11.50 -10.40
CA ASP A 330 -24.41 10.27 -10.00
C ASP A 330 -23.93 10.38 -8.57
N GLU A 331 -24.23 9.37 -7.76
CA GLU A 331 -23.81 9.31 -6.36
C GLU A 331 -22.58 8.42 -6.23
N ASP A 332 -21.60 8.89 -5.46
CA ASP A 332 -20.33 8.18 -5.37
C ASP A 332 -20.27 7.23 -4.18
N ARG A 333 -20.36 7.77 -2.96
CA ARG A 333 -20.27 6.95 -1.75
C ARG A 333 -20.70 7.79 -0.57
N THR A 334 -21.59 7.24 0.26
CA THR A 334 -22.07 7.96 1.44
C THR A 334 -21.46 7.41 2.72
N ALA A 335 -21.49 6.10 2.91
CA ALA A 335 -21.02 5.45 4.13
C ALA A 335 -19.73 4.70 3.85
N GLU A 336 -18.80 4.75 4.80
CA GLU A 336 -17.53 4.06 4.69
C GLU A 336 -17.12 3.56 6.06
N LEU A 337 -16.44 2.41 6.08
CA LEU A 337 -15.91 1.87 7.33
C LEU A 337 -14.65 1.07 6.97
N GLN A 338 -13.50 1.74 7.08
CA GLN A 338 -12.22 1.13 6.76
C GLN A 338 -11.39 1.00 8.03
N GLY A 339 -10.77 -0.16 8.20
CA GLY A 339 -9.97 -0.41 9.39
C GLY A 339 -8.90 -1.44 9.12
N GLY A 340 -7.77 -1.28 9.80
CA GLY A 340 -6.66 -2.20 9.66
C GLY A 340 -5.95 -2.43 10.98
N VAL A 341 -5.76 -3.69 11.36
CA VAL A 341 -5.26 -4.04 12.68
C VAL A 341 -4.03 -4.92 12.52
N ALA A 342 -2.95 -4.55 13.21
CA ALA A 342 -1.76 -5.39 13.32
C ALA A 342 -1.47 -5.58 14.80
N TYR A 343 -1.12 -6.80 15.19
CA TYR A 343 -1.00 -7.13 16.60
C TYR A 343 -0.06 -8.32 16.76
N GLY A 344 0.30 -8.59 18.01
CA GLY A 344 1.07 -9.79 18.32
C GLY A 344 2.56 -9.52 18.47
N SER A 345 3.01 -9.40 19.72
CA SER A 345 4.41 -9.10 20.04
C SER A 345 4.86 -7.81 19.38
N GLU A 346 6.16 -7.51 19.47
CA GLU A 346 6.72 -6.29 18.89
C GLU A 346 5.95 -5.05 19.34
N THR A 347 5.05 -4.58 18.49
CA THR A 347 4.23 -3.41 18.77
C THR A 347 2.91 -3.84 19.41
N GLY A 348 1.96 -2.91 19.50
CA GLY A 348 0.68 -3.22 20.06
C GLY A 348 -0.44 -3.26 19.04
N PHE A 349 -1.65 -2.95 19.48
CA PHE A 349 -2.84 -2.97 18.63
C PHE A 349 -2.72 -1.76 17.73
N LEU A 350 -2.14 -1.96 16.55
CA LEU A 350 -1.86 -0.87 15.62
C LEU A 350 -3.08 -0.68 14.72
N GLY A 351 -4.18 -0.27 15.34
CA GLY A 351 -5.47 -0.21 14.67
C GLY A 351 -5.73 1.18 14.14
N THR A 352 -6.21 1.24 12.90
CA THR A 352 -6.58 2.50 12.24
C THR A 352 -7.95 2.28 11.59
N LEU A 353 -9.01 2.52 12.35
CA LEU A 353 -10.35 2.32 11.84
C LEU A 353 -11.09 3.65 11.74
N SER A 354 -12.01 3.73 10.79
CA SER A 354 -12.77 4.94 10.55
C SER A 354 -14.24 4.60 10.33
N LEU A 355 -15.09 5.58 10.56
CA LEU A 355 -16.53 5.47 10.32
C LEU A 355 -17.02 6.73 9.61
N LYS A 356 -16.30 7.11 8.55
CA LYS A 356 -16.63 8.33 7.83
C LYS A 356 -17.96 8.18 7.09
N ASP A 357 -18.84 9.15 7.29
CA ASP A 357 -20.16 9.17 6.65
C ASP A 357 -20.37 10.58 6.11
N SER A 358 -19.97 10.81 4.85
CA SER A 358 -19.95 12.18 4.35
C SER A 358 -21.22 12.51 3.60
N ASN A 359 -22.29 11.79 3.92
CA ASN A 359 -23.62 12.19 3.49
C ASN A 359 -24.63 11.84 4.57
N TRP A 360 -24.20 11.89 5.83
CA TRP A 360 -25.00 11.37 6.94
C TRP A 360 -26.37 12.02 6.97
N ARG A 361 -27.40 11.20 7.15
CA ARG A 361 -28.80 11.63 7.19
C ARG A 361 -29.26 12.25 5.89
N GLY A 362 -28.42 12.23 4.85
CA GLY A 362 -28.81 12.77 3.56
C GLY A 362 -28.87 14.28 3.49
N LYS A 363 -28.32 14.99 4.47
CA LYS A 363 -28.35 16.44 4.51
C LYS A 363 -27.00 17.05 4.16
N ASN A 364 -26.14 16.31 3.48
CA ASN A 364 -24.77 16.70 3.14
C ASN A 364 -23.89 16.85 4.38
N GLN A 365 -24.43 16.64 5.57
CA GLN A 365 -23.64 16.77 6.78
C GLN A 365 -22.58 15.68 6.86
N GLN A 366 -21.36 16.08 7.20
CA GLN A 366 -20.25 15.14 7.34
C GLN A 366 -20.21 14.66 8.79
N PHE A 367 -20.29 13.35 8.97
CA PHE A 367 -20.30 12.74 10.29
C PHE A 367 -19.36 11.54 10.28
N GLY A 368 -18.45 11.48 11.25
CA GLY A 368 -17.46 10.42 11.24
C GLY A 368 -16.87 10.20 12.61
N PHE A 369 -16.50 8.95 12.87
CA PHE A 369 -15.77 8.55 14.07
C PHE A 369 -14.44 7.98 13.60
N THR A 370 -13.34 8.50 14.12
CA THR A 370 -12.02 8.03 13.75
C THR A 370 -11.28 7.57 15.01
N PHE A 371 -10.76 6.36 14.96
CA PHE A 371 -9.93 5.80 16.02
C PHE A 371 -8.59 5.41 15.45
N GLU A 372 -7.51 5.81 16.12
CA GLU A 372 -6.17 5.45 15.71
C GLU A 372 -5.38 4.97 16.93
N LYS A 373 -4.50 4.01 16.70
CA LYS A 373 -3.55 3.58 17.71
C LYS A 373 -2.25 3.21 17.02
N SER A 374 -1.13 3.50 17.66
CA SER A 374 0.18 3.18 17.12
C SER A 374 1.07 2.63 18.23
N ASN A 375 2.30 2.26 17.84
CA ASN A 375 3.24 1.71 18.80
C ASN A 375 3.76 2.78 19.74
N LYS A 376 3.91 4.02 19.27
CA LYS A 376 4.47 5.09 20.08
C LYS A 376 3.39 5.68 20.97
N ASN A 377 2.68 4.80 21.70
CA ASN A 377 1.67 5.19 22.69
C ASN A 377 0.75 6.28 22.18
N TYR A 378 0.31 6.16 20.94
CA TYR A 378 -0.65 7.09 20.35
C TYR A 378 -2.05 6.53 20.48
N THR A 379 -3.00 7.40 20.81
CA THR A 379 -4.41 7.04 20.82
C THR A 379 -5.20 8.24 20.31
N GLY A 380 -6.09 8.00 19.35
CA GLY A 380 -6.83 9.08 18.77
C GLY A 380 -8.32 8.84 18.70
N PHE A 381 -9.11 9.86 19.06
CA PHE A 381 -10.54 9.83 18.90
C PHE A 381 -10.98 11.09 18.17
N ALA A 382 -12.05 10.98 17.40
CA ALA A 382 -12.58 12.15 16.69
C ALA A 382 -14.02 11.87 16.29
N LEU A 383 -14.96 12.59 16.90
CA LEU A 383 -16.35 12.54 16.50
C LEU A 383 -16.66 13.87 15.83
N ASP A 384 -16.35 13.95 14.54
CA ASP A 384 -16.44 15.20 13.79
C ASP A 384 -17.79 15.31 13.13
N PHE A 385 -18.46 16.44 13.35
CA PHE A 385 -19.70 16.76 12.68
C PHE A 385 -19.56 18.14 12.03
N TYR A 386 -20.03 18.26 10.80
CA TYR A 386 -19.88 19.51 10.07
C TYR A 386 -21.04 19.66 9.10
N ASP A 387 -21.72 20.80 9.17
CA ASP A 387 -22.79 21.14 8.24
C ASP A 387 -22.40 22.36 7.44
N PRO A 388 -21.99 22.21 6.19
CA PRO A 388 -21.62 23.38 5.38
C PRO A 388 -22.78 24.30 5.10
N TRP A 389 -24.02 23.85 5.27
CA TRP A 389 -25.17 24.71 5.03
C TRP A 389 -26.37 24.16 5.80
N ILE A 390 -26.86 24.92 6.76
CA ILE A 390 -28.02 24.50 7.53
C ILE A 390 -29.26 24.53 6.65
N LYS A 391 -30.14 23.56 6.85
CA LYS A 391 -31.40 23.47 6.11
C LYS A 391 -32.13 24.81 6.07
N ASP A 392 -32.29 25.34 4.86
CA ASP A 392 -33.06 26.56 4.63
C ASP A 392 -32.53 27.73 5.46
N THR A 393 -31.28 28.10 5.16
CA THR A 393 -30.63 29.20 5.83
C THR A 393 -29.81 30.00 4.82
N ASP A 394 -29.28 31.13 5.28
CA ASP A 394 -28.53 32.04 4.41
C ASP A 394 -27.03 31.74 4.48
N ARG A 395 -26.68 30.51 4.11
CA ARG A 395 -25.29 30.08 4.00
C ARG A 395 -24.54 30.26 5.32
N VAL A 396 -25.02 29.55 6.34
CA VAL A 396 -24.40 29.57 7.66
C VAL A 396 -23.95 28.16 8.00
N SER A 397 -22.65 28.00 8.25
CA SER A 397 -22.11 26.69 8.58
C SER A 397 -22.35 26.37 10.05
N TRP A 398 -22.09 25.11 10.39
CA TRP A 398 -22.22 24.65 11.76
C TRP A 398 -21.52 23.31 11.89
N GLY A 399 -21.10 22.99 13.10
CA GLY A 399 -20.52 21.70 13.36
C GLY A 399 -19.74 21.69 14.66
N TRP A 400 -19.48 20.49 15.14
CA TRP A 400 -18.71 20.30 16.36
C TRP A 400 -17.96 18.99 16.26
N GLY A 401 -16.77 18.96 16.84
CA GLY A 401 -16.00 17.74 16.88
C GLY A 401 -15.30 17.53 18.21
N ALA A 402 -15.59 16.41 18.86
CA ALA A 402 -14.98 16.07 20.13
C ALA A 402 -13.83 15.10 19.88
N TYR A 403 -12.66 15.41 20.42
CA TYR A 403 -11.47 14.62 20.16
C TYR A 403 -10.73 14.33 21.45
N ARG A 404 -10.16 13.14 21.53
CA ARG A 404 -9.26 12.75 22.61
C ARG A 404 -7.96 12.24 21.98
N THR A 405 -6.84 12.66 22.54
CA THR A 405 -5.53 12.30 21.99
C THR A 405 -4.59 12.01 23.14
N SER A 406 -4.31 10.73 23.37
CA SER A 406 -3.34 10.32 24.39
C SER A 406 -1.94 10.23 23.77
N TYR A 407 -1.50 11.35 23.20
CA TYR A 407 -0.23 11.40 22.51
C TYR A 407 0.92 11.09 23.46
N GLY A 408 1.86 10.28 22.99
CA GLY A 408 3.05 9.95 23.75
C GLY A 408 4.30 10.40 23.01
N ASP A 409 5.27 10.91 23.76
CA ASP A 409 6.56 11.33 23.20
C ASP A 409 7.64 10.86 24.17
N GLU A 410 8.20 9.69 23.90
CA GLU A 410 9.23 9.12 24.75
C GLU A 410 10.55 9.88 24.69
N ASP A 411 10.73 10.75 23.68
CA ASP A 411 11.96 11.50 23.54
C ASP A 411 12.02 12.74 24.42
N SER A 412 10.92 13.09 25.08
CA SER A 412 10.88 14.23 25.98
C SER A 412 10.83 13.74 27.42
N ILE A 413 11.77 14.21 28.24
CA ILE A 413 11.81 13.78 29.63
C ILE A 413 10.62 14.32 30.41
N LEU A 414 10.33 15.62 30.25
CA LEU A 414 9.25 16.23 31.00
C LEU A 414 7.88 15.89 30.42
N PHE A 415 7.81 15.57 29.13
CA PHE A 415 6.53 15.36 28.47
C PHE A 415 6.44 13.95 27.89
N HIS A 416 6.79 12.95 28.71
CA HIS A 416 6.78 11.57 28.26
C HIS A 416 5.39 11.15 27.78
N GLU A 417 4.36 11.49 28.55
CA GLU A 417 2.99 11.14 28.19
C GLU A 417 2.12 12.39 28.22
N ILE A 418 1.26 12.52 27.22
CA ILE A 418 0.38 13.68 27.09
C ILE A 418 -1.04 13.17 26.84
N ASP A 419 -1.97 13.60 27.69
CA ASP A 419 -3.38 13.27 27.53
C ASP A 419 -4.15 14.52 27.14
N THR A 420 -5.19 14.36 26.34
CA THR A 420 -5.96 15.48 25.85
C THR A 420 -7.43 15.09 25.72
N ILE A 421 -8.31 15.98 26.15
CA ILE A 421 -9.74 15.82 25.94
C ILE A 421 -10.26 17.15 25.41
N GLY A 422 -10.82 17.13 24.21
CA GLY A 422 -11.24 18.37 23.58
C GLY A 422 -12.61 18.30 22.92
N PHE A 423 -13.38 19.37 23.04
CA PHE A 423 -14.73 19.46 22.49
C PHE A 423 -14.86 20.79 21.77
N ARG A 424 -14.48 20.82 20.51
CA ARG A 424 -14.43 22.06 19.74
C ARG A 424 -15.74 22.26 18.98
N THR A 425 -15.99 23.51 18.63
CA THR A 425 -17.22 23.89 17.93
C THR A 425 -16.92 25.06 17.02
N ASN A 426 -17.38 25.00 15.77
CA ASN A 426 -17.14 26.06 14.81
C ASN A 426 -18.44 26.39 14.08
N ILE A 427 -18.75 27.68 14.00
CA ILE A 427 -19.90 28.18 13.25
C ILE A 427 -19.39 29.27 12.33
N GLY A 428 -19.84 29.24 11.07
CA GLY A 428 -19.35 30.19 10.09
C GLY A 428 -20.43 30.63 9.13
N LYS A 429 -20.27 31.86 8.65
CA LYS A 429 -21.14 32.44 7.65
C LYS A 429 -20.30 32.82 6.44
N GLY A 430 -20.82 32.54 5.25
CA GLY A 430 -20.07 32.77 4.01
C GLY A 430 -20.46 34.08 3.36
N LEU A 431 -19.44 34.89 3.05
CA LEU A 431 -19.63 36.12 2.29
C LEU A 431 -19.43 35.83 0.81
N GLY A 432 -20.34 35.04 0.28
CA GLY A 432 -20.24 34.56 -1.09
C GLY A 432 -19.93 33.08 -1.14
N LYS A 433 -19.58 32.63 -2.33
CA LYS A 433 -19.23 31.23 -2.56
C LYS A 433 -17.75 30.94 -2.36
N ASN A 434 -16.96 31.95 -1.99
CA ASN A 434 -15.52 31.76 -1.85
C ASN A 434 -14.94 32.33 -0.56
N PHE A 435 -15.64 33.24 0.11
CA PHE A 435 -15.17 33.81 1.37
C PHE A 435 -15.96 33.21 2.52
N THR A 436 -15.26 32.76 3.56
CA THR A 436 -15.91 32.12 4.70
C THR A 436 -15.33 32.68 5.97
N LEU A 437 -16.17 33.32 6.77
CA LEU A 437 -15.80 33.86 8.08
C LEU A 437 -16.45 33.00 9.15
N SER A 438 -15.65 32.57 10.13
CA SER A 438 -16.15 31.66 11.15
C SER A 438 -15.45 31.91 12.48
N LEU A 439 -16.19 31.67 13.56
CA LEU A 439 -15.67 31.74 14.91
C LEU A 439 -15.79 30.36 15.55
N GLY A 440 -14.67 29.84 16.03
CA GLY A 440 -14.66 28.50 16.58
C GLY A 440 -13.96 28.41 17.92
N THR A 441 -14.64 27.84 18.92
CA THR A 441 -14.12 27.74 20.26
C THR A 441 -13.84 26.28 20.60
N LYS A 442 -13.15 26.07 21.72
CA LYS A 442 -12.84 24.73 22.18
C LYS A 442 -12.52 24.76 23.66
N VAL A 443 -12.61 23.59 24.29
CA VAL A 443 -12.22 23.41 25.68
C VAL A 443 -11.37 22.15 25.77
N GLU A 444 -10.22 22.25 26.42
CA GLU A 444 -9.28 21.14 26.47
C GLU A 444 -8.93 20.81 27.92
N TYR A 445 -8.85 19.51 28.21
CA TYR A 445 -8.31 19.00 29.45
C TYR A 445 -7.03 18.26 29.13
N ILE A 446 -5.90 18.79 29.58
CA ILE A 446 -4.59 18.24 29.25
C ILE A 446 -3.93 17.78 30.54
N LYS A 447 -3.31 16.60 30.49
CA LYS A 447 -2.50 16.10 31.60
C LYS A 447 -1.14 15.74 31.06
N GLU A 448 -0.10 16.37 31.60
CA GLU A 448 1.27 16.12 31.17
C GLU A 448 1.93 15.17 32.16
N LYS A 449 2.82 14.32 31.66
CA LYS A 449 3.52 13.36 32.49
C LYS A 449 5.00 13.35 32.11
N HIS A 450 5.86 13.22 33.11
CA HIS A 450 7.28 13.17 32.89
C HIS A 450 7.74 11.72 32.72
N GLU A 451 9.01 11.56 32.34
CA GLU A 451 9.58 10.24 32.14
C GLU A 451 9.99 9.67 33.50
N ASP A 452 9.38 8.56 33.88
CA ASP A 452 9.71 7.91 35.14
C ASP A 452 11.12 7.36 35.10
N GLY A 453 11.84 7.54 36.20
CA GLY A 453 13.22 7.10 36.29
C GLY A 453 14.24 8.10 35.80
N LYS A 454 13.80 9.23 35.23
CA LYS A 454 14.70 10.27 34.76
C LYS A 454 14.58 11.57 35.54
N LEU A 455 13.47 11.77 36.24
CA LEU A 455 13.27 12.96 37.07
C LEU A 455 13.14 12.54 38.52
N ARG A 456 13.90 13.19 39.39
CA ARG A 456 13.90 12.89 40.81
C ARG A 456 13.37 14.10 41.58
N GLN A 457 12.42 13.85 42.47
CA GLN A 457 11.89 14.89 43.34
C GLN A 457 12.40 14.65 44.76
N ALA A 458 12.88 15.72 45.39
CA ALA A 458 13.41 15.59 46.74
C ALA A 458 12.30 15.73 47.77
N ASN A 459 12.69 15.62 49.05
CA ASN A 459 11.73 15.69 50.13
C ASN A 459 11.04 17.05 50.21
N ASN A 460 11.67 18.10 49.70
CA ASN A 460 11.08 19.43 49.74
C ASN A 460 9.88 19.58 48.81
N GLY A 461 9.63 18.61 47.93
CA GLY A 461 8.52 18.67 47.02
C GLY A 461 8.86 19.17 45.63
N LYS A 462 10.05 19.74 45.44
CA LYS A 462 10.48 20.23 44.14
C LYS A 462 11.15 19.11 43.35
N TRP A 463 11.24 19.33 42.04
CA TRP A 463 11.74 18.32 41.10
C TRP A 463 13.11 18.75 40.58
N TYR A 464 14.03 17.78 40.50
CA TYR A 464 15.38 18.05 40.05
C TYR A 464 15.79 17.05 38.99
N TYR A 465 16.56 17.52 38.02
CA TYR A 465 17.07 16.72 36.92
C TYR A 465 18.59 16.72 36.97
N LYS A 466 19.18 15.53 36.83
CA LYS A 466 20.62 15.37 36.98
C LYS A 466 21.31 15.50 35.63
N GLU A 467 22.09 16.57 35.47
CA GLU A 467 22.94 16.76 34.31
C GLU A 467 24.36 16.98 34.80
N LYS A 468 25.30 16.19 34.29
CA LYS A 468 26.70 16.18 34.73
C LYS A 468 26.80 16.32 36.25
N ASN A 469 26.20 15.35 36.93
CA ASN A 469 26.23 15.22 38.39
C ASN A 469 25.92 16.52 39.12
N LYS A 470 24.82 17.15 38.74
CA LYS A 470 24.26 18.24 39.53
C LYS A 470 22.75 18.27 39.29
N TRP A 471 22.03 18.74 40.31
CA TRP A 471 20.57 18.75 40.27
C TRP A 471 20.06 20.12 39.80
N ARG A 472 19.18 20.09 38.81
CA ARG A 472 18.59 21.30 38.24
C ARG A 472 17.10 21.30 38.52
N GLU A 473 16.62 22.38 39.14
CA GLU A 473 15.21 22.45 39.50
C GLU A 473 14.36 22.60 38.23
N ILE A 474 13.43 21.68 38.04
CA ILE A 474 12.53 21.68 36.90
C ILE A 474 11.09 21.74 37.41
N GLU A 475 10.32 22.68 36.89
CA GLU A 475 8.97 22.93 37.35
C GLU A 475 7.95 22.54 36.29
N GLY A 476 6.70 22.44 36.70
CA GLY A 476 5.63 22.02 35.81
C GLY A 476 5.47 20.53 35.66
N VAL A 477 6.19 19.74 36.44
CA VAL A 477 6.11 18.28 36.34
C VAL A 477 4.73 17.82 36.76
N ASP A 478 4.19 16.84 36.04
CA ASP A 478 2.85 16.29 36.30
C ASP A 478 1.80 17.40 36.29
N ASP A 479 1.66 18.04 35.14
CA ASP A 479 0.81 19.19 34.98
C ASP A 479 -0.57 18.76 34.48
N LYS A 480 -1.61 19.17 35.20
CA LYS A 480 -2.99 18.96 34.80
C LYS A 480 -3.69 20.31 34.81
N TYR A 481 -4.34 20.66 33.71
CA TYR A 481 -4.92 21.99 33.60
C TYR A 481 -5.99 22.01 32.52
N TRP A 482 -7.02 22.83 32.76
CA TRP A 482 -8.00 23.12 31.74
C TRP A 482 -7.40 24.06 30.70
N LEU A 483 -8.12 24.23 29.59
CA LEU A 483 -7.64 25.06 28.50
C LEU A 483 -8.84 25.53 27.67
N TRP A 484 -9.18 26.80 27.77
CA TRP A 484 -10.27 27.38 27.01
C TRP A 484 -9.71 28.36 26.00
N SER A 485 -10.25 28.32 24.78
CA SER A 485 -9.76 29.21 23.74
C SER A 485 -10.83 29.38 22.67
N ILE A 486 -10.82 30.57 22.04
CA ILE A 486 -11.69 30.84 20.90
C ILE A 486 -10.82 31.40 19.78
N TYR A 487 -11.34 31.31 18.56
CA TYR A 487 -10.62 31.85 17.41
C TYR A 487 -11.57 32.23 16.29
N PRO A 488 -11.59 33.48 15.87
CA PRO A 488 -12.28 33.84 14.64
C PRO A 488 -11.37 33.70 13.44
N TYR A 489 -11.77 32.91 12.45
CA TYR A 489 -10.93 32.65 11.29
C TYR A 489 -11.69 32.91 10.01
N ILE A 490 -10.95 33.37 9.00
CA ILE A 490 -11.49 33.59 7.67
C ILE A 490 -10.75 32.69 6.70
N SER A 491 -11.48 32.12 5.75
CA SER A 491 -10.92 31.17 4.80
C SER A 491 -11.40 31.51 3.39
N TYR A 492 -10.50 31.37 2.43
CA TYR A 492 -10.77 31.69 1.03
C TYR A 492 -10.59 30.42 0.21
N ASP A 493 -11.65 29.99 -0.47
CA ASP A 493 -11.67 28.71 -1.15
C ASP A 493 -12.07 28.89 -2.61
N THR A 494 -11.30 28.29 -3.52
CA THR A 494 -11.65 28.30 -4.93
C THR A 494 -11.41 26.94 -5.58
N ARG A 495 -11.17 25.89 -4.81
CA ARG A 495 -10.88 24.58 -5.38
C ARG A 495 -12.09 24.03 -6.12
N ASN A 496 -11.85 23.38 -7.25
CA ASN A 496 -12.94 22.81 -8.03
C ASN A 496 -13.58 21.64 -7.29
N ASN A 497 -12.76 20.76 -6.72
CA ASN A 497 -13.25 19.60 -5.99
C ASN A 497 -12.46 19.44 -4.70
N TYR A 498 -13.15 19.08 -3.62
CA TYR A 498 -12.50 18.94 -2.33
C TYR A 498 -11.68 17.66 -2.24
N LEU A 499 -12.17 16.56 -2.82
CA LEU A 499 -11.52 15.27 -2.64
C LEU A 499 -10.19 15.21 -3.36
N ASN A 500 -10.18 15.55 -4.66
CA ASN A 500 -8.98 15.48 -5.50
C ASN A 500 -8.77 16.78 -6.25
N PRO A 501 -8.51 17.87 -5.53
CA PRO A 501 -8.46 19.18 -6.17
C PRO A 501 -7.41 19.23 -7.27
N THR A 502 -7.73 19.97 -8.33
CA THR A 502 -6.85 20.09 -9.49
C THR A 502 -6.36 21.51 -9.74
N SER A 503 -7.18 22.52 -9.48
CA SER A 503 -6.79 23.89 -9.72
C SER A 503 -7.60 24.80 -8.81
N GLY A 504 -6.94 25.74 -8.16
CA GLY A 504 -7.62 26.68 -7.31
C GLY A 504 -6.68 27.22 -6.24
N PHE A 505 -7.29 27.93 -5.29
CA PHE A 505 -6.56 28.54 -4.19
C PHE A 505 -7.30 28.27 -2.90
N TYR A 506 -6.56 28.12 -1.81
CA TYR A 506 -7.16 27.83 -0.51
C TYR A 506 -6.33 28.49 0.58
N GLY A 507 -6.84 29.59 1.13
CA GLY A 507 -6.13 30.30 2.18
C GLY A 507 -6.90 30.36 3.48
N LYS A 508 -6.29 29.91 4.56
CA LYS A 508 -6.92 29.89 5.87
C LYS A 508 -6.10 30.73 6.84
N PHE A 509 -6.78 31.53 7.65
CA PHE A 509 -6.12 32.45 8.57
C PHE A 509 -6.94 32.54 9.84
N GLN A 510 -6.37 32.06 10.96
CA GLN A 510 -7.05 32.08 12.24
C GLN A 510 -6.20 32.79 13.28
N VAL A 511 -6.85 33.52 14.16
CA VAL A 511 -6.21 34.22 15.26
C VAL A 511 -6.79 33.64 16.54
N GLU A 512 -5.93 33.03 17.36
CA GLU A 512 -6.36 32.30 18.55
C GLU A 512 -5.84 32.99 19.79
N ALA A 513 -6.71 33.13 20.79
CA ALA A 513 -6.34 33.71 22.07
C ALA A 513 -7.25 33.14 23.13
N GLY A 514 -6.68 32.41 24.09
CA GLY A 514 -7.47 31.74 25.09
C GLY A 514 -6.77 31.73 26.44
N HIS A 515 -7.49 31.22 27.44
CA HIS A 515 -7.03 31.19 28.82
C HIS A 515 -6.71 29.76 29.22
N ALA A 516 -5.55 29.57 29.84
CA ALA A 516 -5.11 28.25 30.28
C ALA A 516 -4.77 28.29 31.76
N GLY A 517 -4.97 27.16 32.42
CA GLY A 517 -4.69 27.02 33.83
C GLY A 517 -3.36 26.35 34.10
N GLY A 518 -3.24 25.77 35.29
CA GLY A 518 -2.02 25.04 35.64
C GLY A 518 -0.83 25.95 35.85
N TYR A 519 0.36 25.41 35.57
CA TYR A 519 1.59 26.16 35.74
C TYR A 519 1.58 27.40 34.86
N LYS A 520 1.95 28.54 35.45
CA LYS A 520 1.90 29.83 34.79
C LYS A 520 0.53 30.10 34.17
N SER A 521 -0.47 30.16 35.04
CA SER A 521 -1.82 30.49 34.61
C SER A 521 -1.83 31.84 33.91
N GLY A 522 -2.50 31.92 32.78
CA GLY A 522 -2.58 33.16 32.05
C GLY A 522 -3.31 32.99 30.74
N ASN A 523 -3.32 34.07 29.97
CA ASN A 523 -3.97 34.11 28.67
C ASN A 523 -2.92 34.14 27.58
N PHE A 524 -3.02 33.20 26.64
CA PHE A 524 -2.05 33.05 25.57
C PHE A 524 -2.69 33.43 24.24
N GLY A 525 -1.84 33.63 23.24
CA GLY A 525 -2.30 34.03 21.93
C GLY A 525 -1.69 33.13 20.86
N ASN A 526 -2.31 33.17 19.69
CA ASN A 526 -1.87 32.32 18.59
C ASN A 526 -2.43 32.83 17.28
N ALA A 527 -1.70 32.59 16.20
CA ALA A 527 -2.16 32.93 14.86
C ALA A 527 -1.61 31.90 13.89
N THR A 528 -2.30 31.74 12.76
CA THR A 528 -1.92 30.71 11.80
C THR A 528 -2.42 31.11 10.42
N LEU A 529 -1.52 31.05 9.44
CA LEU A 529 -1.86 31.32 8.05
C LEU A 529 -1.41 30.14 7.20
N GLU A 530 -2.33 29.57 6.44
CA GLU A 530 -2.05 28.43 5.59
C GLU A 530 -2.56 28.70 4.18
N LEU A 531 -1.68 28.57 3.19
CA LEU A 531 -2.01 28.82 1.80
C LEU A 531 -1.84 27.54 1.00
N ARG A 532 -2.85 27.20 0.21
CA ARG A 532 -2.79 26.05 -0.68
C ARG A 532 -3.27 26.49 -2.06
N THR A 533 -2.48 26.18 -3.08
CA THR A 533 -2.82 26.54 -4.45
C THR A 533 -2.42 25.41 -5.39
N TYR A 534 -3.08 25.37 -6.54
CA TYR A 534 -2.79 24.38 -7.57
C TYR A 534 -2.84 25.05 -8.93
N HIS A 535 -2.09 24.48 -9.88
CA HIS A 535 -2.19 24.90 -11.27
C HIS A 535 -1.65 23.79 -12.14
N LYS A 536 -1.95 23.88 -13.44
CA LYS A 536 -1.61 22.82 -14.36
C LYS A 536 -0.09 22.68 -14.49
N GLY A 537 0.36 21.44 -14.70
CA GLY A 537 1.78 21.15 -14.74
C GLY A 537 2.31 20.83 -16.11
N LEU A 538 3.13 19.78 -16.21
CA LEU A 538 3.83 19.50 -17.45
C LEU A 538 2.88 18.98 -18.54
N PHE A 539 2.01 18.04 -18.19
CA PHE A 539 1.19 17.38 -19.19
C PHE A 539 -0.12 16.96 -18.54
N LYS A 540 -0.86 16.08 -19.23
CA LYS A 540 -2.15 15.62 -18.73
C LYS A 540 -1.99 14.90 -17.40
N ASN A 541 -2.88 15.22 -16.46
CA ASN A 541 -2.95 14.67 -15.11
C ASN A 541 -1.74 15.04 -14.26
N ASN A 542 -0.81 15.86 -14.77
CA ASN A 542 0.32 16.33 -13.99
C ASN A 542 -0.06 17.67 -13.38
N ILE A 543 -0.29 17.68 -12.07
CA ILE A 543 -0.75 18.88 -11.35
C ILE A 543 0.37 19.32 -10.41
N PHE A 544 0.72 20.59 -10.49
CA PHE A 544 1.67 21.19 -9.56
C PHE A 544 0.90 21.80 -8.40
N ALA A 545 1.28 21.43 -7.18
CA ALA A 545 0.60 21.86 -5.97
C ALA A 545 1.58 22.54 -5.03
N TYR A 546 1.14 23.64 -4.43
CA TYR A 546 1.97 24.42 -3.52
C TYR A 546 1.23 24.61 -2.21
N LYS A 547 1.91 24.33 -1.10
CA LYS A 547 1.34 24.52 0.22
C LYS A 547 2.38 25.16 1.12
N VAL A 548 2.05 26.31 1.69
CA VAL A 548 2.90 27.00 2.63
C VAL A 548 2.10 27.24 3.90
N VAL A 549 2.65 26.84 5.04
CA VAL A 549 1.99 26.96 6.33
C VAL A 549 2.80 27.89 7.21
N GLY A 550 2.14 28.87 7.79
CA GLY A 550 2.80 29.83 8.65
C GLY A 550 1.99 30.09 9.89
N GLY A 551 2.70 30.32 10.99
CA GLY A 551 2.04 30.62 12.25
C GLY A 551 2.99 31.10 13.31
N VAL A 552 2.52 32.01 14.16
CA VAL A 552 3.32 32.54 15.26
C VAL A 552 2.52 32.40 16.54
N ALA A 553 3.22 32.33 17.66
CA ALA A 553 2.56 32.20 18.96
C ALA A 553 3.38 32.92 20.01
N THR A 554 2.69 33.54 20.95
CA THR A 554 3.36 34.20 22.05
C THR A 554 4.02 33.17 22.95
N ASN A 555 5.06 33.60 23.66
CA ASN A 555 5.78 32.67 24.53
C ASN A 555 4.96 32.21 25.71
N ASN A 556 3.81 32.83 25.99
CA ASN A 556 3.00 32.44 27.13
C ASN A 556 2.30 31.11 26.94
N THR A 557 2.23 30.61 25.70
CA THR A 557 1.55 29.35 25.46
C THR A 557 2.27 28.19 26.13
N LYS A 558 1.50 27.18 26.53
CA LYS A 558 2.08 26.02 27.19
C LYS A 558 2.99 25.26 26.22
N GLU A 559 3.94 24.53 26.81
CA GLU A 559 4.91 23.82 25.99
C GLU A 559 4.25 22.74 25.14
N SER A 560 3.25 22.05 25.70
CA SER A 560 2.55 21.03 24.92
C SER A 560 1.80 21.63 23.74
N GLN A 561 1.33 22.87 23.89
CA GLN A 561 0.59 23.54 22.83
C GLN A 561 1.49 24.30 21.88
N LYS A 562 2.80 24.24 22.06
CA LYS A 562 3.72 24.90 21.14
C LYS A 562 3.73 24.20 19.80
N PHE A 563 4.17 24.93 18.77
CA PHE A 563 4.14 24.40 17.41
C PHE A 563 5.13 23.27 17.25
N TRP A 564 4.71 22.24 16.53
CA TRP A 564 5.53 21.06 16.25
C TRP A 564 5.73 20.93 14.75
N VAL A 565 6.95 20.60 14.35
CA VAL A 565 7.30 20.40 12.95
C VAL A 565 7.88 19.00 12.79
N GLY A 566 7.36 18.26 11.83
CA GLY A 566 7.83 16.92 11.57
C GLY A 566 6.71 15.96 11.20
N GLY A 567 7.05 14.69 10.99
CA GLY A 567 6.06 13.70 10.67
C GLY A 567 5.57 13.82 9.23
N GLY A 568 4.62 12.96 8.89
CA GLY A 568 4.08 12.95 7.55
C GLY A 568 3.10 14.06 7.25
N ASN A 569 2.71 14.83 8.25
CA ASN A 569 1.74 15.90 8.04
C ASN A 569 2.40 17.21 7.62
N SER A 570 3.54 17.55 8.22
CA SER A 570 4.17 18.85 8.00
C SER A 570 5.50 18.73 7.28
N LEU A 571 6.44 17.96 7.81
CA LEU A 571 7.79 17.90 7.25
C LEU A 571 8.23 16.44 7.19
N ARG A 572 8.33 15.90 5.98
CA ARG A 572 8.77 14.53 5.80
C ARG A 572 10.27 14.41 6.08
N GLY A 573 10.73 13.18 6.21
CA GLY A 573 12.14 12.90 6.41
C GLY A 573 12.65 13.13 7.81
N TYR A 574 11.81 13.56 8.73
CA TYR A 574 12.21 13.77 10.11
C TYR A 574 11.13 13.19 11.02
N ASP A 575 11.55 12.82 12.23
CA ASP A 575 10.61 12.26 13.19
C ASP A 575 9.63 13.33 13.64
N GLY A 576 8.50 12.87 14.18
CA GLY A 576 7.48 13.78 14.67
C GLY A 576 8.00 14.67 15.78
N GLY A 577 7.78 15.98 15.64
CA GLY A 577 8.28 16.92 16.62
C GLY A 577 9.79 17.14 16.55
N PHE A 578 10.39 16.99 15.37
CA PHE A 578 11.82 17.22 15.24
C PHE A 578 12.17 18.67 15.58
N PHE A 579 11.36 19.61 15.12
CA PHE A 579 11.53 21.02 15.45
C PHE A 579 10.36 21.49 16.31
N LYS A 580 10.68 22.23 17.35
CA LYS A 580 9.68 22.79 18.25
C LYS A 580 9.94 24.28 18.44
N GLY A 581 8.90 25.03 18.70
CA GLY A 581 9.05 26.45 18.93
C GLY A 581 7.72 27.16 18.83
N SER A 582 7.79 28.47 18.99
CA SER A 582 6.62 29.34 18.94
C SER A 582 6.47 30.03 17.60
N GLN A 583 7.36 29.78 16.64
CA GLN A 583 7.27 30.38 15.32
C GLN A 583 7.53 29.28 14.30
N LYS A 584 6.53 28.95 13.50
CA LYS A 584 6.61 27.84 12.55
C LYS A 584 6.29 28.33 11.15
N LEU A 585 7.09 27.90 10.18
CA LEU A 585 6.84 28.17 8.77
C LEU A 585 7.30 26.97 7.96
N VAL A 586 6.35 26.31 7.30
CA VAL A 586 6.64 25.12 6.50
C VAL A 586 6.06 25.32 5.11
N ALA A 587 6.88 25.10 4.08
CA ALA A 587 6.45 25.20 2.69
C ALA A 587 6.71 23.88 1.99
N THR A 588 5.73 23.43 1.22
CA THR A 588 5.79 22.14 0.54
C THR A 588 5.32 22.29 -0.90
N ILE A 589 6.01 21.63 -1.82
CA ILE A 589 5.66 21.62 -3.23
C ILE A 589 5.56 20.18 -3.69
N GLU A 590 4.44 19.83 -4.32
CA GLU A 590 4.20 18.47 -4.77
C GLU A 590 3.81 18.47 -6.24
N ASN A 591 4.16 17.38 -6.92
CA ASN A 591 3.79 17.15 -8.31
C ASN A 591 3.04 15.84 -8.38
N ARG A 592 1.72 15.90 -8.40
CA ARG A 592 0.89 14.71 -8.43
C ARG A 592 0.52 14.36 -9.86
N THR A 593 0.61 13.07 -10.18
CA THR A 593 0.30 12.57 -11.52
C THR A 593 -0.77 11.49 -11.39
N GLN A 594 -1.86 11.65 -12.13
CA GLN A 594 -2.98 10.72 -12.09
C GLN A 594 -2.85 9.78 -13.29
N LEU A 595 -2.03 8.74 -13.13
CA LEU A 595 -1.82 7.78 -14.21
C LEU A 595 -3.06 6.97 -14.52
N ASN A 596 -3.97 6.82 -13.55
CA ASN A 596 -5.18 6.04 -13.75
C ASN A 596 -6.21 6.54 -12.75
N ASP A 597 -7.26 5.74 -12.51
CA ASP A 597 -8.30 6.08 -11.57
C ASP A 597 -8.11 5.44 -10.20
N ILE A 598 -7.02 4.71 -9.98
CA ILE A 598 -6.86 3.99 -8.72
C ILE A 598 -5.49 4.21 -8.10
N ILE A 599 -4.55 4.78 -8.86
CA ILE A 599 -3.23 5.08 -8.34
C ILE A 599 -2.88 6.52 -8.67
N GLY A 600 -1.90 7.05 -7.93
CA GLY A 600 -1.40 8.38 -8.17
C GLY A 600 0.06 8.51 -7.79
N LEU A 601 0.87 9.01 -8.70
CA LEU A 601 2.30 9.19 -8.47
C LEU A 601 2.57 10.63 -8.07
N VAL A 602 3.18 10.82 -6.91
CA VAL A 602 3.43 12.15 -6.36
C VAL A 602 4.90 12.26 -5.97
N VAL A 603 5.54 13.34 -6.41
CA VAL A 603 6.89 13.69 -6.01
C VAL A 603 6.81 14.98 -5.22
N PHE A 604 7.36 14.98 -4.01
CA PHE A 604 7.19 16.10 -3.10
C PHE A 604 8.55 16.60 -2.62
N ALA A 605 8.59 17.90 -2.33
CA ALA A 605 9.77 18.53 -1.74
C ALA A 605 9.27 19.58 -0.76
N ASP A 606 9.72 19.49 0.49
CA ASP A 606 9.22 20.36 1.55
C ASP A 606 10.39 20.88 2.38
N ALA A 607 10.15 22.02 3.03
CA ALA A 607 11.15 22.63 3.89
C ALA A 607 10.45 23.48 4.95
N GLY A 608 11.07 23.56 6.12
CA GLY A 608 10.51 24.34 7.21
C GLY A 608 11.23 24.03 8.50
N ARG A 609 10.98 24.89 9.49
CA ARG A 609 11.58 24.74 10.81
C ARG A 609 10.89 25.65 11.79
N ALA A 610 10.67 25.14 13.00
CA ALA A 610 10.15 25.94 14.11
C ALA A 610 11.29 26.63 14.83
N TRP A 611 11.00 27.78 15.42
CA TRP A 611 12.02 28.58 16.09
C TRP A 611 11.47 29.16 17.38
N LYS A 612 12.40 29.62 18.22
CA LYS A 612 12.09 30.33 19.45
C LYS A 612 11.22 29.49 20.39
N GLN A 613 11.79 28.39 20.87
CA GLN A 613 11.10 27.54 21.82
C GLN A 613 11.26 28.08 23.24
N ASN A 614 12.49 28.15 23.72
CA ASN A 614 12.80 28.61 25.08
C ASN A 614 12.04 27.79 26.12
N GLY A 615 12.00 26.47 25.90
CA GLY A 615 11.28 25.58 26.78
C GLY A 615 12.11 25.08 27.95
N ARG A 616 11.41 24.50 28.92
CA ARG A 616 12.06 23.97 30.12
C ARG A 616 12.72 22.61 29.89
N ASP A 617 12.09 21.75 29.09
CA ASP A 617 12.60 20.40 28.90
C ASP A 617 13.90 20.43 28.12
N PRO A 618 15.00 19.92 28.68
CA PRO A 618 16.26 19.89 27.92
C PRO A 618 16.29 18.85 26.81
N SER A 619 15.18 18.14 26.57
CA SER A 619 15.14 17.17 25.49
C SER A 619 15.38 17.84 24.15
N TYR A 620 14.78 19.01 23.94
CA TYR A 620 14.95 19.77 22.71
C TYR A 620 16.34 20.41 22.71
N THR A 621 17.29 19.77 22.03
CA THR A 621 18.65 20.27 21.92
C THR A 621 18.90 21.04 20.63
N ARG A 622 17.87 21.25 19.82
CA ARG A 622 18.00 21.96 18.55
C ARG A 622 17.28 23.30 18.58
N ASP A 623 17.17 23.91 19.76
CA ASP A 623 16.54 25.22 19.88
C ASP A 623 17.43 26.26 19.21
N ASN A 624 16.97 26.81 18.09
CA ASN A 624 17.74 27.76 17.30
C ASN A 624 16.94 29.04 17.11
N SER A 625 17.61 30.17 17.30
CA SER A 625 17.04 31.49 17.06
C SER A 625 17.20 31.85 15.59
N ARG A 626 17.06 33.13 15.26
CA ARG A 626 17.24 33.65 13.90
C ARG A 626 16.22 33.00 12.95
N PHE A 627 14.96 33.38 13.17
CA PHE A 627 13.86 33.06 12.27
C PHE A 627 14.29 33.19 10.82
N GLY A 628 14.12 32.12 10.05
CA GLY A 628 14.58 32.08 8.68
C GLY A 628 15.97 31.54 8.48
N HIS A 629 16.47 30.73 9.41
CA HIS A 629 17.79 30.14 9.31
C HIS A 629 17.72 28.66 9.66
N ASN A 630 18.67 27.90 9.13
CA ASN A 630 18.76 26.46 9.38
C ASN A 630 17.48 25.74 8.99
N ILE A 631 16.87 26.17 7.89
CA ILE A 631 15.62 25.59 7.43
C ILE A 631 15.91 24.22 6.83
N GLY A 632 15.52 23.16 7.54
CA GLY A 632 15.73 21.82 7.04
C GLY A 632 14.89 21.56 5.80
N THR A 633 15.47 20.82 4.85
CA THR A 633 14.81 20.50 3.59
C THR A 633 14.69 19.00 3.43
N THR A 634 13.62 18.57 2.77
CA THR A 634 13.37 17.17 2.50
C THR A 634 12.69 17.03 1.14
N ALA A 635 12.89 15.88 0.51
CA ALA A 635 12.23 15.55 -0.74
C ALA A 635 12.08 14.05 -0.84
N GLY A 636 11.17 13.62 -1.70
CA GLY A 636 10.96 12.20 -1.89
C GLY A 636 9.79 11.95 -2.82
N VAL A 637 9.47 10.66 -2.97
CA VAL A 637 8.37 10.22 -3.82
C VAL A 637 7.27 9.67 -2.94
N GLY A 638 6.04 9.77 -3.43
CA GLY A 638 4.89 9.32 -2.68
C GLY A 638 3.89 8.64 -3.59
N ILE A 639 3.17 7.68 -3.01
CA ILE A 639 2.14 6.92 -3.72
C ILE A 639 0.80 7.24 -3.08
N ARG A 640 -0.10 7.83 -3.88
CA ARG A 640 -1.47 8.13 -3.45
C ARG A 640 -2.38 7.28 -4.32
N LEU A 641 -2.66 6.06 -3.87
CA LEU A 641 -3.48 5.13 -4.63
C LEU A 641 -4.93 5.18 -4.15
N ASN A 642 -5.85 5.17 -5.10
CA ASN A 642 -7.28 5.17 -4.81
C ASN A 642 -7.75 3.72 -4.80
N THR A 643 -7.69 3.09 -3.63
CA THR A 643 -8.14 1.72 -3.50
C THR A 643 -9.66 1.66 -3.68
N PRO A 644 -10.18 0.53 -4.17
CA PRO A 644 -11.64 0.39 -4.27
C PRO A 644 -12.34 0.48 -2.91
N ILE A 645 -11.64 0.22 -1.82
CA ILE A 645 -12.24 0.30 -0.49
C ILE A 645 -12.04 1.67 0.15
N GLY A 646 -11.22 2.54 -0.43
CA GLY A 646 -11.04 3.87 0.11
C GLY A 646 -9.69 4.47 -0.24
N PRO A 647 -9.57 5.78 -0.06
CA PRO A 647 -8.29 6.44 -0.35
C PRO A 647 -7.21 6.00 0.62
N LEU A 648 -5.97 6.03 0.13
CA LEU A 648 -4.82 5.60 0.91
C LEU A 648 -3.57 6.30 0.39
N ARG A 649 -2.64 6.58 1.31
CA ARG A 649 -1.44 7.33 0.99
C ARG A 649 -0.20 6.55 1.42
N PHE A 650 0.86 6.70 0.64
CA PHE A 650 2.18 6.16 0.96
C PHE A 650 3.21 7.23 0.65
N ASP A 651 4.13 7.48 1.59
CA ASP A 651 5.10 8.55 1.46
C ASP A 651 6.49 8.05 1.82
N PHE A 652 7.49 8.44 1.02
CA PHE A 652 8.88 8.12 1.28
C PHE A 652 9.73 9.33 0.93
N GLY A 653 10.31 9.96 1.94
CA GLY A 653 11.10 11.17 1.74
C GLY A 653 12.54 10.98 2.14
N TRP A 654 13.44 11.64 1.42
CA TRP A 654 14.86 11.61 1.72
C TRP A 654 15.25 12.94 2.33
N PRO A 655 15.74 12.98 3.58
CA PRO A 655 16.25 14.25 4.11
C PRO A 655 17.47 14.72 3.34
N VAL A 656 17.33 15.84 2.63
CA VAL A 656 18.39 16.31 1.74
C VAL A 656 18.91 17.66 2.21
N GLY A 657 19.90 18.19 1.50
CA GLY A 657 20.52 19.44 1.94
C GLY A 657 21.26 19.24 3.23
N ASN A 658 20.97 20.07 4.22
CA ASN A 658 21.54 19.91 5.55
C ASN A 658 20.98 18.65 6.19
N LYS A 659 21.83 17.69 6.46
CA LYS A 659 21.42 16.40 7.02
C LYS A 659 21.68 16.41 8.52
N MET A 660 20.79 17.07 9.27
CA MET A 660 20.92 17.08 10.72
C MET A 660 20.70 15.68 11.29
N ASP A 661 19.75 14.93 10.74
CA ASP A 661 19.46 13.57 11.20
C ASP A 661 20.01 12.58 10.19
N ASP A 662 20.69 11.55 10.68
CA ASP A 662 21.37 10.59 9.82
C ASP A 662 20.45 9.56 9.21
N ASP A 663 19.17 9.55 9.60
CA ASP A 663 18.24 8.57 9.07
C ASP A 663 18.02 8.76 7.58
N GLY A 664 17.65 7.67 6.91
CA GLY A 664 17.45 7.68 5.48
C GLY A 664 16.00 7.59 5.07
N MET A 665 15.55 6.38 4.74
CA MET A 665 14.17 6.18 4.31
C MET A 665 13.20 6.53 5.42
N LYS A 666 12.02 6.98 5.03
CA LYS A 666 10.93 7.23 5.95
C LYS A 666 9.64 6.69 5.36
N PHE A 667 8.80 6.12 6.22
CA PHE A 667 7.52 5.55 5.80
C PHE A 667 6.38 6.27 6.49
N TYR A 668 5.26 6.41 5.78
CA TYR A 668 4.09 7.10 6.31
C TYR A 668 2.84 6.44 5.77
N PHE A 669 1.87 6.23 6.66
CA PHE A 669 0.60 5.60 6.33
C PHE A 669 -0.53 6.54 6.74
N ASN A 670 -1.36 6.92 5.76
CA ASN A 670 -2.42 7.88 6.04
C ASN A 670 -3.42 7.84 4.89
N MET A 671 -4.54 8.53 5.09
CA MET A 671 -5.56 8.70 4.06
C MET A 671 -5.68 10.18 3.69
N GLU B 1 -54.49 20.43 -31.44
CA GLU B 1 -54.96 20.88 -32.74
C GLU B 1 -54.23 20.17 -33.87
N VAL B 2 -53.17 19.44 -33.51
CA VAL B 2 -52.38 18.73 -34.52
C VAL B 2 -53.16 17.50 -34.98
N GLN B 3 -53.37 17.40 -36.29
CA GLN B 3 -53.95 16.21 -36.88
C GLN B 3 -53.47 16.10 -38.31
N LEU B 4 -53.63 14.93 -38.89
CA LEU B 4 -53.24 14.68 -40.28
C LEU B 4 -54.42 14.12 -41.03
N VAL B 5 -54.57 14.51 -42.28
CA VAL B 5 -55.61 14.00 -43.16
C VAL B 5 -54.96 13.43 -44.41
N GLU B 6 -55.42 12.27 -44.83
CA GLU B 6 -54.92 11.63 -46.03
C GLU B 6 -55.87 11.89 -47.18
N SER B 7 -55.32 12.10 -48.37
CA SER B 7 -56.11 12.33 -49.56
C SER B 7 -55.39 11.71 -50.74
N GLY B 8 -56.02 11.80 -51.91
CA GLY B 8 -55.45 11.27 -53.11
C GLY B 8 -55.64 9.78 -53.31
N GLY B 9 -56.28 9.10 -52.38
CA GLY B 9 -56.59 7.70 -52.54
C GLY B 9 -57.68 7.51 -53.58
N GLY B 10 -57.81 6.27 -54.04
CA GLY B 10 -58.78 6.00 -55.08
C GLY B 10 -58.78 4.53 -55.47
N LEU B 11 -59.41 4.26 -56.60
CA LEU B 11 -59.62 2.89 -57.09
C LEU B 11 -58.81 2.72 -58.37
N VAL B 12 -58.00 1.66 -58.41
CA VAL B 12 -57.11 1.40 -59.54
C VAL B 12 -57.22 -0.07 -59.93
N GLN B 13 -56.67 -0.38 -61.09
CA GLN B 13 -56.49 -1.74 -61.58
C GLN B 13 -55.04 -2.15 -61.39
N PRO B 14 -54.74 -3.45 -61.38
CA PRO B 14 -53.35 -3.88 -61.17
C PRO B 14 -52.42 -3.27 -62.21
N GLY B 15 -51.22 -2.90 -61.76
CA GLY B 15 -50.30 -2.17 -62.61
C GLY B 15 -50.62 -0.71 -62.78
N GLY B 16 -51.61 -0.18 -62.06
CA GLY B 16 -51.99 1.20 -62.18
C GLY B 16 -51.07 2.11 -61.39
N SER B 17 -51.52 3.36 -61.22
CA SER B 17 -50.73 4.36 -60.52
C SER B 17 -51.65 5.28 -59.73
N LEU B 18 -51.08 5.91 -58.70
CA LEU B 18 -51.80 6.85 -57.87
C LEU B 18 -50.79 7.74 -57.16
N ARG B 19 -51.32 8.71 -56.41
CA ARG B 19 -50.49 9.63 -55.63
C ARG B 19 -51.24 9.95 -54.35
N LEU B 20 -50.70 9.52 -53.22
CA LEU B 20 -51.35 9.73 -51.93
C LEU B 20 -50.73 10.93 -51.23
N SER B 21 -51.56 11.75 -50.61
CA SER B 21 -51.13 12.98 -49.98
C SER B 21 -51.56 13.01 -48.52
N CYS B 22 -50.66 13.47 -47.66
CA CYS B 22 -50.92 13.64 -46.24
C CYS B 22 -50.53 15.06 -45.85
N ALA B 23 -51.47 15.80 -45.25
CA ALA B 23 -51.28 17.22 -44.97
C ALA B 23 -51.22 17.45 -43.47
N ALA B 24 -50.22 18.21 -43.03
CA ALA B 24 -50.09 18.53 -41.62
C ALA B 24 -51.02 19.67 -41.24
N SER B 25 -51.37 19.73 -39.97
CA SER B 25 -52.35 20.70 -39.46
C SER B 25 -51.86 21.32 -38.17
N GLY B 26 -50.61 21.80 -38.15
CA GLY B 26 -50.13 22.50 -36.97
C GLY B 26 -48.67 22.31 -36.66
N PHE B 27 -48.07 21.24 -37.18
CA PHE B 27 -46.63 21.08 -37.12
C PHE B 27 -46.07 21.20 -38.54
N ASN B 28 -44.75 21.38 -38.62
CA ASN B 28 -44.09 21.62 -39.89
C ASN B 28 -43.26 20.40 -40.26
N VAL B 29 -43.43 19.94 -41.50
CA VAL B 29 -42.76 18.72 -41.94
C VAL B 29 -41.25 18.86 -41.96
N TYR B 30 -40.74 20.10 -41.95
CA TYR B 30 -39.30 20.28 -41.97
C TYR B 30 -38.61 19.70 -40.74
N SER B 31 -39.33 19.55 -39.64
CA SER B 31 -38.75 18.97 -38.44
C SER B 31 -39.27 17.59 -38.12
N SER B 32 -40.55 17.32 -38.36
CA SER B 32 -41.13 16.04 -38.03
C SER B 32 -40.69 14.98 -39.03
N SER B 33 -41.21 13.77 -38.88
CA SER B 33 -40.74 12.64 -39.65
C SER B 33 -41.71 12.15 -40.71
N ILE B 34 -43.00 12.08 -40.42
CA ILE B 34 -44.00 11.57 -41.36
C ILE B 34 -43.67 10.16 -41.82
N HIS B 35 -44.31 9.18 -41.21
CA HIS B 35 -44.16 7.78 -41.57
C HIS B 35 -45.44 7.26 -42.19
N TRP B 36 -45.31 6.43 -43.23
CA TRP B 36 -46.43 5.83 -43.91
C TRP B 36 -46.53 4.37 -43.50
N VAL B 37 -47.72 3.94 -43.07
CA VAL B 37 -47.97 2.54 -42.77
C VAL B 37 -49.27 2.14 -43.45
N ARG B 38 -49.45 0.83 -43.62
CA ARG B 38 -50.66 0.30 -44.23
C ARG B 38 -51.17 -0.87 -43.40
N GLN B 39 -52.47 -1.11 -43.52
CA GLN B 39 -53.13 -2.20 -42.80
C GLN B 39 -54.01 -2.95 -43.79
N ALA B 40 -53.55 -4.12 -44.21
CA ALA B 40 -54.36 -4.95 -45.08
C ALA B 40 -55.63 -5.38 -44.35
N PRO B 41 -56.74 -5.53 -45.06
CA PRO B 41 -58.01 -5.85 -44.38
C PRO B 41 -57.90 -7.16 -43.61
N GLY B 42 -58.39 -7.14 -42.38
CA GLY B 42 -58.33 -8.32 -41.53
C GLY B 42 -56.94 -8.77 -41.19
N LYS B 43 -55.95 -7.90 -41.30
CA LYS B 43 -54.55 -8.25 -41.07
C LYS B 43 -53.91 -7.18 -40.21
N GLY B 44 -52.61 -7.34 -39.94
CA GLY B 44 -51.88 -6.40 -39.12
C GLY B 44 -51.37 -5.20 -39.90
N LEU B 45 -50.71 -4.31 -39.19
CA LEU B 45 -50.13 -3.12 -39.80
C LEU B 45 -48.71 -3.41 -40.26
N GLU B 46 -48.27 -2.66 -41.27
CA GLU B 46 -46.97 -2.90 -41.89
C GLU B 46 -46.40 -1.57 -42.36
N TRP B 47 -45.14 -1.31 -41.98
CA TRP B 47 -44.49 -0.07 -42.37
C TRP B 47 -44.31 -0.03 -43.88
N VAL B 48 -44.45 1.15 -44.46
CA VAL B 48 -44.22 1.36 -45.89
C VAL B 48 -42.98 2.20 -46.14
N ALA B 49 -42.99 3.46 -45.68
CA ALA B 49 -41.89 4.38 -45.99
C ALA B 49 -41.90 5.51 -44.97
N SER B 50 -40.80 6.26 -44.95
CA SER B 50 -40.65 7.38 -44.02
C SER B 50 -39.61 8.34 -44.58
N ILE B 51 -39.91 9.63 -44.53
CA ILE B 51 -39.04 10.66 -45.10
C ILE B 51 -38.66 11.62 -43.98
N TYR B 52 -37.49 11.44 -43.40
CA TYR B 52 -37.02 12.35 -42.37
C TYR B 52 -36.50 13.62 -43.03
N SER B 53 -37.28 14.69 -42.95
CA SER B 53 -36.74 15.99 -43.32
C SER B 53 -35.70 16.40 -42.28
N TYR B 54 -35.02 17.51 -42.52
CA TYR B 54 -33.93 18.00 -41.66
C TYR B 54 -32.70 17.11 -41.80
N TYR B 55 -32.86 15.98 -42.48
CA TYR B 55 -31.75 15.06 -42.74
C TYR B 55 -31.69 14.58 -44.18
N GLY B 56 -32.78 14.68 -44.94
CA GLY B 56 -32.78 14.24 -46.33
C GLY B 56 -32.59 12.76 -46.51
N SER B 57 -33.13 11.95 -45.59
CA SER B 57 -33.03 10.51 -45.69
C SER B 57 -34.40 9.96 -46.08
N THR B 58 -34.45 9.23 -47.20
CA THR B 58 -35.71 8.72 -47.74
C THR B 58 -35.46 7.32 -48.31
N TYR B 59 -35.69 6.31 -47.48
CA TYR B 59 -35.57 4.92 -47.86
C TYR B 59 -36.83 4.17 -47.44
N TYR B 60 -37.30 3.29 -48.30
CA TYR B 60 -38.56 2.58 -48.11
C TYR B 60 -38.29 1.19 -47.55
N ALA B 61 -39.27 0.65 -46.81
CA ALA B 61 -39.00 -0.49 -45.95
C ALA B 61 -38.60 -1.78 -46.65
N ASP B 62 -39.58 -2.50 -47.23
CA ASP B 62 -39.26 -3.78 -47.85
C ASP B 62 -39.81 -3.92 -49.26
N SER B 63 -41.09 -3.67 -49.43
CA SER B 63 -41.79 -3.94 -50.68
C SER B 63 -41.88 -2.72 -51.57
N VAL B 64 -41.25 -1.62 -51.17
CA VAL B 64 -41.30 -0.36 -51.88
C VAL B 64 -39.91 0.07 -52.35
N LYS B 65 -39.00 -0.90 -52.46
CA LYS B 65 -37.60 -0.57 -52.75
C LYS B 65 -37.48 0.21 -54.04
N GLY B 66 -38.27 -0.14 -55.05
CA GLY B 66 -38.22 0.57 -56.31
C GLY B 66 -39.57 0.97 -56.85
N ARG B 67 -40.65 0.53 -56.19
CA ARG B 67 -41.97 0.76 -56.75
C ARG B 67 -42.46 2.17 -56.47
N PHE B 68 -42.69 2.51 -55.20
CA PHE B 68 -43.25 3.81 -54.88
C PHE B 68 -42.17 4.75 -54.36
N THR B 69 -42.49 6.05 -54.39
CA THR B 69 -41.63 7.09 -53.86
C THR B 69 -42.42 7.93 -52.88
N ILE B 70 -41.77 8.37 -51.81
CA ILE B 70 -42.37 9.29 -50.85
C ILE B 70 -41.57 10.58 -50.90
N SER B 71 -42.25 11.68 -51.23
CA SER B 71 -41.63 12.99 -51.32
C SER B 71 -42.46 13.97 -50.52
N ALA B 72 -41.81 14.77 -49.68
CA ALA B 72 -42.49 15.75 -48.85
C ALA B 72 -41.88 17.11 -49.09
N ASP B 73 -42.71 18.09 -49.43
CA ASP B 73 -42.28 19.47 -49.54
C ASP B 73 -42.92 20.30 -48.44
N THR B 74 -42.11 21.14 -47.82
CA THR B 74 -42.56 21.95 -46.69
C THR B 74 -43.32 23.19 -47.13
N SER B 75 -43.38 23.48 -48.43
CA SER B 75 -44.11 24.65 -48.89
C SER B 75 -45.59 24.52 -48.56
N LYS B 76 -46.20 23.41 -48.91
CA LYS B 76 -47.59 23.13 -48.57
C LYS B 76 -47.71 22.28 -47.31
N ASN B 77 -46.60 22.02 -46.62
CA ASN B 77 -46.59 21.33 -45.33
C ASN B 77 -47.23 19.95 -45.45
N THR B 78 -46.93 19.25 -46.54
CA THR B 78 -47.55 17.97 -46.80
C THR B 78 -46.54 17.01 -47.40
N ALA B 79 -46.84 15.72 -47.27
CA ALA B 79 -45.99 14.65 -47.77
C ALA B 79 -46.74 13.90 -48.86
N TYR B 80 -46.06 13.64 -49.98
CA TYR B 80 -46.67 13.01 -51.15
C TYR B 80 -46.05 11.63 -51.35
N LEU B 81 -46.91 10.61 -51.45
CA LEU B 81 -46.48 9.26 -51.73
C LEU B 81 -47.01 8.85 -53.10
N GLN B 82 -46.09 8.48 -53.99
CA GLN B 82 -46.44 8.07 -55.35
C GLN B 82 -46.83 6.59 -55.36
N MET B 83 -47.67 6.23 -56.32
CA MET B 83 -48.10 4.85 -56.50
C MET B 83 -47.92 4.46 -57.95
N ASN B 84 -47.47 3.23 -58.18
CA ASN B 84 -47.38 2.69 -59.53
C ASN B 84 -47.18 1.18 -59.44
N SER B 85 -47.64 0.47 -60.48
CA SER B 85 -47.43 -0.97 -60.60
C SER B 85 -47.91 -1.70 -59.34
N LEU B 86 -49.06 -1.28 -58.83
CA LEU B 86 -49.61 -1.86 -57.62
C LEU B 86 -50.06 -3.30 -57.86
N ARG B 87 -49.93 -4.11 -56.83
CA ARG B 87 -50.24 -5.54 -56.93
C ARG B 87 -51.33 -5.89 -55.93
N ALA B 88 -51.59 -7.19 -55.79
CA ALA B 88 -52.76 -7.65 -55.04
C ALA B 88 -52.68 -7.24 -53.57
N GLU B 89 -51.51 -7.38 -52.95
CA GLU B 89 -51.40 -7.10 -51.52
C GLU B 89 -51.55 -5.62 -51.21
N ASP B 90 -51.46 -4.75 -52.21
CA ASP B 90 -51.51 -3.32 -51.97
C ASP B 90 -52.90 -2.83 -51.61
N THR B 91 -53.92 -3.69 -51.72
CA THR B 91 -55.28 -3.32 -51.36
C THR B 91 -55.38 -3.22 -49.84
N ALA B 92 -55.40 -2.01 -49.33
CA ALA B 92 -55.41 -1.77 -47.89
C ALA B 92 -55.73 -0.31 -47.64
N VAL B 93 -55.82 0.05 -46.36
CA VAL B 93 -55.87 1.44 -45.96
C VAL B 93 -54.43 1.94 -45.81
N TYR B 94 -54.27 3.25 -45.80
CA TYR B 94 -52.95 3.86 -45.67
C TYR B 94 -53.02 4.95 -44.62
N TYR B 95 -52.17 4.85 -43.60
CA TYR B 95 -52.09 5.83 -42.53
C TYR B 95 -50.77 6.58 -42.64
N CYS B 96 -50.83 7.89 -42.47
CA CYS B 96 -49.62 8.70 -42.31
C CYS B 96 -49.49 9.09 -40.85
N ALA B 97 -48.37 8.76 -40.25
CA ALA B 97 -48.20 8.94 -38.81
C ALA B 97 -46.91 9.67 -38.53
N ARG B 98 -46.99 10.71 -37.71
CA ARG B 98 -45.81 11.45 -37.30
C ARG B 98 -45.09 10.71 -36.19
N GLY B 99 -43.77 10.72 -36.25
CA GLY B 99 -42.93 10.06 -35.26
C GLY B 99 -42.32 11.10 -34.34
N TYR B 100 -42.26 10.78 -33.04
CA TYR B 100 -41.87 11.76 -32.05
C TYR B 100 -40.83 11.17 -31.11
N SER B 101 -39.66 11.79 -31.06
CA SER B 101 -38.63 11.44 -30.10
C SER B 101 -38.80 12.31 -28.86
N SER B 102 -38.63 11.71 -27.69
CA SER B 102 -38.97 12.38 -26.45
C SER B 102 -38.11 13.61 -26.20
N TYR B 103 -36.99 13.73 -26.93
CA TYR B 103 -36.09 14.85 -26.73
C TYR B 103 -36.59 16.07 -27.49
N TRP B 104 -36.56 17.23 -26.82
CA TRP B 104 -37.05 18.45 -27.42
C TRP B 104 -36.14 18.93 -28.54
N LEU B 105 -34.84 18.78 -28.38
CA LEU B 105 -33.91 19.21 -29.41
C LEU B 105 -34.16 18.43 -30.70
N LYS B 106 -34.56 19.14 -31.74
CA LYS B 106 -35.04 18.50 -32.96
C LYS B 106 -33.91 18.13 -33.91
N SER B 107 -32.69 17.98 -33.41
CA SER B 107 -31.66 17.31 -34.17
C SER B 107 -31.65 15.81 -33.89
N HIS B 108 -32.46 15.35 -32.95
CA HIS B 108 -32.63 13.93 -32.67
C HIS B 108 -33.91 13.47 -33.36
N GLN B 109 -33.76 12.84 -34.53
CA GLN B 109 -34.90 12.51 -35.37
C GLN B 109 -35.29 11.04 -35.29
N TRP B 110 -34.78 10.32 -34.30
CA TRP B 110 -35.18 8.93 -34.16
C TRP B 110 -36.67 8.84 -33.87
N PRO B 111 -37.36 7.86 -34.41
CA PRO B 111 -38.83 7.86 -34.32
C PRO B 111 -39.38 7.70 -32.92
N TYR B 112 -38.95 6.66 -32.22
CA TYR B 112 -39.35 6.38 -30.83
C TYR B 112 -40.86 6.17 -30.68
N GLY B 113 -41.60 6.07 -31.77
CA GLY B 113 -43.03 5.82 -31.69
C GLY B 113 -43.86 6.81 -32.49
N PHE B 114 -45.00 6.36 -33.00
CA PHE B 114 -45.89 7.20 -33.80
C PHE B 114 -47.10 7.55 -32.94
N ASP B 115 -47.36 8.84 -32.76
CA ASP B 115 -48.49 9.28 -31.95
C ASP B 115 -49.63 9.85 -32.77
N TYR B 116 -49.35 10.88 -33.58
CA TYR B 116 -50.40 11.54 -34.33
C TYR B 116 -50.66 10.78 -35.61
N TRP B 117 -51.81 10.12 -35.69
CA TRP B 117 -52.16 9.26 -36.81
C TRP B 117 -53.31 9.87 -37.58
N GLY B 118 -53.23 9.77 -38.90
CA GLY B 118 -54.24 10.34 -39.76
C GLY B 118 -55.49 9.50 -39.78
N GLN B 119 -56.43 9.93 -40.63
CA GLN B 119 -57.72 9.28 -40.78
C GLN B 119 -57.63 7.99 -41.55
N GLY B 120 -56.79 7.95 -42.58
CA GLY B 120 -56.64 6.76 -43.39
C GLY B 120 -57.43 6.89 -44.69
N THR B 121 -56.92 6.29 -45.75
CA THR B 121 -57.58 6.26 -47.04
C THR B 121 -57.57 4.84 -47.58
N LEU B 122 -58.67 4.45 -48.21
CA LEU B 122 -58.82 3.12 -48.76
C LEU B 122 -58.40 3.14 -50.23
N VAL B 123 -57.45 2.27 -50.58
CA VAL B 123 -57.04 2.08 -51.97
C VAL B 123 -57.27 0.62 -52.34
N THR B 124 -58.02 0.40 -53.41
CA THR B 124 -58.32 -0.94 -53.89
C THR B 124 -57.70 -1.13 -55.27
N VAL B 125 -56.98 -2.22 -55.45
CA VAL B 125 -56.32 -2.51 -56.72
C VAL B 125 -57.11 -3.49 -57.57
N SER B 126 -58.21 -4.03 -57.08
CA SER B 126 -58.92 -5.10 -57.78
C SER B 126 -59.41 -4.65 -59.14
N SER B 127 -59.32 -5.55 -60.11
CA SER B 127 -59.81 -5.31 -61.46
C SER B 127 -61.29 -5.70 -61.53
N ALA B 128 -61.84 -5.77 -62.74
CA ALA B 128 -63.24 -6.05 -62.97
C ALA B 128 -64.12 -5.07 -62.21
N SER B 129 -63.86 -3.79 -62.43
CA SER B 129 -64.46 -2.70 -61.69
C SER B 129 -65.71 -2.20 -62.41
N THR B 130 -66.48 -1.36 -61.70
CA THR B 130 -67.66 -0.70 -62.25
C THR B 130 -68.68 -1.71 -62.77
N LYS B 131 -69.19 -2.52 -61.86
CA LYS B 131 -70.24 -3.48 -62.16
C LYS B 131 -71.32 -3.40 -61.10
N GLY B 132 -72.54 -3.79 -61.47
CA GLY B 132 -73.67 -3.71 -60.58
C GLY B 132 -73.55 -4.67 -59.42
N PRO B 133 -74.39 -4.47 -58.39
CA PRO B 133 -74.36 -5.40 -57.25
C PRO B 133 -74.72 -6.83 -57.62
N SER B 134 -75.64 -7.02 -58.56
CA SER B 134 -76.08 -8.35 -58.97
C SER B 134 -76.46 -9.20 -57.75
N VAL B 135 -77.25 -8.60 -56.85
CA VAL B 135 -77.57 -9.27 -55.60
C VAL B 135 -78.39 -10.54 -55.86
N PHE B 136 -78.40 -11.42 -54.88
CA PHE B 136 -79.12 -12.67 -54.95
C PHE B 136 -80.37 -12.58 -54.09
N PRO B 137 -81.56 -12.66 -54.68
CA PRO B 137 -82.77 -12.74 -53.84
C PRO B 137 -82.88 -14.08 -53.12
N LEU B 138 -82.12 -14.22 -52.04
CA LEU B 138 -82.17 -15.41 -51.19
C LEU B 138 -83.50 -15.39 -50.44
N ALA B 139 -84.46 -16.17 -50.92
CA ALA B 139 -85.78 -16.25 -50.31
C ALA B 139 -85.99 -17.64 -49.76
N PRO B 140 -85.67 -17.90 -48.50
CA PRO B 140 -85.73 -19.26 -47.98
C PRO B 140 -87.16 -19.72 -47.76
N SER B 141 -87.45 -20.95 -48.18
CA SER B 141 -88.64 -21.62 -47.68
C SER B 141 -88.47 -21.87 -46.19
N SER B 142 -89.45 -21.41 -45.42
CA SER B 142 -89.21 -21.34 -43.98
C SER B 142 -89.16 -22.73 -43.37
N LYS B 143 -90.29 -23.43 -43.33
CA LYS B 143 -90.37 -24.83 -42.94
C LYS B 143 -89.67 -25.11 -41.60
N SER B 144 -89.33 -24.07 -40.85
CA SER B 144 -88.54 -24.20 -39.64
C SER B 144 -88.94 -23.23 -38.54
N THR B 145 -90.09 -22.55 -38.63
CA THR B 145 -90.40 -21.44 -37.74
C THR B 145 -90.72 -21.97 -36.35
N SER B 146 -89.65 -22.29 -35.60
CA SER B 146 -89.80 -22.78 -34.24
C SER B 146 -89.95 -21.67 -33.23
N GLY B 147 -89.49 -20.46 -33.54
CA GLY B 147 -89.62 -19.34 -32.64
C GLY B 147 -88.31 -18.75 -32.18
N GLY B 148 -88.05 -17.50 -32.57
CA GLY B 148 -86.80 -16.85 -32.23
C GLY B 148 -85.60 -17.51 -32.84
N THR B 149 -85.80 -18.40 -33.80
CA THR B 149 -84.72 -19.12 -34.44
C THR B 149 -84.84 -19.13 -35.96
N ALA B 150 -85.94 -18.64 -36.52
CA ALA B 150 -86.13 -18.63 -37.96
C ALA B 150 -85.13 -17.66 -38.58
N ALA B 151 -84.15 -18.21 -39.29
CA ALA B 151 -83.07 -17.44 -39.88
C ALA B 151 -83.44 -17.08 -41.31
N LEU B 152 -83.59 -15.78 -41.57
CA LEU B 152 -83.80 -15.28 -42.91
C LEU B 152 -82.52 -14.64 -43.43
N GLY B 153 -82.45 -14.47 -44.75
CA GLY B 153 -81.23 -13.98 -45.35
C GLY B 153 -81.49 -13.21 -46.63
N CYS B 154 -80.50 -12.37 -46.97
CA CYS B 154 -80.51 -11.58 -48.21
C CYS B 154 -79.07 -11.64 -48.75
N LEU B 155 -78.79 -12.66 -49.56
CA LEU B 155 -77.43 -12.88 -50.05
C LEU B 155 -77.08 -11.85 -51.12
N VAL B 156 -75.83 -11.40 -51.09
CA VAL B 156 -75.28 -10.51 -52.10
C VAL B 156 -74.08 -11.21 -52.74
N LYS B 157 -74.10 -11.32 -54.06
CA LYS B 157 -73.10 -12.10 -54.78
C LYS B 157 -72.48 -11.24 -55.88
N ASP B 158 -71.21 -11.52 -56.16
CA ASP B 158 -70.42 -10.92 -57.24
C ASP B 158 -70.68 -9.41 -57.39
N TYR B 159 -70.60 -8.71 -56.27
CA TYR B 159 -70.88 -7.28 -56.25
C TYR B 159 -69.60 -6.46 -56.12
N PHE B 160 -69.62 -5.29 -56.74
CA PHE B 160 -68.47 -4.40 -56.89
C PHE B 160 -67.95 -4.00 -55.51
N PRO B 161 -66.65 -4.14 -55.24
CA PRO B 161 -66.12 -3.75 -53.93
C PRO B 161 -66.50 -2.33 -53.52
N GLU B 162 -67.27 -2.25 -52.44
CA GLU B 162 -67.68 -0.97 -51.84
C GLU B 162 -68.45 -1.28 -50.56
N PRO B 163 -68.58 -0.30 -49.66
CA PRO B 163 -69.44 -0.49 -48.48
C PRO B 163 -70.91 -0.52 -48.87
N VAL B 164 -71.55 -1.66 -48.65
CA VAL B 164 -72.95 -1.88 -49.02
C VAL B 164 -73.69 -2.39 -47.80
N THR B 165 -74.84 -1.80 -47.50
CA THR B 165 -75.64 -2.21 -46.35
C THR B 165 -76.73 -3.20 -46.78
N VAL B 166 -77.24 -3.94 -45.81
CA VAL B 166 -78.39 -4.82 -46.00
C VAL B 166 -79.43 -4.45 -44.95
N SER B 167 -80.67 -4.26 -45.37
CA SER B 167 -81.74 -3.86 -44.48
C SER B 167 -82.76 -4.97 -44.31
N TRP B 168 -83.60 -4.83 -43.30
CA TRP B 168 -84.66 -5.80 -43.00
C TRP B 168 -85.87 -5.00 -42.52
N ASN B 169 -86.86 -4.84 -43.39
CA ASN B 169 -87.97 -3.90 -43.17
C ASN B 169 -87.43 -2.50 -42.88
N SER B 170 -86.48 -2.08 -43.73
CA SER B 170 -85.72 -0.85 -43.54
C SER B 170 -85.12 -0.79 -42.14
N GLY B 171 -84.59 -1.93 -41.69
CA GLY B 171 -83.97 -2.03 -40.38
C GLY B 171 -84.93 -2.16 -39.22
N ALA B 172 -86.22 -2.37 -39.47
CA ALA B 172 -87.17 -2.48 -38.37
C ALA B 172 -86.95 -3.78 -37.59
N LEU B 173 -86.84 -4.91 -38.29
CA LEU B 173 -86.63 -6.21 -37.65
C LEU B 173 -85.12 -6.42 -37.54
N THR B 174 -84.52 -5.82 -36.52
CA THR B 174 -83.08 -5.87 -36.33
C THR B 174 -82.67 -6.77 -35.18
N SER B 175 -83.63 -7.34 -34.44
CA SER B 175 -83.28 -8.27 -33.38
C SER B 175 -82.59 -9.50 -33.94
N GLY B 176 -81.45 -9.86 -33.36
CA GLY B 176 -80.67 -10.97 -33.86
C GLY B 176 -80.10 -10.75 -35.24
N VAL B 177 -79.72 -9.51 -35.57
CA VAL B 177 -79.13 -9.24 -36.87
C VAL B 177 -77.72 -9.79 -36.92
N HIS B 178 -77.37 -10.41 -38.04
CA HIS B 178 -76.04 -11.00 -38.22
C HIS B 178 -75.49 -10.65 -39.59
N THR B 179 -75.59 -9.37 -39.97
CA THR B 179 -75.06 -8.93 -41.25
C THR B 179 -73.54 -9.06 -41.25
N PHE B 180 -73.01 -9.79 -42.22
CA PHE B 180 -71.60 -10.12 -42.09
C PHE B 180 -70.74 -9.16 -42.89
N PRO B 181 -69.47 -9.00 -42.50
CA PRO B 181 -68.56 -8.20 -43.32
C PRO B 181 -68.34 -8.87 -44.67
N ALA B 182 -68.13 -8.03 -45.69
CA ALA B 182 -67.96 -8.55 -47.04
C ALA B 182 -66.69 -9.37 -47.16
N VAL B 183 -66.77 -10.46 -47.93
CA VAL B 183 -65.64 -11.34 -48.17
C VAL B 183 -65.50 -11.53 -49.67
N LEU B 184 -64.27 -11.46 -50.16
CA LEU B 184 -63.98 -11.62 -51.58
C LEU B 184 -64.56 -12.92 -52.12
N GLN B 185 -65.48 -12.80 -53.08
CA GLN B 185 -66.06 -13.98 -53.69
C GLN B 185 -65.06 -14.57 -54.66
N SER B 186 -64.07 -15.30 -54.13
CA SER B 186 -63.12 -16.06 -54.93
C SER B 186 -62.39 -15.19 -55.94
N SER B 187 -62.88 -15.17 -57.19
CA SER B 187 -62.14 -14.60 -58.30
C SER B 187 -61.92 -13.09 -58.18
N GLY B 188 -62.98 -12.30 -58.31
CA GLY B 188 -62.77 -10.87 -58.43
C GLY B 188 -63.72 -9.94 -57.69
N LEU B 189 -64.74 -10.49 -57.05
CA LEU B 189 -65.74 -9.66 -56.40
C LEU B 189 -65.86 -10.04 -54.92
N TYR B 190 -66.64 -9.26 -54.19
CA TYR B 190 -66.96 -9.55 -52.80
C TYR B 190 -68.34 -10.18 -52.72
N SER B 191 -68.66 -10.69 -51.53
CA SER B 191 -69.97 -11.28 -51.28
C SER B 191 -70.27 -11.21 -49.78
N LEU B 192 -71.56 -11.13 -49.45
CA LEU B 192 -72.00 -11.05 -48.07
C LEU B 192 -73.48 -11.39 -47.99
N SER B 193 -73.94 -11.68 -46.77
CA SER B 193 -75.32 -12.02 -46.51
C SER B 193 -75.74 -11.37 -45.19
N SER B 194 -76.89 -11.79 -44.67
CA SER B 194 -77.36 -11.31 -43.38
C SER B 194 -78.35 -12.31 -42.80
N VAL B 195 -78.50 -12.27 -41.48
CA VAL B 195 -79.41 -13.15 -40.76
C VAL B 195 -80.16 -12.36 -39.70
N VAL B 196 -81.45 -12.65 -39.57
CA VAL B 196 -82.27 -12.18 -38.44
C VAL B 196 -83.08 -13.36 -37.92
N THR B 197 -83.58 -13.22 -36.71
CA THR B 197 -84.39 -14.24 -36.05
C THR B 197 -85.77 -13.70 -35.75
N VAL B 198 -86.79 -14.49 -36.10
CA VAL B 198 -88.17 -14.07 -35.89
C VAL B 198 -88.91 -15.15 -35.10
N PRO B 199 -89.95 -14.79 -34.34
CA PRO B 199 -90.66 -15.77 -33.51
C PRO B 199 -91.45 -16.79 -34.33
N SER B 200 -92.15 -17.67 -33.63
CA SER B 200 -92.96 -18.69 -34.30
C SER B 200 -94.38 -18.19 -34.55
N SER B 201 -94.90 -17.36 -33.64
CA SER B 201 -96.28 -16.89 -33.76
C SER B 201 -96.51 -16.17 -35.08
N SER B 202 -95.50 -15.42 -35.56
CA SER B 202 -95.61 -14.78 -36.86
C SER B 202 -95.38 -15.76 -38.00
N LEU B 203 -94.83 -16.94 -37.71
CA LEU B 203 -94.49 -17.92 -38.73
C LEU B 203 -93.65 -17.28 -39.84
N GLY B 204 -94.20 -17.22 -41.03
CA GLY B 204 -93.54 -16.55 -42.14
C GLY B 204 -94.48 -15.61 -42.87
N THR B 205 -95.76 -15.60 -42.45
CA THR B 205 -96.72 -14.70 -43.06
C THR B 205 -96.43 -13.24 -42.74
N GLN B 206 -95.62 -12.98 -41.70
CA GLN B 206 -95.17 -11.61 -41.45
C GLN B 206 -94.32 -11.13 -42.61
N THR B 207 -94.50 -9.87 -42.98
CA THR B 207 -93.88 -9.31 -44.18
C THR B 207 -92.48 -8.78 -43.81
N TYR B 208 -91.46 -9.47 -44.30
CA TYR B 208 -90.08 -9.02 -44.14
C TYR B 208 -89.55 -8.49 -45.46
N ILE B 209 -89.01 -7.28 -45.43
CA ILE B 209 -88.59 -6.55 -46.62
C ILE B 209 -87.08 -6.35 -46.56
N CYS B 210 -86.39 -6.71 -47.63
CA CYS B 210 -84.95 -6.52 -47.75
C CYS B 210 -84.67 -5.30 -48.60
N ASN B 211 -83.57 -4.61 -48.30
CA ASN B 211 -83.17 -3.44 -49.07
C ASN B 211 -81.64 -3.43 -49.19
N VAL B 212 -81.15 -3.14 -50.40
CA VAL B 212 -79.73 -3.10 -50.66
C VAL B 212 -79.40 -1.75 -51.31
N ASN B 213 -78.15 -1.34 -51.16
CA ASN B 213 -77.71 -0.01 -51.58
C ASN B 213 -76.30 -0.15 -52.14
N HIS B 214 -76.19 -0.14 -53.47
CA HIS B 214 -74.90 -0.17 -54.15
C HIS B 214 -74.55 1.26 -54.60
N LYS B 215 -74.24 2.09 -53.60
CA LYS B 215 -74.16 3.54 -53.83
C LYS B 215 -73.08 3.95 -54.83
N PRO B 216 -71.82 3.50 -54.72
CA PRO B 216 -70.80 3.98 -55.68
C PRO B 216 -71.16 3.69 -57.13
N SER B 217 -71.81 2.56 -57.40
CA SER B 217 -72.29 2.25 -58.74
C SER B 217 -73.69 2.79 -59.01
N ASN B 218 -74.25 3.55 -58.06
CA ASN B 218 -75.55 4.21 -58.21
C ASN B 218 -76.65 3.18 -58.43
N THR B 219 -76.71 2.21 -57.53
CA THR B 219 -77.73 1.17 -57.55
C THR B 219 -78.35 1.03 -56.18
N LYS B 220 -79.68 0.98 -56.13
CA LYS B 220 -80.41 0.77 -54.88
C LYS B 220 -81.55 -0.19 -55.18
N VAL B 221 -81.43 -1.42 -54.70
CA VAL B 221 -82.39 -2.48 -54.99
C VAL B 221 -83.18 -2.79 -53.72
N ASP B 222 -84.49 -2.67 -53.81
CA ASP B 222 -85.40 -3.01 -52.72
C ASP B 222 -85.98 -4.40 -53.00
N LYS B 223 -85.80 -5.31 -52.04
CA LYS B 223 -86.20 -6.70 -52.22
C LYS B 223 -87.22 -7.07 -51.15
N LYS B 224 -87.60 -8.35 -51.16
CA LYS B 224 -88.57 -8.88 -50.20
C LYS B 224 -88.37 -10.38 -50.10
N VAL B 225 -88.95 -10.97 -49.05
CA VAL B 225 -88.89 -12.40 -48.82
C VAL B 225 -90.26 -12.88 -48.34
N GLU B 226 -90.76 -13.93 -48.96
CA GLU B 226 -91.97 -14.61 -48.52
C GLU B 226 -91.75 -16.11 -48.64
N PRO B 227 -92.21 -16.89 -47.65
CA PRO B 227 -92.06 -18.35 -47.65
C PRO B 227 -92.69 -19.02 -48.87
N GLN C 1 -36.47 -10.47 -35.21
CA GLN C 1 -36.82 -9.68 -36.38
C GLN C 1 -38.30 -9.80 -36.69
N MET C 2 -38.82 -11.03 -36.65
CA MET C 2 -40.22 -11.26 -36.97
C MET C 2 -41.14 -10.66 -35.93
N THR C 3 -40.67 -10.57 -34.67
CA THR C 3 -41.42 -9.99 -33.56
C THR C 3 -42.80 -10.61 -33.42
N GLN C 4 -42.81 -11.91 -33.18
CA GLN C 4 -44.06 -12.66 -33.04
C GLN C 4 -44.65 -12.45 -31.65
N SER C 5 -45.97 -12.44 -31.57
CA SER C 5 -46.71 -12.34 -30.33
C SER C 5 -47.86 -13.34 -30.37
N PRO C 6 -48.35 -13.77 -29.21
CA PRO C 6 -49.51 -14.69 -29.19
C PRO C 6 -50.74 -13.98 -29.72
N SER C 7 -51.29 -14.51 -30.81
CA SER C 7 -52.32 -13.78 -31.56
C SER C 7 -53.62 -13.69 -30.77
N SER C 8 -54.09 -14.81 -30.22
CA SER C 8 -55.39 -14.86 -29.56
C SER C 8 -55.19 -14.88 -28.05
N LEU C 9 -55.83 -13.93 -27.37
CA LEU C 9 -55.87 -13.92 -25.91
C LEU C 9 -57.26 -13.53 -25.46
N SER C 10 -57.74 -14.18 -24.41
CA SER C 10 -59.04 -13.90 -23.82
C SER C 10 -58.87 -13.54 -22.34
N ALA C 11 -59.63 -12.56 -21.89
CA ALA C 11 -59.56 -12.11 -20.50
C ALA C 11 -60.94 -11.63 -20.09
N SER C 12 -61.01 -10.96 -18.94
CA SER C 12 -62.26 -10.47 -18.39
C SER C 12 -62.05 -9.09 -17.78
N VAL C 13 -63.14 -8.41 -17.51
CA VAL C 13 -63.06 -7.08 -16.91
C VAL C 13 -62.52 -7.20 -15.49
N GLY C 14 -61.53 -6.38 -15.16
CA GLY C 14 -60.87 -6.43 -13.88
C GLY C 14 -59.67 -7.36 -13.82
N ASP C 15 -59.39 -8.08 -14.89
CA ASP C 15 -58.27 -9.01 -14.93
C ASP C 15 -56.97 -8.31 -15.29
N ARG C 16 -55.86 -8.98 -15.02
CA ARG C 16 -54.53 -8.52 -15.39
C ARG C 16 -54.02 -9.36 -16.54
N VAL C 17 -53.70 -8.72 -17.67
CA VAL C 17 -53.32 -9.41 -18.90
C VAL C 17 -51.90 -9.05 -19.26
N THR C 18 -51.21 -9.97 -19.92
CA THR C 18 -49.87 -9.74 -20.41
C THR C 18 -49.77 -10.21 -21.85
N ILE C 19 -48.84 -9.60 -22.60
CA ILE C 19 -48.61 -9.93 -24.00
C ILE C 19 -47.11 -9.86 -24.25
N THR C 20 -46.49 -11.02 -24.49
CA THR C 20 -45.08 -11.05 -24.80
C THR C 20 -44.85 -10.66 -26.26
N CYS C 21 -43.66 -10.15 -26.54
CA CYS C 21 -43.29 -9.78 -27.90
C CYS C 21 -41.81 -10.12 -28.08
N ARG C 22 -41.54 -11.20 -28.81
CA ARG C 22 -40.17 -11.63 -29.04
C ARG C 22 -39.44 -10.65 -29.96
N ALA C 23 -38.12 -10.65 -29.86
CA ALA C 23 -37.29 -9.75 -30.67
C ALA C 23 -35.87 -10.29 -30.73
N SER C 24 -35.11 -9.77 -31.68
CA SER C 24 -33.69 -10.12 -31.83
C SER C 24 -32.96 -8.89 -32.40
N GLN C 25 -32.38 -8.09 -31.51
CA GLN C 25 -31.67 -6.89 -31.91
C GLN C 25 -30.62 -6.57 -30.85
N SER C 26 -30.03 -5.37 -30.96
CA SER C 26 -28.95 -4.95 -30.09
C SER C 26 -29.50 -4.28 -28.84
N VAL C 27 -28.62 -3.65 -28.06
CA VAL C 27 -29.03 -3.03 -26.80
C VAL C 27 -29.91 -1.81 -27.05
N SER C 28 -29.70 -1.10 -28.17
CA SER C 28 -30.42 0.14 -28.46
C SER C 28 -31.80 -0.11 -29.04
N SER C 29 -32.37 -1.29 -28.84
CA SER C 29 -33.71 -1.58 -29.34
C SER C 29 -34.76 -1.03 -28.40
N ALA C 30 -35.73 -0.31 -28.96
CA ALA C 30 -36.83 0.28 -28.21
C ALA C 30 -38.14 -0.12 -28.85
N VAL C 31 -39.14 -0.43 -28.02
CA VAL C 31 -40.42 -0.94 -28.49
C VAL C 31 -41.53 0.00 -28.05
N ALA C 32 -42.63 -0.02 -28.79
CA ALA C 32 -43.74 0.88 -28.53
C ALA C 32 -44.98 0.29 -29.17
N TRP C 33 -45.99 -0.03 -28.37
CA TRP C 33 -47.18 -0.70 -28.87
C TRP C 33 -48.40 0.19 -28.74
N TYR C 34 -49.38 -0.06 -29.61
CA TYR C 34 -50.57 0.77 -29.74
C TYR C 34 -51.82 -0.05 -29.50
N GLN C 35 -52.77 0.54 -28.77
CA GLN C 35 -54.10 -0.04 -28.59
C GLN C 35 -54.93 0.35 -29.80
N GLN C 36 -54.85 -0.47 -30.84
CA GLN C 36 -55.58 -0.19 -32.08
C GLN C 36 -57.05 -0.49 -31.85
N LYS C 37 -57.86 0.55 -31.71
CA LYS C 37 -59.29 0.37 -31.63
C LYS C 37 -59.77 -0.30 -32.91
N PRO C 38 -60.70 -1.25 -32.83
CA PRO C 38 -61.06 -2.03 -34.04
C PRO C 38 -61.71 -1.23 -35.15
N GLY C 39 -61.97 0.05 -34.95
CA GLY C 39 -62.68 0.80 -35.96
C GLY C 39 -61.97 1.97 -36.61
N LYS C 40 -61.13 2.70 -35.88
CA LYS C 40 -60.66 3.99 -36.39
C LYS C 40 -59.16 4.03 -36.65
N ALA C 41 -58.32 3.82 -35.64
CA ALA C 41 -56.89 4.05 -35.79
C ALA C 41 -56.14 3.65 -34.53
N PRO C 42 -54.90 3.18 -34.65
CA PRO C 42 -54.12 2.87 -33.45
C PRO C 42 -53.70 4.12 -32.69
N LYS C 43 -53.40 3.93 -31.41
CA LYS C 43 -52.99 5.02 -30.54
C LYS C 43 -51.82 4.56 -29.70
N LEU C 44 -50.76 5.36 -29.67
CA LEU C 44 -49.57 5.00 -28.90
C LEU C 44 -49.84 5.07 -27.41
N LEU C 45 -49.29 4.11 -26.65
CA LEU C 45 -49.41 4.15 -25.20
C LEU C 45 -48.15 3.69 -24.46
N ILE C 46 -47.00 3.64 -25.12
CA ILE C 46 -45.74 3.32 -24.46
C ILE C 46 -44.61 3.73 -25.38
N TYR C 47 -43.48 4.17 -24.81
CA TYR C 47 -42.39 4.69 -25.61
C TYR C 47 -41.26 3.72 -25.84
N SER C 48 -40.56 3.31 -24.78
CA SER C 48 -39.71 2.14 -24.82
C SER C 48 -39.97 1.29 -23.57
N ALA C 49 -40.14 1.97 -22.44
CA ALA C 49 -40.61 1.34 -21.21
C ALA C 49 -41.56 2.24 -20.43
N SER C 50 -41.92 3.40 -20.97
CA SER C 50 -42.74 4.37 -20.27
C SER C 50 -43.89 4.79 -21.18
N SER C 51 -44.98 5.21 -20.55
CA SER C 51 -46.22 5.51 -21.26
C SER C 51 -46.18 6.88 -21.91
N LEU C 52 -47.07 7.08 -22.87
CA LEU C 52 -47.26 8.41 -23.45
C LEU C 52 -47.84 9.35 -22.41
N TYR C 53 -47.41 10.61 -22.46
CA TYR C 53 -47.78 11.55 -21.42
C TYR C 53 -49.28 11.80 -21.39
N SER C 54 -49.91 11.96 -22.54
CA SER C 54 -51.30 12.38 -22.57
C SER C 54 -52.26 11.21 -22.35
N GLY C 55 -52.26 10.25 -23.27
CA GLY C 55 -53.27 9.22 -23.23
C GLY C 55 -52.87 7.95 -22.53
N VAL C 56 -53.24 7.83 -21.25
CA VAL C 56 -53.09 6.58 -20.49
C VAL C 56 -53.89 6.71 -19.20
N PRO C 57 -54.77 5.77 -18.89
CA PRO C 57 -55.42 5.81 -17.57
C PRO C 57 -54.59 5.09 -16.51
N SER C 58 -53.28 5.31 -16.53
CA SER C 58 -52.35 4.70 -15.57
C SER C 58 -52.48 3.19 -15.52
N ARG C 59 -53.01 2.56 -16.57
CA ARG C 59 -53.20 1.11 -16.59
C ARG C 59 -52.09 0.40 -17.35
N PHE C 60 -51.90 0.74 -18.62
CA PHE C 60 -50.95 0.04 -19.46
C PHE C 60 -49.52 0.38 -19.06
N SER C 61 -48.70 -0.65 -18.85
CA SER C 61 -47.30 -0.47 -18.52
C SER C 61 -46.58 -1.76 -18.87
N GLY C 62 -45.26 -1.66 -19.00
CA GLY C 62 -44.49 -2.84 -19.34
C GLY C 62 -43.01 -2.56 -19.23
N SER C 63 -42.22 -3.59 -19.53
CA SER C 63 -40.77 -3.49 -19.51
C SER C 63 -40.20 -4.51 -20.48
N ARG C 64 -38.88 -4.60 -20.50
CA ARG C 64 -38.16 -5.54 -21.34
C ARG C 64 -37.64 -6.70 -20.50
N SER C 65 -37.93 -7.92 -20.93
CA SER C 65 -37.44 -9.14 -20.28
C SER C 65 -36.51 -9.82 -21.28
N GLY C 66 -35.25 -9.44 -21.26
CA GLY C 66 -34.31 -9.97 -22.23
C GLY C 66 -34.70 -9.53 -23.62
N THR C 67 -34.98 -10.49 -24.49
CA THR C 67 -35.46 -10.20 -25.84
C THR C 67 -36.98 -10.23 -25.93
N ASP C 68 -37.68 -10.40 -24.82
CA ASP C 68 -39.13 -10.43 -24.80
C ASP C 68 -39.67 -9.21 -24.05
N PHE C 69 -40.66 -8.55 -24.64
CA PHE C 69 -41.27 -7.37 -24.07
C PHE C 69 -42.72 -7.66 -23.75
N THR C 70 -43.15 -7.25 -22.56
CA THR C 70 -44.47 -7.61 -22.05
C THR C 70 -45.19 -6.36 -21.56
N LEU C 71 -46.50 -6.51 -21.36
CA LEU C 71 -47.36 -5.44 -20.87
C LEU C 71 -48.05 -5.88 -19.59
N THR C 72 -48.12 -4.97 -18.63
CA THR C 72 -48.83 -5.20 -17.37
C THR C 72 -49.98 -4.20 -17.31
N ILE C 73 -51.11 -4.56 -17.90
CA ILE C 73 -52.30 -3.73 -17.88
C ILE C 73 -53.06 -4.00 -16.58
N SER C 74 -53.63 -2.95 -16.01
CA SER C 74 -54.33 -3.05 -14.74
C SER C 74 -55.72 -3.67 -14.98
N SER C 75 -56.59 -3.56 -13.98
CA SER C 75 -57.95 -4.07 -14.11
C SER C 75 -58.59 -3.59 -15.41
N LEU C 76 -59.09 -4.53 -16.19
CA LEU C 76 -59.56 -4.23 -17.53
C LEU C 76 -60.79 -3.32 -17.48
N GLN C 77 -61.00 -2.62 -18.58
CA GLN C 77 -62.07 -1.65 -18.71
C GLN C 77 -62.88 -1.96 -19.96
N PRO C 78 -64.15 -1.54 -20.01
CA PRO C 78 -64.98 -1.86 -21.18
C PRO C 78 -64.43 -1.30 -22.48
N GLU C 79 -63.75 -0.15 -22.45
CA GLU C 79 -63.30 0.50 -23.66
C GLU C 79 -61.91 0.05 -24.12
N ASP C 80 -61.24 -0.81 -23.36
CA ASP C 80 -59.90 -1.24 -23.70
C ASP C 80 -59.86 -2.52 -24.52
N PHE C 81 -61.01 -3.13 -24.79
CA PHE C 81 -61.07 -4.38 -25.56
C PHE C 81 -60.88 -4.03 -27.03
N ALA C 82 -59.64 -4.15 -27.50
CA ALA C 82 -59.31 -3.84 -28.87
C ALA C 82 -58.09 -4.66 -29.27
N THR C 83 -57.49 -4.31 -30.41
CA THR C 83 -56.33 -5.01 -30.94
C THR C 83 -55.06 -4.30 -30.49
N TYR C 84 -54.13 -5.05 -29.92
CA TYR C 84 -52.90 -4.50 -29.38
C TYR C 84 -51.73 -5.07 -30.17
N TYR C 85 -50.88 -4.18 -30.67
CA TYR C 85 -49.80 -4.51 -31.58
C TYR C 85 -48.47 -4.49 -30.84
N CYS C 86 -47.38 -4.62 -31.60
CA CYS C 86 -46.04 -4.49 -31.06
C CYS C 86 -45.11 -4.09 -32.17
N GLN C 87 -44.08 -3.32 -31.82
CA GLN C 87 -43.13 -2.86 -32.83
C GLN C 87 -41.77 -2.67 -32.18
N GLN C 88 -40.73 -2.68 -33.01
CA GLN C 88 -39.38 -2.49 -32.53
C GLN C 88 -38.61 -1.69 -33.57
N PHE C 89 -37.72 -0.83 -33.10
CA PHE C 89 -37.01 0.14 -33.95
C PHE C 89 -35.54 -0.23 -34.04
N SER C 90 -35.14 -0.76 -35.20
CA SER C 90 -33.73 -0.94 -35.50
C SER C 90 -33.24 0.23 -36.34
N GLN C 91 -32.07 0.09 -36.96
CA GLN C 91 -31.51 1.19 -37.74
C GLN C 91 -32.27 1.34 -39.05
N ARG C 92 -33.33 2.13 -39.02
CA ARG C 92 -34.24 2.34 -40.15
C ARG C 92 -34.81 1.00 -40.64
N LEU C 93 -35.56 0.38 -39.74
CA LEU C 93 -36.40 -0.77 -40.08
C LEU C 93 -37.51 -0.84 -39.05
N VAL C 94 -38.70 -0.40 -39.45
CA VAL C 94 -39.88 -0.43 -38.60
C VAL C 94 -40.54 -1.79 -38.82
N THR C 95 -40.52 -2.63 -37.79
CA THR C 95 -41.17 -3.92 -37.83
C THR C 95 -42.39 -3.89 -36.92
N PHE C 96 -43.48 -4.51 -37.35
CA PHE C 96 -44.71 -4.57 -36.59
C PHE C 96 -45.02 -6.01 -36.21
N GLY C 97 -45.55 -6.20 -35.02
CA GLY C 97 -45.96 -7.52 -34.60
C GLY C 97 -47.21 -7.97 -35.32
N GLN C 98 -47.50 -9.27 -35.19
CA GLN C 98 -48.71 -9.81 -35.79
C GLN C 98 -49.97 -9.28 -35.13
N GLY C 99 -49.88 -8.78 -33.91
CA GLY C 99 -51.03 -8.18 -33.27
C GLY C 99 -51.82 -9.19 -32.47
N THR C 100 -52.41 -8.71 -31.38
CA THR C 100 -53.20 -9.53 -30.48
C THR C 100 -54.56 -8.88 -30.28
N LYS C 101 -55.55 -9.70 -29.96
CA LYS C 101 -56.92 -9.24 -29.74
C LYS C 101 -57.32 -9.53 -28.31
N VAL C 102 -58.04 -8.59 -27.70
CA VAL C 102 -58.46 -8.68 -26.31
C VAL C 102 -59.98 -8.60 -26.25
N GLU C 103 -60.60 -9.57 -25.60
CA GLU C 103 -62.06 -9.63 -25.50
C GLU C 103 -62.44 -10.28 -24.17
N ILE C 104 -63.75 -10.27 -23.89
CA ILE C 104 -64.26 -10.82 -22.64
C ILE C 104 -64.18 -12.35 -22.67
N LYS C 105 -64.28 -12.95 -21.49
CA LYS C 105 -64.31 -14.40 -21.32
C LYS C 105 -65.62 -14.79 -20.66
N ARG C 106 -66.34 -15.73 -21.26
CA ARG C 106 -67.66 -16.13 -20.75
C ARG C 106 -67.96 -17.55 -21.25
N THR C 107 -69.22 -17.96 -21.11
CA THR C 107 -69.63 -19.34 -21.30
C THR C 107 -70.11 -19.58 -22.74
N VAL C 108 -70.62 -20.79 -22.96
CA VAL C 108 -70.92 -21.27 -24.30
C VAL C 108 -72.42 -21.44 -24.46
N ALA C 109 -72.86 -21.66 -25.70
CA ALA C 109 -74.26 -21.95 -26.00
C ALA C 109 -74.32 -22.76 -27.30
N ALA C 110 -75.53 -22.95 -27.83
CA ALA C 110 -75.76 -23.79 -28.99
C ALA C 110 -76.48 -23.02 -30.09
N PRO C 111 -75.94 -23.01 -31.31
CA PRO C 111 -76.57 -22.26 -32.41
C PRO C 111 -77.76 -22.98 -33.04
N SER C 112 -78.33 -22.38 -34.08
CA SER C 112 -79.37 -22.99 -34.90
C SER C 112 -79.06 -22.75 -36.36
N VAL C 113 -78.71 -23.81 -37.07
CA VAL C 113 -78.10 -23.71 -38.40
C VAL C 113 -79.13 -24.10 -39.45
N PHE C 114 -79.15 -23.34 -40.55
CA PHE C 114 -79.99 -23.66 -41.71
C PHE C 114 -79.14 -23.94 -42.93
N ILE C 115 -79.80 -24.44 -43.96
CA ILE C 115 -79.22 -24.62 -45.28
C ILE C 115 -80.10 -23.88 -46.27
N PHE C 116 -79.54 -22.88 -46.95
CA PHE C 116 -80.31 -22.13 -47.93
C PHE C 116 -79.87 -22.56 -49.32
N PRO C 117 -80.68 -23.31 -50.06
CA PRO C 117 -80.29 -23.75 -51.40
C PRO C 117 -80.51 -22.64 -52.42
N PRO C 118 -79.70 -22.59 -53.48
CA PRO C 118 -79.81 -21.50 -54.45
C PRO C 118 -81.17 -21.49 -55.13
N SER C 119 -81.66 -20.28 -55.41
CA SER C 119 -82.91 -20.13 -56.15
C SER C 119 -82.66 -20.38 -57.63
N ASP C 120 -83.72 -20.26 -58.42
CA ASP C 120 -83.61 -20.49 -59.86
C ASP C 120 -82.68 -19.47 -60.51
N SER C 121 -82.57 -18.26 -59.94
CA SER C 121 -81.71 -17.24 -60.51
C SER C 121 -80.26 -17.71 -60.57
N GLN C 122 -79.75 -18.28 -59.48
CA GLN C 122 -78.42 -18.86 -59.52
C GLN C 122 -78.38 -20.13 -60.34
N LEU C 123 -79.47 -20.89 -60.33
CA LEU C 123 -79.47 -22.19 -61.00
C LEU C 123 -79.35 -22.05 -62.51
N LYS C 124 -79.87 -20.97 -63.08
CA LYS C 124 -79.69 -20.74 -64.52
C LYS C 124 -78.32 -20.15 -64.84
N SER C 125 -77.58 -19.70 -63.83
CA SER C 125 -76.27 -19.11 -64.05
C SER C 125 -75.14 -20.15 -64.04
N GLY C 126 -75.34 -21.27 -63.36
CA GLY C 126 -74.33 -22.32 -63.33
C GLY C 126 -73.45 -22.32 -62.10
N THR C 127 -73.95 -21.84 -60.96
CA THR C 127 -73.16 -21.80 -59.73
C THR C 127 -73.97 -22.38 -58.58
N ALA C 128 -73.25 -22.89 -57.58
CA ALA C 128 -73.84 -23.51 -56.41
C ALA C 128 -73.49 -22.72 -55.16
N SER C 129 -74.49 -22.40 -54.35
CA SER C 129 -74.27 -21.62 -53.13
C SER C 129 -75.08 -22.24 -52.01
N VAL C 130 -74.39 -22.93 -51.10
CA VAL C 130 -74.99 -23.54 -49.93
C VAL C 130 -74.32 -22.94 -48.70
N VAL C 131 -75.13 -22.50 -47.74
CA VAL C 131 -74.64 -21.82 -46.55
C VAL C 131 -75.24 -22.46 -45.30
N CYS C 132 -74.43 -22.57 -44.26
CA CYS C 132 -74.94 -22.85 -42.92
C CYS C 132 -74.25 -21.89 -41.95
N LEU C 133 -74.93 -21.63 -40.85
CA LEU C 133 -74.56 -20.53 -39.97
C LEU C 133 -74.43 -21.04 -38.54
N LEU C 134 -73.65 -20.30 -37.75
CA LEU C 134 -73.51 -20.57 -36.33
C LEU C 134 -73.65 -19.26 -35.60
N ASN C 135 -74.60 -19.18 -34.66
CA ASN C 135 -74.81 -17.98 -33.88
C ASN C 135 -74.86 -18.33 -32.40
N ASN C 136 -74.76 -17.29 -31.57
CA ASN C 136 -74.72 -17.43 -30.10
C ASN C 136 -73.81 -18.57 -29.67
N PHE C 137 -72.66 -18.69 -30.31
CA PHE C 137 -71.66 -19.66 -29.92
C PHE C 137 -70.40 -18.92 -29.50
N TYR C 138 -70.58 -17.90 -28.66
CA TYR C 138 -69.66 -16.81 -28.39
C TYR C 138 -68.20 -17.25 -28.20
N PRO C 139 -67.89 -18.34 -27.48
CA PRO C 139 -66.48 -18.75 -27.38
C PRO C 139 -66.03 -19.32 -28.72
N ARG C 140 -65.65 -18.42 -29.63
CA ARG C 140 -65.55 -18.73 -31.06
C ARG C 140 -64.79 -20.02 -31.34
N GLU C 141 -63.48 -20.04 -31.05
CA GLU C 141 -62.64 -21.22 -31.22
C GLU C 141 -63.04 -22.00 -32.47
N ALA C 142 -63.15 -21.31 -33.60
CA ALA C 142 -63.91 -21.76 -34.74
C ALA C 142 -63.32 -23.01 -35.37
N LYS C 143 -64.18 -23.96 -35.69
CA LYS C 143 -63.83 -25.13 -36.48
C LYS C 143 -65.09 -25.58 -37.22
N VAL C 144 -64.95 -25.76 -38.54
CA VAL C 144 -66.08 -26.05 -39.40
C VAL C 144 -65.67 -27.09 -40.42
N GLN C 145 -66.55 -28.06 -40.67
CA GLN C 145 -66.35 -29.07 -41.69
C GLN C 145 -67.61 -29.21 -42.52
N TRP C 146 -67.43 -29.52 -43.80
CA TRP C 146 -68.52 -29.65 -44.74
C TRP C 146 -68.45 -31.00 -45.43
N LYS C 147 -69.54 -31.38 -46.09
CA LYS C 147 -69.58 -32.66 -46.81
C LYS C 147 -70.68 -32.61 -47.85
N VAL C 148 -70.31 -32.86 -49.12
CA VAL C 148 -71.27 -32.93 -50.20
C VAL C 148 -71.47 -34.39 -50.57
N ASP C 149 -72.60 -34.66 -51.23
CA ASP C 149 -73.10 -36.00 -51.58
C ASP C 149 -72.98 -36.98 -50.41
N ASN C 150 -73.11 -36.44 -49.20
CA ASN C 150 -73.08 -37.18 -47.93
C ASN C 150 -71.69 -37.70 -47.58
N ALA C 151 -70.70 -37.44 -48.43
CA ALA C 151 -69.35 -37.93 -48.15
C ALA C 151 -68.42 -36.84 -47.63
N LEU C 152 -68.16 -35.81 -48.42
CA LEU C 152 -67.06 -34.92 -48.10
C LEU C 152 -67.20 -33.61 -48.90
N GLN C 153 -66.47 -32.61 -48.43
CA GLN C 153 -66.26 -31.34 -49.12
C GLN C 153 -64.80 -30.95 -48.95
N SER C 154 -64.25 -30.21 -49.91
CA SER C 154 -62.85 -29.79 -49.84
C SER C 154 -62.69 -28.40 -50.44
N GLY C 155 -62.39 -27.42 -49.59
CA GLY C 155 -61.87 -26.14 -50.04
C GLY C 155 -62.85 -25.15 -50.63
N ASN C 156 -63.97 -25.62 -51.18
CA ASN C 156 -64.90 -24.72 -51.87
C ASN C 156 -65.55 -23.73 -50.92
N SER C 157 -65.65 -24.06 -49.64
CA SER C 157 -66.30 -23.18 -48.69
C SER C 157 -65.46 -21.93 -48.43
N GLN C 158 -66.15 -20.79 -48.26
CA GLN C 158 -65.53 -19.56 -47.81
C GLN C 158 -66.05 -19.21 -46.43
N GLU C 159 -65.23 -18.50 -45.66
CA GLU C 159 -65.53 -18.22 -44.26
C GLU C 159 -65.77 -16.74 -44.05
N SER C 160 -66.73 -16.42 -43.20
CA SER C 160 -67.04 -15.03 -42.86
C SER C 160 -67.61 -15.01 -41.45
N VAL C 161 -66.83 -14.55 -40.48
CA VAL C 161 -67.21 -14.55 -39.08
C VAL C 161 -67.21 -13.12 -38.57
N THR C 162 -68.32 -12.73 -37.94
CA THR C 162 -68.45 -11.42 -37.32
C THR C 162 -67.89 -11.47 -35.90
N GLU C 163 -67.20 -10.41 -35.50
CA GLU C 163 -66.65 -10.33 -34.15
C GLU C 163 -67.78 -10.19 -33.14
N GLN C 164 -67.40 -10.14 -31.86
CA GLN C 164 -68.37 -10.12 -30.78
C GLN C 164 -69.31 -8.93 -30.92
N ASP C 165 -70.60 -9.17 -30.71
CA ASP C 165 -71.59 -8.12 -30.84
C ASP C 165 -71.56 -7.19 -29.62
N SER C 166 -72.30 -6.09 -29.74
CA SER C 166 -72.32 -5.09 -28.67
C SER C 166 -73.07 -5.59 -27.44
N LYS C 167 -74.17 -6.31 -27.64
CA LYS C 167 -75.05 -6.72 -26.55
C LYS C 167 -74.96 -8.22 -26.28
N ASP C 168 -75.22 -9.04 -27.29
CA ASP C 168 -75.10 -10.48 -27.14
C ASP C 168 -73.65 -10.96 -27.09
N SER C 169 -72.73 -10.22 -27.70
CA SER C 169 -71.28 -10.47 -27.64
C SER C 169 -70.89 -11.80 -28.27
N THR C 170 -71.80 -12.49 -28.93
CA THR C 170 -71.51 -13.80 -29.50
C THR C 170 -70.92 -13.66 -30.90
N TYR C 171 -70.82 -14.77 -31.62
CA TYR C 171 -70.25 -14.82 -32.95
C TYR C 171 -71.28 -15.37 -33.92
N SER C 172 -71.10 -15.05 -35.21
CA SER C 172 -72.08 -15.38 -36.25
C SER C 172 -71.40 -15.94 -37.49
N LEU C 173 -70.52 -16.93 -37.31
CA LEU C 173 -69.79 -17.48 -38.45
C LEU C 173 -70.76 -18.12 -39.44
N SER C 174 -70.51 -17.89 -40.72
CA SER C 174 -71.24 -18.56 -41.79
C SER C 174 -70.26 -18.94 -42.88
N SER C 175 -70.59 -20.00 -43.60
CA SER C 175 -69.76 -20.49 -44.70
C SER C 175 -70.63 -20.75 -45.93
N THR C 176 -70.18 -20.25 -47.08
CA THR C 176 -70.98 -20.29 -48.30
C THR C 176 -70.19 -21.01 -49.39
N LEU C 177 -70.93 -21.65 -50.30
CA LEU C 177 -70.35 -22.49 -51.34
C LEU C 177 -70.34 -21.79 -52.69
N THR C 178 -69.41 -22.20 -53.55
CA THR C 178 -69.35 -21.74 -54.94
C THR C 178 -68.86 -22.92 -55.77
N LEU C 179 -69.80 -23.70 -56.32
CA LEU C 179 -69.48 -24.85 -57.15
C LEU C 179 -70.24 -24.76 -58.46
N SER C 180 -69.73 -25.45 -59.47
CA SER C 180 -70.34 -25.43 -60.78
C SER C 180 -71.67 -26.19 -60.76
N LYS C 181 -72.49 -25.93 -61.78
CA LYS C 181 -73.84 -26.47 -61.81
C LYS C 181 -73.83 -28.00 -61.95
N ALA C 182 -72.88 -28.52 -62.73
CA ALA C 182 -72.83 -29.97 -62.95
C ALA C 182 -72.59 -30.72 -61.65
N ASP C 183 -71.67 -30.22 -60.81
CA ASP C 183 -71.41 -30.85 -59.53
C ASP C 183 -72.58 -30.65 -58.57
N TYR C 184 -73.21 -29.48 -58.62
CA TYR C 184 -74.39 -29.23 -57.79
C TYR C 184 -75.50 -30.23 -58.11
N GLU C 185 -75.72 -30.51 -59.39
CA GLU C 185 -76.76 -31.44 -59.77
C GLU C 185 -76.36 -32.87 -59.43
N LYS C 186 -75.11 -33.24 -59.72
CA LYS C 186 -74.66 -34.63 -59.57
C LYS C 186 -74.69 -35.12 -58.13
N HIS C 187 -74.32 -34.28 -57.17
CA HIS C 187 -74.29 -34.70 -55.77
C HIS C 187 -75.70 -34.97 -55.27
N LYS C 188 -75.78 -35.68 -54.15
CA LYS C 188 -77.05 -36.19 -53.66
C LYS C 188 -77.52 -35.52 -52.37
N VAL C 189 -76.72 -35.56 -51.32
CA VAL C 189 -77.10 -35.06 -50.00
C VAL C 189 -76.15 -33.93 -49.62
N TYR C 190 -76.72 -32.80 -49.22
CA TYR C 190 -75.95 -31.61 -48.91
C TYR C 190 -75.78 -31.52 -47.40
N ALA C 191 -74.56 -31.23 -46.95
CA ALA C 191 -74.32 -31.21 -45.51
C ALA C 191 -73.11 -30.37 -45.19
N CYS C 192 -73.04 -29.92 -43.93
CA CYS C 192 -71.85 -29.32 -43.34
C CYS C 192 -71.75 -29.81 -41.91
N GLU C 193 -70.81 -30.72 -41.66
CA GLU C 193 -70.63 -31.29 -40.32
C GLU C 193 -69.87 -30.27 -39.47
N VAL C 194 -70.61 -29.50 -38.68
CA VAL C 194 -70.05 -28.39 -37.91
C VAL C 194 -69.94 -28.82 -36.45
N THR C 195 -68.75 -28.67 -35.88
CA THR C 195 -68.51 -29.00 -34.48
C THR C 195 -67.30 -28.22 -33.99
N HIS C 196 -67.32 -27.90 -32.70
CA HIS C 196 -66.21 -27.24 -32.01
C HIS C 196 -66.52 -27.28 -30.51
N GLN C 197 -65.67 -26.61 -29.71
CA GLN C 197 -65.78 -26.69 -28.26
C GLN C 197 -67.14 -26.22 -27.76
N GLY C 198 -67.64 -25.10 -28.27
CA GLY C 198 -68.97 -24.66 -27.91
C GLY C 198 -70.09 -25.35 -28.67
N LEU C 199 -69.75 -26.25 -29.58
CA LEU C 199 -70.73 -27.05 -30.31
C LEU C 199 -70.85 -28.47 -29.79
N SER C 200 -69.99 -28.87 -28.85
CA SER C 200 -70.03 -30.19 -28.21
C SER C 200 -69.86 -31.25 -29.31
N SER C 201 -70.65 -32.32 -29.31
CA SER C 201 -70.52 -33.34 -30.33
C SER C 201 -71.02 -32.81 -31.67
N PRO C 202 -70.51 -33.34 -32.79
CA PRO C 202 -70.93 -32.85 -34.10
C PRO C 202 -72.42 -33.02 -34.31
N VAL C 203 -73.03 -32.01 -34.93
CA VAL C 203 -74.44 -32.03 -35.30
C VAL C 203 -74.52 -32.19 -36.81
N THR C 204 -75.25 -33.22 -37.24
CA THR C 204 -75.36 -33.57 -38.65
C THR C 204 -76.57 -32.90 -39.26
N LYS C 205 -76.34 -32.05 -40.25
CA LYS C 205 -77.38 -31.46 -41.07
C LYS C 205 -77.47 -32.23 -42.39
N SER C 206 -78.60 -32.12 -43.07
CA SER C 206 -78.80 -32.88 -44.30
C SER C 206 -79.74 -32.11 -45.21
N PHE C 207 -79.50 -32.25 -46.53
CA PHE C 207 -80.39 -31.77 -47.58
C PHE C 207 -80.23 -32.67 -48.79
N ASN C 208 -81.22 -33.55 -49.02
CA ASN C 208 -81.15 -34.61 -50.01
C ASN C 208 -81.36 -34.13 -51.43
N ARG C 209 -81.18 -32.84 -51.72
CA ARG C 209 -81.36 -32.29 -53.07
C ARG C 209 -82.83 -32.38 -53.51
N GLY C 210 -83.67 -32.89 -52.62
CA GLY C 210 -85.07 -33.09 -52.91
C GLY C 210 -85.94 -31.95 -52.40
N GLU C 211 -85.40 -30.74 -52.49
CA GLU C 211 -86.12 -29.54 -52.07
C GLU C 211 -87.20 -29.20 -53.09
N CYS C 212 -88.39 -29.76 -52.92
CA CYS C 212 -89.51 -29.55 -53.84
C CYS C 212 -89.74 -28.08 -54.16
N LEU D 1 26.05 7.93 19.96
CA LEU D 1 26.00 9.36 20.20
C LEU D 1 26.39 10.15 18.95
N PRO D 2 25.81 11.34 18.78
CA PRO D 2 26.19 12.18 17.65
C PRO D 2 27.53 12.86 17.85
N ILE D 3 27.91 13.74 16.94
CA ILE D 3 29.18 14.45 16.99
C ILE D 3 28.92 15.95 16.98
N LYS D 4 29.47 16.65 17.96
CA LYS D 4 29.29 18.10 18.07
C LYS D 4 30.41 18.88 17.40
N SER D 5 31.66 18.43 17.50
CA SER D 5 32.77 19.13 16.88
C SER D 5 33.95 18.19 16.78
N VAL D 6 34.67 18.27 15.67
CA VAL D 6 35.89 17.45 15.47
C VAL D 6 37.07 18.38 15.70
N GLU D 7 37.54 18.41 16.94
CA GLU D 7 38.69 19.23 17.32
C GLU D 7 39.92 18.33 17.35
N VAL D 8 40.74 18.41 16.31
CA VAL D 8 41.94 17.60 16.20
C VAL D 8 43.11 18.37 16.80
N VAL D 9 43.93 17.67 17.58
CA VAL D 9 45.10 18.27 18.23
C VAL D 9 46.34 17.55 17.73
N ASN D 10 47.50 18.21 17.88
CA ASN D 10 48.81 17.65 17.58
C ASN D 10 49.03 17.59 16.07
N ASN D 11 47.99 17.89 15.29
CA ASN D 11 48.10 17.97 13.83
C ASN D 11 48.63 19.36 13.43
N GLN D 12 49.84 19.65 13.91
CA GLN D 12 50.38 21.00 13.81
C GLN D 12 50.72 21.40 12.38
N GLN D 13 51.14 20.44 11.54
CA GLN D 13 51.45 20.74 10.15
C GLN D 13 50.75 19.84 9.16
N VAL D 14 50.38 18.63 9.53
CA VAL D 14 49.51 17.81 8.68
C VAL D 14 48.18 18.52 8.53
N PRO D 15 47.68 18.74 7.30
CA PRO D 15 46.61 19.71 7.10
C PRO D 15 45.32 19.28 7.80
N ALA D 16 44.73 20.21 8.55
CA ALA D 16 43.40 19.99 9.07
C ALA D 16 42.37 19.91 7.95
N SER D 17 42.54 20.73 6.90
CA SER D 17 41.65 20.66 5.75
C SER D 17 41.74 19.30 5.07
N LEU D 18 42.95 18.80 4.85
CA LEU D 18 43.12 17.51 4.18
C LEU D 18 42.53 16.38 5.01
N ILE D 19 42.76 16.39 6.32
CA ILE D 19 42.26 15.32 7.16
C ILE D 19 40.74 15.38 7.27
N LYS D 20 40.18 16.59 7.36
CA LYS D 20 38.72 16.71 7.44
C LYS D 20 38.06 16.33 6.12
N ASN D 21 38.73 16.59 5.00
CA ASN D 21 38.25 16.07 3.72
C ASN D 21 38.34 14.54 3.69
N THR D 22 39.40 13.99 4.27
CA THR D 22 39.59 12.54 4.26
C THR D 22 38.71 11.86 5.30
N LEU D 23 38.70 12.38 6.52
CA LEU D 23 37.88 11.78 7.57
C LEU D 23 36.40 12.02 7.28
N LYS D 24 35.61 10.97 7.47
CA LYS D 24 34.16 11.02 7.22
C LYS D 24 33.35 11.21 8.49
N LEU D 25 34.00 11.29 9.65
CA LEU D 25 33.31 11.49 10.92
C LEU D 25 33.07 12.99 11.09
N LYS D 26 32.15 13.51 10.27
CA LYS D 26 31.81 14.91 10.35
C LYS D 26 30.82 15.15 11.50
N GLU D 27 30.47 16.41 11.70
CA GLU D 27 29.59 16.77 12.81
C GLU D 27 28.20 16.18 12.59
N GLY D 28 27.62 15.66 13.67
CA GLY D 28 26.30 15.06 13.60
C GLY D 28 26.26 13.64 13.09
N ALA D 29 27.40 13.01 12.89
CA ALA D 29 27.42 11.63 12.40
C ALA D 29 27.08 10.66 13.53
N LYS D 30 27.03 9.38 13.18
CA LYS D 30 26.66 8.35 14.13
C LYS D 30 27.90 7.67 14.69
N PHE D 31 27.82 7.26 15.95
CA PHE D 31 28.92 6.58 16.64
C PHE D 31 28.60 5.09 16.70
N SER D 32 29.44 4.28 16.06
CA SER D 32 29.27 2.83 16.05
C SER D 32 30.62 2.16 15.94
N THR D 33 30.78 1.05 16.65
CA THR D 33 32.07 0.35 16.66
C THR D 33 32.53 0.02 15.24
N GLU D 34 31.62 -0.47 14.41
CA GLU D 34 31.95 -0.73 13.01
C GLU D 34 32.32 0.56 12.28
N ALA D 35 31.61 1.65 12.58
CA ALA D 35 31.88 2.91 11.89
C ALA D 35 33.29 3.41 12.18
N LEU D 36 33.67 3.48 13.46
CA LEU D 36 35.02 3.91 13.80
C LEU D 36 36.06 2.88 13.38
N LEU D 37 35.69 1.60 13.35
CA LEU D 37 36.64 0.59 12.85
C LEU D 37 36.96 0.84 11.37
N ALA D 38 35.93 1.07 10.57
CA ALA D 38 36.15 1.36 9.15
C ALA D 38 36.91 2.68 8.98
N ASP D 39 36.61 3.67 9.82
CA ASP D 39 37.31 4.95 9.75
C ASP D 39 38.79 4.79 10.09
N PHE D 40 39.10 4.01 11.12
CA PHE D 40 40.49 3.74 11.49
C PHE D 40 41.21 3.02 10.36
N ASN D 41 40.56 2.03 9.75
CA ASN D 41 41.16 1.34 8.61
C ASN D 41 41.42 2.31 7.47
N ALA D 42 40.46 3.21 7.20
CA ALA D 42 40.59 4.15 6.10
C ALA D 42 41.77 5.09 6.29
N LEU D 43 41.85 5.74 7.47
CA LEU D 43 42.98 6.64 7.69
C LEU D 43 44.31 5.91 7.78
N LYS D 44 44.31 4.67 8.27
CA LYS D 44 45.55 3.90 8.26
C LYS D 44 46.00 3.60 6.83
N GLU D 45 45.06 3.28 5.95
CA GLU D 45 45.40 2.98 4.57
C GLU D 45 45.75 4.23 3.77
N THR D 46 45.27 5.40 4.18
CA THR D 46 45.53 6.62 3.42
C THR D 46 47.02 6.92 3.34
N GLY D 47 47.75 6.64 4.42
CA GLY D 47 49.17 6.89 4.44
C GLY D 47 49.58 8.31 4.77
N TYR D 48 48.67 9.13 5.25
CA TYR D 48 48.98 10.50 5.65
C TYR D 48 49.66 10.56 7.02
N PHE D 49 49.91 9.42 7.65
CA PHE D 49 50.56 9.36 8.95
C PHE D 49 51.03 7.93 9.18
N GLU D 50 51.99 7.77 10.09
CA GLU D 50 52.51 6.44 10.40
C GLU D 50 51.77 5.83 11.59
N ASP D 51 51.72 6.55 12.72
CA ASP D 51 51.04 6.09 13.91
C ASP D 51 49.93 7.08 14.26
N VAL D 52 48.75 6.56 14.59
CA VAL D 52 47.62 7.39 14.98
C VAL D 52 46.99 6.81 16.24
N ILE D 53 46.72 7.69 17.20
CA ILE D 53 45.95 7.36 18.39
C ILE D 53 44.72 8.25 18.36
N LEU D 54 43.66 7.80 17.67
CA LEU D 54 42.46 8.60 17.52
C LEU D 54 41.50 8.22 18.66
N GLN D 55 41.40 9.11 19.63
CA GLN D 55 40.60 8.88 20.82
C GLN D 55 39.34 9.72 20.75
N PRO D 56 38.16 9.12 20.60
CA PRO D 56 36.92 9.92 20.61
C PRO D 56 36.60 10.41 22.01
N VAL D 57 36.31 11.70 22.13
CA VAL D 57 36.02 12.34 23.40
C VAL D 57 34.56 12.73 23.43
N SER D 58 33.90 12.48 24.56
CA SER D 58 32.54 12.98 24.76
C SER D 58 32.57 14.50 24.88
N TYR D 59 31.66 15.16 24.15
CA TYR D 59 31.63 16.62 24.13
C TYR D 59 30.21 17.10 23.87
N ASP D 60 29.68 17.90 24.79
CA ASP D 60 28.38 18.55 24.61
C ASP D 60 27.28 17.55 24.31
N GLY D 61 27.33 16.40 24.98
CA GLY D 61 26.39 15.33 24.71
C GLY D 61 26.64 14.56 23.44
N GLY D 62 27.76 14.83 22.77
CA GLY D 62 28.12 14.16 21.53
C GLY D 62 29.48 13.52 21.64
N VAL D 63 30.17 13.48 20.49
CA VAL D 63 31.49 12.88 20.39
C VAL D 63 32.44 13.88 19.74
N ARG D 64 33.62 14.05 20.34
CA ARG D 64 34.67 14.90 19.79
C ARG D 64 35.83 14.00 19.37
N ILE D 65 35.96 13.78 18.06
CA ILE D 65 37.00 12.91 17.53
C ILE D 65 38.33 13.65 17.63
N VAL D 66 39.19 13.22 18.55
CA VAL D 66 40.51 13.79 18.72
C VAL D 66 41.51 12.78 18.17
N VAL D 67 42.23 13.16 17.12
CA VAL D 67 43.14 12.27 16.42
C VAL D 67 44.57 12.71 16.73
N ASP D 68 45.34 11.81 17.34
CA ASP D 68 46.75 12.06 17.65
C ASP D 68 47.60 11.37 16.59
N VAL D 69 48.21 12.14 15.71
CA VAL D 69 48.93 11.60 14.57
C VAL D 69 50.42 11.54 14.87
N VAL D 70 51.08 10.59 14.21
CA VAL D 70 52.55 10.52 14.15
C VAL D 70 52.87 10.32 12.69
N GLU D 71 53.13 11.42 11.98
CA GLU D 71 53.26 11.34 10.53
C GLU D 71 54.59 10.74 10.12
N LYS D 72 54.59 10.15 8.92
CA LYS D 72 55.80 9.61 8.32
C LYS D 72 56.60 10.75 7.70
N GLU D 73 57.60 10.41 6.87
CA GLU D 73 58.46 11.40 6.25
C GLU D 73 58.62 11.18 4.75
N ASN D 74 57.64 10.54 4.11
CA ASN D 74 57.79 10.21 2.69
C ASN D 74 56.53 10.50 1.88
N VAL D 75 55.75 11.53 2.25
CA VAL D 75 54.55 11.91 1.51
C VAL D 75 54.58 13.37 1.10
N VAL D 76 55.62 14.12 1.51
CA VAL D 76 55.72 15.53 1.19
C VAL D 76 55.89 15.81 -0.29
N ASP D 77 56.25 14.79 -1.08
CA ASP D 77 56.47 14.97 -2.51
C ASP D 77 55.18 15.19 -3.30
N LEU D 78 54.02 15.02 -2.66
CA LEU D 78 52.75 15.27 -3.36
C LEU D 78 52.62 16.73 -3.76
N LEU D 79 53.02 17.65 -2.87
CA LEU D 79 53.01 19.10 -3.10
C LEU D 79 51.60 19.66 -3.13
N LYS D 80 50.58 18.81 -3.06
CA LYS D 80 49.20 19.24 -2.85
C LYS D 80 48.90 19.02 -1.37
N GLU D 81 49.34 19.98 -0.55
CA GLU D 81 49.32 19.89 0.91
C GLU D 81 50.23 18.77 1.39
N LYS D 82 50.67 18.84 2.65
CA LYS D 82 51.70 17.93 3.13
C LYS D 82 51.66 17.89 4.65
N GLY D 83 52.40 16.94 5.21
CA GLY D 83 52.34 16.66 6.63
C GLY D 83 53.20 17.58 7.48
N VAL D 84 54.07 17.00 8.31
CA VAL D 84 54.84 17.72 9.31
C VAL D 84 55.68 18.83 8.68
N ALA D 85 55.88 18.77 7.36
CA ALA D 85 56.67 19.77 6.65
C ALA D 85 55.74 20.77 5.95
N ILE D 86 55.71 22.00 6.46
CA ILE D 86 55.22 23.17 5.75
C ILE D 86 53.75 23.10 5.37
N ASN D 87 52.86 23.48 6.28
CA ASN D 87 51.53 23.93 5.88
C ASN D 87 51.14 25.20 6.63
N THR D 88 51.67 25.37 7.84
CA THR D 88 51.37 26.52 8.69
C THR D 88 49.87 26.81 8.80
N VAL D 98 72.89 24.71 15.12
CA VAL D 98 74.06 24.23 14.39
C VAL D 98 74.70 23.06 15.12
N LEU D 99 74.48 21.85 14.61
CA LEU D 99 75.05 20.66 15.22
C LEU D 99 76.02 20.00 14.24
N SER D 100 76.99 19.25 14.78
CA SER D 100 78.12 18.86 13.97
C SER D 100 78.51 17.38 14.00
N SER D 101 77.88 16.55 14.85
CA SER D 101 78.34 15.17 14.96
C SER D 101 77.16 14.26 15.29
N VAL D 102 77.34 12.98 14.96
CA VAL D 102 76.34 11.95 15.27
C VAL D 102 76.96 10.86 16.13
N LYS D 103 78.27 10.64 15.97
CA LYS D 103 79.07 9.78 16.84
C LYS D 103 78.63 8.31 16.86
N PHE D 104 79.41 7.47 17.56
CA PHE D 104 79.09 6.07 17.83
C PHE D 104 78.91 5.27 16.54
N THR D 105 80.01 5.11 15.82
CA THR D 105 80.06 4.24 14.65
C THR D 105 79.69 2.81 15.05
N GLY D 106 78.86 2.16 14.22
CA GLY D 106 78.39 0.84 14.56
C GLY D 106 79.34 -0.26 14.11
N ASN D 107 78.96 -1.51 14.41
CA ASN D 107 79.80 -2.65 14.08
C ASN D 107 79.39 -3.26 12.74
N LYS D 108 78.17 -3.79 12.66
CA LYS D 108 77.71 -4.42 11.43
C LYS D 108 77.55 -3.39 10.32
N ARG D 109 76.84 -2.30 10.62
CA ARG D 109 76.77 -1.17 9.71
C ARG D 109 77.81 -0.14 10.14
N VAL D 110 78.03 0.88 9.32
CA VAL D 110 78.84 2.03 9.72
C VAL D 110 78.02 3.09 10.43
N THR D 111 76.69 3.04 10.33
CA THR D 111 75.73 3.94 10.97
C THR D 111 76.09 5.40 10.72
N THR D 112 76.95 5.63 9.73
CA THR D 112 77.27 6.98 9.27
C THR D 112 76.75 7.20 7.85
N SER D 113 77.13 6.36 6.90
CA SER D 113 76.52 6.42 5.58
C SER D 113 75.04 6.13 5.66
N GLU D 114 74.67 5.00 6.30
CA GLU D 114 73.28 4.60 6.38
C GLU D 114 72.43 5.68 7.04
N LEU D 115 72.83 6.13 8.23
CA LEU D 115 72.06 7.15 8.93
C LEU D 115 72.04 8.45 8.13
N LEU D 116 73.22 8.99 7.84
CA LEU D 116 73.31 10.31 7.22
C LEU D 116 72.63 10.36 5.85
N ASP D 117 72.42 9.20 5.23
CA ASP D 117 71.72 9.17 3.94
C ASP D 117 70.22 8.94 4.11
N ILE D 118 69.84 7.79 4.69
CA ILE D 118 68.43 7.44 4.74
C ILE D 118 67.72 8.18 5.87
N THR D 119 68.28 8.16 7.06
CA THR D 119 67.60 8.64 8.25
C THR D 119 68.20 9.93 8.80
N GLN D 120 69.47 9.91 9.20
CA GLN D 120 70.08 11.09 9.78
C GLN D 120 70.36 12.14 8.70
N LEU D 121 70.42 13.40 9.14
CA LEU D 121 70.80 14.55 8.32
C LEU D 121 69.69 14.90 7.32
N LYS D 122 68.69 14.02 7.20
CA LYS D 122 67.46 14.34 6.47
C LYS D 122 66.24 14.22 7.37
N ALA D 123 66.05 13.07 8.02
CA ALA D 123 65.05 12.91 9.05
C ALA D 123 65.63 12.99 10.44
N GLY D 124 66.93 12.70 10.60
CA GLY D 124 67.55 12.85 11.91
C GLY D 124 67.52 14.29 12.40
N GLU D 125 67.60 15.24 11.48
CA GLU D 125 67.52 16.68 11.73
C GLU D 125 68.63 17.19 12.63
N TYR D 126 69.61 16.35 12.96
CA TYR D 126 70.70 16.60 13.91
C TYR D 126 70.22 16.66 15.34
N PHE D 127 68.90 16.67 15.57
CA PHE D 127 68.32 16.72 16.92
C PHE D 127 66.83 16.41 16.85
N SER D 128 66.13 16.54 17.97
CA SER D 128 64.69 16.28 18.05
C SER D 128 64.38 14.84 17.61
N ARG D 129 64.77 13.90 18.46
CA ARG D 129 64.90 12.53 18.01
C ARG D 129 63.58 11.76 17.98
N SER D 130 62.53 12.39 17.43
CA SER D 130 61.29 11.68 17.15
C SER D 130 61.38 10.99 15.80
N ARG D 131 61.80 11.73 14.78
CA ARG D 131 62.15 11.09 13.52
C ARG D 131 63.40 10.22 13.68
N VAL D 132 64.16 10.37 14.77
CA VAL D 132 65.25 9.43 15.04
C VAL D 132 64.72 8.14 15.66
N GLU D 133 63.67 8.24 16.49
CA GLU D 133 62.93 7.03 16.85
C GLU D 133 62.39 6.36 15.60
N ASP D 134 61.86 7.15 14.66
CA ASP D 134 61.45 6.61 13.38
C ASP D 134 62.65 6.02 12.62
N ALA D 135 63.84 6.60 12.81
CA ALA D 135 65.04 6.09 12.16
C ALA D 135 65.36 4.69 12.66
N GLN D 136 65.32 4.49 13.97
CA GLN D 136 65.50 3.14 14.49
C GLN D 136 64.37 2.22 14.06
N ARG D 137 63.17 2.78 13.83
CA ARG D 137 62.08 1.98 13.30
C ARG D 137 62.39 1.49 11.89
N ARG D 138 62.96 2.36 11.04
CA ARG D 138 63.34 1.91 9.70
C ARG D 138 64.55 0.98 9.75
N LEU D 139 65.39 1.13 10.79
CA LEU D 139 66.46 0.18 10.97
C LEU D 139 65.90 -1.21 11.30
N LEU D 140 64.82 -1.24 12.08
CA LEU D 140 64.12 -2.49 12.33
C LEU D 140 63.39 -2.97 11.08
N ALA D 141 62.99 -2.04 10.21
CA ALA D 141 62.44 -2.40 8.91
C ALA D 141 63.48 -3.13 8.07
N THR D 142 64.71 -2.61 8.04
CA THR D 142 65.86 -3.39 7.57
C THR D 142 66.27 -4.43 8.59
N GLY D 143 65.80 -4.34 9.82
CA GLY D 143 66.01 -5.34 10.85
C GLY D 143 67.46 -5.54 11.25
N LYS D 144 68.39 -4.84 10.61
CA LYS D 144 69.81 -5.09 10.85
C LYS D 144 70.22 -4.72 12.27
N PHE D 145 69.37 -4.00 12.99
CA PHE D 145 69.57 -3.71 14.41
C PHE D 145 68.48 -4.38 15.24
N SER D 146 68.71 -4.39 16.55
CA SER D 146 67.73 -4.92 17.50
C SER D 146 67.19 -3.82 18.42
N GLU D 147 68.05 -3.13 19.15
CA GLU D 147 67.66 -2.04 20.03
C GLU D 147 68.61 -0.88 19.81
N VAL D 148 68.07 0.32 19.69
CA VAL D 148 68.86 1.53 19.52
C VAL D 148 68.61 2.43 20.73
N ARG D 149 69.68 2.86 21.39
CA ARG D 149 69.57 3.75 22.54
C ARG D 149 70.20 5.10 22.21
N PRO D 150 69.42 6.13 21.94
CA PRO D 150 69.97 7.47 21.67
C PRO D 150 70.40 8.14 22.97
N ASP D 151 71.70 8.27 23.17
CA ASP D 151 72.26 8.94 24.34
C ASP D 151 72.87 10.25 23.87
N ALA D 152 72.16 11.34 24.11
CA ALA D 152 72.60 12.65 23.65
C ALA D 152 73.64 13.23 24.59
N GLN D 153 74.86 13.42 24.10
CA GLN D 153 75.94 14.03 24.87
C GLN D 153 76.05 15.49 24.44
N VAL D 154 75.14 16.31 24.97
CA VAL D 154 75.10 17.73 24.64
C VAL D 154 76.13 18.44 25.51
N ALA D 155 77.18 18.97 24.87
CA ALA D 155 78.26 19.67 25.56
C ALA D 155 78.44 21.05 24.93
N ASN D 156 78.24 22.09 25.74
CA ASN D 156 78.43 23.47 25.30
C ASN D 156 77.59 23.79 24.06
N GLY D 157 76.33 23.39 24.10
CA GLY D 157 75.43 23.59 22.97
C GLY D 157 75.49 22.48 21.94
N LYS D 158 76.69 22.17 21.46
CA LYS D 158 76.87 21.06 20.53
C LYS D 158 76.59 19.74 21.24
N MET D 159 76.09 18.78 20.47
CA MET D 159 75.73 17.47 21.01
C MET D 159 76.37 16.37 20.17
N ALA D 160 76.73 15.28 20.85
CA ALA D 160 77.26 14.11 20.16
C ALA D 160 76.16 13.14 19.74
N LEU D 161 75.08 13.06 20.51
CA LEU D 161 73.94 12.19 20.22
C LEU D 161 74.39 10.76 19.93
N SER D 162 75.10 10.19 20.91
CA SER D 162 75.55 8.81 20.78
C SER D 162 74.36 7.87 20.62
N PHE D 163 74.42 7.01 19.62
CA PHE D 163 73.33 6.11 19.27
C PHE D 163 73.81 4.69 19.55
N GLU D 164 73.68 4.25 20.79
CA GLU D 164 74.09 2.90 21.18
C GLU D 164 73.07 1.91 20.64
N VAL D 165 73.49 1.07 19.70
CA VAL D 165 72.58 0.18 18.99
C VAL D 165 72.91 -1.26 19.34
N VAL D 166 71.91 -2.12 19.15
CA VAL D 166 72.06 -3.56 19.29
C VAL D 166 71.81 -4.19 17.94
N GLU D 167 72.72 -5.03 17.48
CA GLU D 167 72.68 -5.58 16.14
C GLU D 167 72.10 -6.99 16.15
N ASN D 168 71.22 -7.26 15.19
CA ASN D 168 70.60 -8.57 15.07
C ASN D 168 71.59 -9.58 14.53
N PRO D 169 71.89 -10.65 15.24
CA PRO D 169 72.68 -11.73 14.66
C PRO D 169 71.87 -12.43 13.57
N ILE D 170 72.59 -12.95 12.57
CA ILE D 170 71.91 -13.72 11.53
C ILE D 170 71.31 -14.97 12.14
N VAL D 171 70.17 -15.39 11.60
CA VAL D 171 69.47 -16.55 12.14
C VAL D 171 70.16 -17.82 11.66
N LYS D 172 70.47 -18.69 12.61
CA LYS D 172 71.16 -19.95 12.32
C LYS D 172 70.18 -21.04 11.93
N SER D 173 69.00 -21.06 12.55
CA SER D 173 67.99 -22.05 12.23
C SER D 173 66.61 -21.48 12.56
N VAL D 174 65.61 -22.00 11.88
CA VAL D 174 64.22 -21.59 12.07
C VAL D 174 63.42 -22.84 12.45
N ILE D 175 62.81 -22.82 13.62
CA ILE D 175 62.13 -23.98 14.17
C ILE D 175 60.66 -23.64 14.35
N ILE D 176 59.79 -24.46 13.77
CA ILE D 176 58.34 -24.30 13.90
C ILE D 176 57.84 -25.42 14.80
N THR D 177 57.05 -25.07 15.80
CA THR D 177 56.47 -26.03 16.72
C THR D 177 54.95 -25.89 16.72
N GLY D 178 54.26 -27.03 16.72
CA GLY D 178 52.83 -27.01 16.91
C GLY D 178 52.03 -26.56 15.71
N ASN D 179 52.58 -26.64 14.50
CA ASN D 179 51.79 -26.31 13.31
C ASN D 179 50.71 -27.37 13.08
N ASN D 180 51.11 -28.63 12.95
CA ASN D 180 50.22 -29.80 13.01
C ASN D 180 49.18 -29.84 11.89
N THR D 181 49.14 -28.84 11.03
CA THR D 181 48.26 -28.86 9.87
C THR D 181 49.01 -28.66 8.57
N ILE D 182 49.86 -27.65 8.51
CA ILE D 182 50.63 -27.34 7.31
C ILE D 182 52.04 -27.90 7.49
N PRO D 183 52.56 -28.68 6.55
CA PRO D 183 53.91 -29.22 6.70
C PRO D 183 54.94 -28.13 6.86
N THR D 184 55.94 -28.39 7.71
CA THR D 184 56.93 -27.38 8.05
C THR D 184 57.75 -26.95 6.83
N SER D 185 57.89 -27.83 5.85
CA SER D 185 58.66 -27.47 4.65
C SER D 185 58.00 -26.33 3.90
N THR D 186 56.67 -26.38 3.76
CA THR D 186 55.96 -25.28 3.11
C THR D 186 56.07 -24.00 3.90
N ILE D 187 56.01 -24.10 5.23
CA ILE D 187 56.12 -22.93 6.09
C ILE D 187 57.48 -22.27 5.91
N MET D 188 58.54 -23.08 5.91
CA MET D 188 59.87 -22.54 5.69
C MET D 188 60.00 -21.95 4.28
N SER D 189 59.41 -22.59 3.29
CA SER D 189 59.45 -22.06 1.93
C SER D 189 58.78 -20.71 1.85
N GLU D 190 57.68 -20.53 2.57
CA GLU D 190 57.02 -19.22 2.61
C GLU D 190 57.88 -18.19 3.34
N LEU D 191 58.71 -18.63 4.28
CA LEU D 191 59.48 -17.71 5.11
C LEU D 191 60.41 -16.87 4.26
N THR D 192 60.49 -15.59 4.59
CA THR D 192 61.36 -14.66 3.87
C THR D 192 62.73 -14.53 4.53
N THR D 193 62.75 -14.35 5.85
CA THR D 193 64.00 -14.24 6.61
C THR D 193 64.59 -15.63 6.77
N LYS D 194 65.26 -16.10 5.72
CA LYS D 194 65.83 -17.42 5.69
C LYS D 194 67.10 -17.50 6.54
N PRO D 195 67.49 -18.70 6.96
CA PRO D 195 68.77 -18.85 7.67
C PRO D 195 69.92 -18.39 6.79
N GLY D 196 70.91 -17.76 7.42
CA GLY D 196 72.02 -17.17 6.72
C GLY D 196 71.89 -15.68 6.46
N SER D 197 70.68 -15.14 6.55
CA SER D 197 70.45 -13.71 6.45
C SER D 197 70.29 -13.12 7.84
N VAL D 198 70.57 -11.82 7.95
CA VAL D 198 70.47 -11.14 9.23
C VAL D 198 69.03 -11.18 9.72
N GLN D 199 68.87 -11.35 11.04
CA GLN D 199 67.54 -11.26 11.65
C GLN D 199 66.96 -9.89 11.39
N ASN D 200 65.67 -9.86 11.07
CA ASN D 200 65.02 -8.64 10.60
C ASN D 200 63.69 -8.47 11.32
N TYR D 201 63.59 -7.48 12.19
CA TYR D 201 62.42 -7.34 13.05
C TYR D 201 61.15 -7.10 12.24
N ASN D 202 61.15 -6.10 11.37
CA ASN D 202 59.93 -5.80 10.63
C ASN D 202 59.68 -6.83 9.55
N ASN D 203 60.74 -7.36 8.94
CA ASN D 203 60.55 -8.50 8.04
C ASN D 203 60.02 -9.70 8.80
N LEU D 204 60.42 -9.86 10.06
CA LEU D 204 59.83 -10.91 10.88
C LEU D 204 58.35 -10.66 11.09
N ARG D 205 57.97 -9.41 11.35
CA ARG D 205 56.57 -9.08 11.56
C ARG D 205 55.75 -9.36 10.30
N GLU D 206 56.24 -8.92 9.14
CA GLU D 206 55.53 -9.17 7.90
C GLU D 206 55.54 -10.66 7.54
N ASP D 207 56.59 -11.37 7.91
CA ASP D 207 56.63 -12.81 7.67
C ASP D 207 55.57 -13.52 8.51
N ARG D 208 55.41 -13.11 9.76
CA ARG D 208 54.34 -13.64 10.57
C ARG D 208 52.96 -13.28 10.03
N ASP D 209 52.81 -12.06 9.52
CA ASP D 209 51.54 -11.69 8.89
C ASP D 209 51.27 -12.57 7.68
N LYS D 210 52.30 -12.86 6.89
CA LYS D 210 52.12 -13.74 5.73
C LYS D 210 51.83 -15.17 6.15
N ILE D 211 52.43 -15.64 7.24
CA ILE D 211 52.13 -16.97 7.75
C ILE D 211 50.66 -17.05 8.14
N LEU D 212 50.18 -16.04 8.86
CA LEU D 212 48.77 -15.98 9.21
C LEU D 212 47.89 -15.94 7.96
N GLY D 213 48.30 -15.17 6.95
CA GLY D 213 47.52 -15.11 5.72
C GLY D 213 47.47 -16.45 5.00
N LEU D 214 48.59 -17.18 5.00
CA LEU D 214 48.61 -18.50 4.38
C LEU D 214 47.69 -19.45 5.13
N TYR D 215 47.70 -19.40 6.46
CA TYR D 215 46.78 -20.22 7.23
C TYR D 215 45.33 -19.84 6.94
N GLN D 216 45.08 -18.54 6.77
CA GLN D 216 43.74 -18.09 6.40
C GLN D 216 43.33 -18.65 5.04
N ALA D 217 44.25 -18.63 4.08
CA ALA D 217 43.94 -19.12 2.74
C ALA D 217 43.66 -20.61 2.75
N GLN D 218 44.42 -21.37 3.53
CA GLN D 218 44.19 -22.82 3.53
C GLN D 218 42.93 -23.23 4.27
N GLY D 219 42.08 -22.31 4.74
CA GLY D 219 40.83 -22.68 5.38
C GLY D 219 40.82 -22.63 6.90
N TYR D 220 41.82 -22.03 7.52
CA TYR D 220 41.89 -21.91 8.98
C TYR D 220 42.03 -20.44 9.33
N THR D 221 40.95 -19.83 9.79
CA THR D 221 40.92 -18.41 10.08
C THR D 221 41.05 -18.10 11.56
N LEU D 222 41.39 -19.09 12.39
CA LEU D 222 41.42 -18.93 13.83
C LEU D 222 42.73 -19.43 14.40
N VAL D 223 43.84 -18.98 13.82
CA VAL D 223 45.17 -19.37 14.26
C VAL D 223 45.94 -18.12 14.66
N ASN D 224 46.51 -18.14 15.87
CA ASN D 224 47.38 -17.07 16.34
C ASN D 224 48.83 -17.54 16.32
N ILE D 225 49.72 -16.68 16.81
CA ILE D 225 51.16 -16.94 16.67
C ILE D 225 51.82 -17.12 18.03
N THR D 226 51.37 -16.37 19.03
CA THR D 226 51.87 -16.50 20.40
C THR D 226 53.33 -16.05 20.52
N ASP D 227 54.25 -16.90 20.10
CA ASP D 227 55.68 -16.62 20.23
C ASP D 227 56.33 -16.49 18.87
N MET D 228 57.21 -15.49 18.73
CA MET D 228 57.95 -15.28 17.49
C MET D 228 59.40 -14.95 17.81
N SER D 229 59.96 -15.58 18.84
CA SER D 229 61.23 -15.13 19.41
C SER D 229 62.43 -15.76 18.71
N THR D 230 63.60 -15.25 19.08
CA THR D 230 64.89 -15.78 18.67
C THR D 230 65.85 -15.67 19.84
N ASP D 231 66.45 -16.78 20.22
CA ASP D 231 67.38 -16.77 21.34
C ASP D 231 68.71 -16.15 20.91
N GLU D 232 69.69 -16.17 21.84
CA GLU D 232 70.99 -15.58 21.54
C GLU D 232 71.75 -16.37 20.49
N ASN D 233 71.50 -17.68 20.39
CA ASN D 233 72.19 -18.54 19.43
C ASN D 233 71.64 -18.40 18.02
N GLY D 234 70.84 -17.37 17.75
CA GLY D 234 70.27 -17.18 16.43
C GLY D 234 69.32 -18.27 16.01
N THR D 235 68.56 -18.81 16.96
CA THR D 235 67.56 -19.84 16.69
C THR D 235 66.18 -19.18 16.75
N LEU D 236 65.57 -19.01 15.58
CA LEU D 236 64.24 -18.40 15.51
C LEU D 236 63.20 -19.36 16.05
N HIS D 237 62.90 -19.27 17.34
CA HIS D 237 61.98 -20.23 17.94
C HIS D 237 60.55 -19.89 17.56
N ILE D 238 60.13 -20.28 16.34
CA ILE D 238 58.81 -19.93 15.86
C ILE D 238 57.78 -20.85 16.52
N SER D 239 56.71 -20.26 17.03
CA SER D 239 55.63 -21.03 17.62
C SER D 239 54.33 -20.67 16.92
N ILE D 240 53.48 -21.67 16.70
CA ILE D 240 52.16 -21.48 16.12
C ILE D 240 51.17 -22.35 16.88
N VAL D 241 50.06 -21.76 17.29
CA VAL D 241 49.00 -22.47 18.00
C VAL D 241 47.80 -22.57 17.08
N GLU D 242 47.28 -23.78 16.91
CA GLU D 242 46.21 -24.00 15.95
C GLU D 242 44.89 -23.42 16.45
N GLY D 243 44.38 -23.93 17.55
CA GLY D 243 43.07 -23.53 18.02
C GLY D 243 42.01 -24.52 17.62
N ILE D 244 41.62 -25.39 18.56
CA ILE D 244 40.71 -26.49 18.29
C ILE D 244 39.45 -26.29 19.12
N VAL D 245 38.30 -26.30 18.44
CA VAL D 245 37.03 -26.03 19.13
C VAL D 245 36.77 -27.10 20.16
N ARG D 246 36.81 -26.72 21.44
CA ARG D 246 36.52 -27.67 22.51
C ARG D 246 35.05 -27.70 22.88
N ARG D 247 34.37 -26.55 22.79
CA ARG D 247 32.96 -26.47 23.16
C ARG D 247 32.33 -25.31 22.44
N ILE D 248 31.22 -25.57 21.76
CA ILE D 248 30.51 -24.56 20.99
C ILE D 248 29.17 -24.29 21.66
N GLU D 249 28.97 -23.05 22.10
CA GLU D 249 27.76 -22.64 22.78
C GLU D 249 26.97 -21.70 21.89
N VAL D 250 25.65 -21.66 22.10
CA VAL D 250 24.75 -20.84 21.31
C VAL D 250 23.96 -19.95 22.24
N LYS D 251 24.10 -18.64 22.07
CA LYS D 251 23.29 -17.66 22.77
C LYS D 251 22.92 -16.55 21.80
N LYS D 252 21.79 -15.90 22.06
CA LYS D 252 21.28 -14.93 21.11
C LYS D 252 22.19 -13.71 21.03
N MET D 253 22.23 -13.11 19.85
CA MET D 253 23.06 -11.93 19.64
C MET D 253 22.40 -10.73 20.30
N VAL D 254 23.00 -10.22 21.37
CA VAL D 254 22.47 -9.06 22.05
C VAL D 254 23.02 -7.80 21.39
N THR D 255 22.28 -7.29 20.41
CA THR D 255 22.64 -6.07 19.70
C THR D 255 22.05 -4.87 20.44
N LYS D 256 22.01 -3.73 19.76
CA LYS D 256 21.44 -2.51 20.35
C LYS D 256 19.93 -2.64 20.37
N GLN D 257 19.44 -3.39 21.36
CA GLN D 257 18.02 -3.62 21.55
C GLN D 257 17.45 -2.42 22.30
N LYS D 258 17.12 -1.37 21.55
CA LYS D 258 16.61 -0.14 22.16
C LYS D 258 15.28 -0.41 22.86
N GLY D 259 15.15 0.09 24.08
CA GLY D 259 13.95 -0.11 24.87
C GLY D 259 13.87 -1.43 25.60
N ASN D 260 14.87 -2.29 25.47
CA ASN D 260 14.89 -3.59 26.12
C ASN D 260 16.22 -3.80 26.82
N ARG D 261 16.18 -4.43 27.98
CA ARG D 261 17.37 -4.75 28.75
C ARG D 261 17.73 -6.22 28.57
N ARG D 262 18.75 -6.68 29.30
CA ARG D 262 19.19 -8.07 29.22
C ARG D 262 18.44 -8.93 30.23
N THR D 263 17.12 -8.88 30.15
CA THR D 263 16.29 -9.67 31.03
C THR D 263 16.41 -11.16 30.67
N PRO D 264 16.16 -12.05 31.64
CA PRO D 264 16.26 -13.48 31.35
C PRO D 264 15.34 -13.95 30.22
N ASN D 265 14.19 -13.30 30.05
CA ASN D 265 13.32 -13.65 28.92
C ASN D 265 13.86 -13.09 27.61
N ASP D 266 14.56 -11.95 27.65
CA ASP D 266 15.05 -11.34 26.42
C ASP D 266 16.18 -12.16 25.82
N ASP D 267 17.18 -12.52 26.62
CA ASP D 267 18.36 -13.19 26.07
C ASP D 267 18.11 -14.66 25.76
N VAL D 268 17.11 -15.28 26.38
CA VAL D 268 16.80 -16.67 26.07
C VAL D 268 16.19 -16.74 24.68
N LEU D 269 16.43 -17.85 24.00
CA LEU D 269 15.93 -18.06 22.64
C LEU D 269 14.67 -18.94 22.71
N LYS D 270 13.59 -18.46 22.10
CA LYS D 270 12.37 -19.25 22.07
C LYS D 270 12.57 -20.56 21.34
N THR D 271 13.35 -20.55 20.26
CA THR D 271 13.65 -21.77 19.54
C THR D 271 14.38 -22.75 20.44
N LYS D 272 13.98 -24.02 20.37
CA LYS D 272 14.56 -25.02 21.24
C LYS D 272 16.02 -25.28 20.87
N ASP D 273 16.74 -25.87 21.81
CA ASP D 273 18.17 -26.10 21.63
C ASP D 273 18.43 -27.12 20.52
N TYR D 274 17.61 -28.17 20.43
CA TYR D 274 17.87 -29.22 19.45
C TYR D 274 17.80 -28.71 18.03
N VAL D 275 16.95 -27.71 17.76
CA VAL D 275 16.82 -27.18 16.40
C VAL D 275 18.15 -26.58 15.96
N ILE D 276 18.79 -25.81 16.84
CA ILE D 276 20.08 -25.24 16.51
C ILE D 276 21.16 -26.31 16.48
N ASP D 277 21.10 -27.25 17.42
CA ASP D 277 22.13 -28.28 17.51
C ASP D 277 22.20 -29.13 16.25
N ARG D 278 21.03 -29.52 15.71
CA ARG D 278 21.02 -30.35 14.52
C ARG D 278 21.50 -29.62 13.28
N GLU D 279 21.65 -28.30 13.33
CA GLU D 279 22.06 -27.52 12.18
C GLU D 279 23.54 -27.16 12.17
N ILE D 280 24.21 -27.20 13.32
CA ILE D 280 25.60 -26.78 13.38
C ILE D 280 26.49 -27.80 12.70
N GLU D 281 27.34 -27.33 11.79
CA GLU D 281 28.27 -28.20 11.10
C GLU D 281 29.66 -28.23 11.71
N ILE D 282 30.04 -27.20 12.48
CA ILE D 282 31.34 -27.19 13.12
C ILE D 282 31.39 -28.29 14.17
N GLN D 283 32.48 -29.05 14.19
CA GLN D 283 32.58 -30.16 15.12
C GLN D 283 33.81 -30.02 16.00
N PRO D 284 33.71 -30.42 17.27
CA PRO D 284 34.89 -30.40 18.14
C PRO D 284 35.97 -31.34 17.65
N GLY D 285 37.21 -31.00 17.95
CA GLY D 285 38.35 -31.77 17.47
C GLY D 285 38.89 -31.35 16.13
N LYS D 286 38.29 -30.36 15.49
CA LYS D 286 38.73 -29.88 14.19
C LYS D 286 39.17 -28.43 14.32
N ILE D 287 40.11 -28.01 13.48
CA ILE D 287 40.69 -26.67 13.59
C ILE D 287 39.82 -25.75 12.75
N PHE D 288 38.65 -25.42 13.29
CA PHE D 288 37.79 -24.32 12.84
C PHE D 288 37.82 -24.04 11.35
N ASN D 289 37.53 -25.04 10.51
CA ASN D 289 37.54 -24.78 9.09
C ASN D 289 36.45 -23.78 8.73
N VAL D 290 36.85 -22.59 8.28
CA VAL D 290 35.90 -21.51 8.05
C VAL D 290 34.82 -21.91 7.04
N LYS D 291 35.12 -22.87 6.17
CA LYS D 291 34.08 -23.38 5.27
C LYS D 291 32.97 -24.05 6.05
N GLU D 292 33.31 -24.78 7.12
CA GLU D 292 32.28 -25.37 7.96
C GLU D 292 31.40 -24.30 8.59
N TYR D 293 32.02 -23.22 9.07
CA TYR D 293 31.23 -22.14 9.65
C TYR D 293 30.35 -21.48 8.60
N ASP D 294 30.87 -21.33 7.38
CA ASP D 294 30.05 -20.77 6.31
C ASP D 294 28.86 -21.66 6.01
N ALA D 295 29.07 -22.97 6.00
CA ALA D 295 27.96 -23.89 5.79
C ALA D 295 26.94 -23.77 6.91
N THR D 296 27.41 -23.66 8.16
CA THR D 296 26.49 -23.54 9.28
C THR D 296 25.67 -22.26 9.18
N VAL D 297 26.30 -21.14 8.85
CA VAL D 297 25.55 -19.89 8.76
C VAL D 297 24.60 -19.93 7.57
N ASP D 298 24.99 -20.59 6.47
CA ASP D 298 24.08 -20.73 5.34
C ASP D 298 22.85 -21.54 5.73
N ASN D 299 23.05 -22.65 6.45
CA ASN D 299 21.91 -23.43 6.88
C ASN D 299 21.01 -22.64 7.83
N LEU D 300 21.62 -21.90 8.77
CA LEU D 300 20.82 -21.13 9.70
C LEU D 300 20.02 -20.05 8.99
N MET D 301 20.64 -19.38 8.01
CA MET D 301 19.90 -18.39 7.22
C MET D 301 18.77 -19.05 6.44
N ARG D 302 19.03 -20.21 5.84
CA ARG D 302 18.00 -20.91 5.09
C ARG D 302 16.87 -21.38 6.00
N LEU D 303 17.13 -21.50 7.31
CA LEU D 303 16.05 -21.86 8.22
C LEU D 303 14.96 -20.81 8.21
N GLY D 304 15.32 -19.54 8.04
CA GLY D 304 14.35 -18.49 7.80
C GLY D 304 13.97 -17.67 9.01
N ILE D 305 14.07 -18.26 10.20
CA ILE D 305 13.60 -17.61 11.42
C ILE D 305 14.70 -16.74 12.02
N PHE D 306 15.80 -16.58 11.30
CA PHE D 306 16.92 -15.78 11.76
C PHE D 306 17.29 -14.75 10.71
N LYS D 307 17.92 -13.66 11.17
CA LYS D 307 18.32 -12.57 10.30
C LYS D 307 19.81 -12.36 10.23
N ASN D 308 20.56 -12.63 11.30
CA ASN D 308 22.01 -12.47 11.28
C ASN D 308 22.64 -13.40 12.30
N VAL D 309 23.81 -13.94 11.95
CA VAL D 309 24.54 -14.85 12.82
C VAL D 309 26.02 -14.46 12.78
N LYS D 310 26.63 -14.34 13.95
CA LYS D 310 28.05 -14.02 14.05
C LYS D 310 28.72 -14.96 15.05
N TYR D 311 30.01 -15.20 14.84
CA TYR D 311 30.79 -16.07 15.70
C TYR D 311 31.73 -15.25 16.56
N GLU D 312 32.20 -15.87 17.65
CA GLU D 312 33.05 -15.19 18.60
C GLU D 312 33.92 -16.22 19.30
N ALA D 313 35.23 -15.98 19.30
CA ALA D 313 36.18 -16.92 19.88
C ALA D 313 36.60 -16.44 21.26
N ARG D 314 36.44 -17.31 22.25
CA ARG D 314 36.76 -16.98 23.63
C ARG D 314 37.69 -18.05 24.19
N SER D 315 38.78 -17.62 24.82
CA SER D 315 39.77 -18.55 25.32
C SER D 315 39.26 -19.28 26.55
N ILE D 316 39.72 -20.51 26.72
CA ILE D 316 39.46 -21.32 27.91
C ILE D 316 40.73 -21.32 28.75
N PRO D 317 40.70 -20.79 29.97
CA PRO D 317 41.92 -20.73 30.78
C PRO D 317 42.52 -22.11 31.00
N GLY D 318 43.85 -22.16 30.95
CA GLY D 318 44.57 -23.41 31.14
C GLY D 318 44.74 -24.24 29.89
N ASP D 319 44.00 -23.93 28.82
CA ASP D 319 44.10 -24.66 27.55
C ASP D 319 44.49 -23.70 26.46
N PRO D 320 45.75 -23.70 26.01
CA PRO D 320 46.16 -22.77 24.96
C PRO D 320 45.40 -22.98 23.67
N GLU D 321 45.45 -24.19 23.12
CA GLU D 321 44.75 -24.47 21.87
C GLU D 321 43.25 -24.43 22.03
N GLY D 322 42.73 -24.55 23.25
CA GLY D 322 41.30 -24.54 23.46
C GLY D 322 40.64 -23.24 23.05
N ILE D 323 39.53 -23.32 22.34
CA ILE D 323 38.74 -22.15 21.99
C ILE D 323 37.28 -22.45 22.31
N ASP D 324 36.65 -21.58 23.08
CA ASP D 324 35.25 -21.72 23.48
C ASP D 324 34.41 -20.89 22.52
N LEU D 325 34.33 -21.36 21.28
CA LEU D 325 33.57 -20.64 20.27
C LEU D 325 32.11 -20.49 20.70
N ILE D 326 31.59 -19.28 20.57
CA ILE D 326 30.23 -18.95 20.97
C ILE D 326 29.52 -18.30 19.79
N LEU D 327 28.35 -18.81 19.45
CA LEU D 327 27.61 -18.35 18.29
C LEU D 327 26.60 -17.30 18.70
N LEU D 328 26.47 -16.25 17.88
CA LEU D 328 25.49 -15.20 18.10
C LEU D 328 24.35 -15.36 17.11
N ILE D 329 23.12 -15.25 17.61
CA ILE D 329 21.92 -15.53 16.81
C ILE D 329 20.94 -14.38 17.00
N ASP D 330 20.30 -13.97 15.90
CA ASP D 330 19.30 -12.92 15.91
C ASP D 330 17.95 -13.51 15.54
N GLU D 331 16.92 -13.19 16.33
CA GLU D 331 15.57 -13.64 16.06
C GLU D 331 14.77 -12.51 15.41
N ASP D 332 14.00 -12.86 14.38
CA ASP D 332 13.30 -11.84 13.59
C ASP D 332 11.86 -11.63 14.07
N ARG D 333 11.02 -12.66 13.97
CA ARG D 333 9.62 -12.54 14.35
C ARG D 333 9.02 -13.93 14.41
N THR D 334 8.32 -14.24 15.50
CA THR D 334 7.70 -15.55 15.65
C THR D 334 6.18 -15.48 15.46
N ALA D 335 5.52 -14.53 16.13
CA ALA D 335 4.06 -14.41 16.09
C ALA D 335 3.67 -13.18 15.29
N GLU D 336 2.61 -13.30 14.50
CA GLU D 336 2.09 -12.20 13.70
C GLU D 336 0.58 -12.30 13.66
N LEU D 337 -0.07 -11.13 13.60
CA LEU D 337 -1.53 -11.07 13.47
C LEU D 337 -1.87 -9.78 12.71
N GLN D 338 -2.01 -9.91 11.40
CA GLN D 338 -2.32 -8.79 10.53
C GLN D 338 -3.71 -8.94 9.94
N GLY D 339 -4.48 -7.87 9.95
CA GLY D 339 -5.84 -7.92 9.44
C GLY D 339 -6.28 -6.56 8.96
N GLY D 340 -7.13 -6.56 7.93
CA GLY D 340 -7.66 -5.34 7.38
C GLY D 340 -9.11 -5.50 6.95
N VAL D 341 -9.98 -4.61 7.40
CA VAL D 341 -11.42 -4.74 7.20
C VAL D 341 -11.95 -3.50 6.53
N ALA D 342 -12.71 -3.69 5.46
CA ALA D 342 -13.45 -2.62 4.80
C ALA D 342 -14.90 -3.05 4.72
N TYR D 343 -15.81 -2.13 5.01
CA TYR D 343 -17.22 -2.48 5.14
C TYR D 343 -18.07 -1.24 4.89
N GLY D 344 -19.38 -1.47 4.78
CA GLY D 344 -20.32 -0.37 4.68
C GLY D 344 -20.75 -0.08 3.26
N SER D 345 -21.94 -0.58 2.88
CA SER D 345 -22.47 -0.43 1.53
C SER D 345 -21.51 -0.96 0.48
N GLU D 346 -21.83 -0.74 -0.80
CA GLU D 346 -21.00 -1.21 -1.90
C GLU D 346 -20.70 -2.70 -1.77
N THR D 347 -19.52 -3.04 -1.25
CA THR D 347 -19.10 -4.41 -1.06
C THR D 347 -19.48 -4.89 0.33
N GLY D 348 -18.93 -6.03 0.74
CA GLY D 348 -19.21 -6.55 2.06
C GLY D 348 -18.01 -6.47 2.99
N PHE D 349 -17.96 -7.40 3.94
CA PHE D 349 -16.90 -7.44 4.95
C PHE D 349 -15.66 -7.93 4.22
N LEU D 350 -14.86 -6.99 3.72
CA LEU D 350 -13.69 -7.31 2.91
C LEU D 350 -12.50 -7.52 3.83
N GLY D 351 -12.59 -8.56 4.66
CA GLY D 351 -11.62 -8.80 5.72
C GLY D 351 -10.54 -9.76 5.26
N THR D 352 -9.29 -9.41 5.58
CA THR D 352 -8.13 -10.24 5.27
C THR D 352 -7.28 -10.29 6.53
N LEU D 353 -7.55 -11.26 7.40
CA LEU D 353 -6.83 -11.38 8.65
C LEU D 353 -6.04 -12.68 8.67
N SER D 354 -4.91 -12.65 9.38
CA SER D 354 -4.02 -13.80 9.47
C SER D 354 -3.56 -13.99 10.91
N LEU D 355 -3.16 -15.22 11.22
CA LEU D 355 -2.60 -15.57 12.51
C LEU D 355 -1.35 -16.43 12.30
N LYS D 356 -0.46 -15.96 11.43
CA LYS D 356 0.73 -16.72 11.10
C LYS D 356 1.68 -16.76 12.29
N ASP D 357 2.13 -17.97 12.64
CA ASP D 357 3.06 -18.20 13.74
C ASP D 357 4.13 -19.13 13.22
N SER D 358 5.21 -18.59 12.69
CA SER D 358 6.19 -19.43 12.00
C SER D 358 7.33 -19.83 12.92
N ASN D 359 7.05 -19.82 14.21
CA ASN D 359 7.95 -20.46 15.17
C ASN D 359 7.12 -21.09 16.29
N TRP D 360 5.92 -21.55 15.97
CA TRP D 360 4.96 -21.96 16.98
C TRP D 360 5.55 -23.03 17.88
N ARG D 361 5.35 -22.87 19.19
CA ARG D 361 5.86 -23.77 20.22
C ARG D 361 7.38 -23.84 20.25
N GLY D 362 8.06 -23.00 19.46
CA GLY D 362 9.50 -22.98 19.47
C GLY D 362 10.17 -24.16 18.81
N LYS D 363 9.43 -24.98 18.06
CA LYS D 363 9.97 -26.15 17.40
C LYS D 363 10.16 -25.95 15.90
N ASN D 364 10.23 -24.70 15.45
CA ASN D 364 10.31 -24.32 14.04
C ASN D 364 9.04 -24.67 13.27
N GLN D 365 8.05 -25.28 13.92
CA GLN D 365 6.82 -25.65 13.24
C GLN D 365 6.05 -24.41 12.83
N GLN D 366 5.58 -24.40 11.59
CA GLN D 366 4.78 -23.30 11.07
C GLN D 366 3.32 -23.57 11.34
N PHE D 367 2.66 -22.64 12.04
CA PHE D 367 1.26 -22.79 12.42
C PHE D 367 0.56 -21.48 12.15
N GLY D 368 -0.56 -21.52 11.43
CA GLY D 368 -1.24 -20.29 11.07
C GLY D 368 -2.69 -20.53 10.73
N PHE D 369 -3.51 -19.53 11.02
CA PHE D 369 -4.91 -19.49 10.63
C PHE D 369 -5.08 -18.29 9.71
N THR D 370 -5.63 -18.52 8.52
CA THR D 370 -5.85 -17.46 7.56
C THR D 370 -7.34 -17.39 7.20
N PHE D 371 -7.91 -16.20 7.30
CA PHE D 371 -9.28 -15.94 6.90
C PHE D 371 -9.29 -14.84 5.87
N GLU D 372 -10.01 -15.05 4.78
CA GLU D 372 -10.16 -14.05 3.74
C GLU D 372 -11.61 -13.93 3.34
N LYS D 373 -12.03 -12.72 3.01
CA LYS D 373 -13.35 -12.47 2.44
C LYS D 373 -13.24 -11.37 1.42
N SER D 374 -13.99 -11.46 0.33
CA SER D 374 -13.99 -10.44 -0.70
C SER D 374 -15.43 -10.17 -1.16
N ASN D 375 -15.55 -9.23 -2.09
CA ASN D 375 -16.87 -8.87 -2.60
C ASN D 375 -17.43 -9.95 -3.51
N LYS D 376 -16.56 -10.65 -4.24
CA LYS D 376 -17.02 -11.66 -5.18
C LYS D 376 -17.29 -12.97 -4.45
N ASN D 377 -18.07 -12.90 -3.38
CA ASN D 377 -18.53 -14.05 -2.61
C ASN D 377 -17.40 -15.05 -2.34
N TYR D 378 -16.23 -14.54 -1.97
CA TYR D 378 -15.10 -15.38 -1.61
C TYR D 378 -15.04 -15.53 -0.09
N THR D 379 -14.75 -16.75 0.35
CA THR D 379 -14.51 -17.02 1.76
C THR D 379 -13.40 -18.03 1.87
N GLY D 380 -12.40 -17.74 2.70
CA GLY D 380 -11.25 -18.62 2.80
C GLY D 380 -10.90 -18.98 4.23
N PHE D 381 -10.60 -20.25 4.47
CA PHE D 381 -10.08 -20.72 5.73
C PHE D 381 -8.83 -21.54 5.48
N ALA D 382 -7.90 -21.52 6.43
CA ALA D 382 -6.69 -22.31 6.30
C ALA D 382 -6.07 -22.47 7.67
N LEU D 383 -6.06 -23.69 8.19
CA LEU D 383 -5.34 -24.01 9.43
C LEU D 383 -4.15 -24.87 9.04
N ASP D 384 -3.07 -24.20 8.64
CA ASP D 384 -1.91 -24.88 8.08
C ASP D 384 -0.91 -25.18 9.18
N PHE D 385 -0.49 -26.44 9.25
CA PHE D 385 0.56 -26.87 10.15
C PHE D 385 1.62 -27.60 9.34
N TYR D 386 2.89 -27.30 9.61
CA TYR D 386 3.97 -27.89 8.85
C TYR D 386 5.20 -28.01 9.74
N ASP D 387 5.76 -29.22 9.80
CA ASP D 387 7.00 -29.46 10.54
C ASP D 387 8.08 -29.91 9.57
N PRO D 388 9.01 -29.03 9.20
CA PRO D 388 10.07 -29.44 8.27
C PRO D 388 11.00 -30.50 8.84
N TRP D 389 11.00 -30.70 10.16
CA TRP D 389 11.87 -31.71 10.76
C TRP D 389 11.29 -32.10 12.11
N ILE D 390 10.87 -33.35 12.25
CA ILE D 390 10.34 -33.84 13.52
C ILE D 390 11.47 -33.92 14.53
N LYS D 391 11.17 -33.59 15.78
CA LYS D 391 12.11 -33.66 16.89
C LYS D 391 12.86 -34.99 16.90
N ASP D 392 14.17 -34.91 16.72
CA ASP D 392 15.06 -36.06 16.81
C ASP D 392 14.65 -37.16 15.83
N THR D 393 14.72 -36.84 14.55
CA THR D 393 14.37 -37.79 13.49
C THR D 393 15.35 -37.61 12.34
N ASP D 394 15.25 -38.52 11.37
CA ASP D 394 16.16 -38.55 10.23
C ASP D 394 15.59 -37.76 9.05
N ARG D 395 15.34 -36.47 9.30
CA ARG D 395 14.89 -35.54 8.26
C ARG D 395 13.59 -36.01 7.61
N VAL D 396 12.54 -36.11 8.42
CA VAL D 396 11.22 -36.50 7.95
C VAL D 396 10.26 -35.36 8.24
N SER D 397 9.62 -34.85 7.19
CA SER D 397 8.68 -33.76 7.35
C SER D 397 7.33 -34.28 7.80
N TRP D 398 6.47 -33.35 8.19
CA TRP D 398 5.11 -33.67 8.61
C TRP D 398 4.29 -32.40 8.63
N GLY D 399 2.98 -32.55 8.48
CA GLY D 399 2.10 -31.41 8.58
C GLY D 399 0.75 -31.72 7.99
N TRP D 400 -0.22 -30.89 8.37
CA TRP D 400 -1.57 -31.01 7.84
C TRP D 400 -2.20 -29.64 7.80
N GLY D 401 -3.04 -29.42 6.80
CA GLY D 401 -3.77 -28.17 6.69
C GLY D 401 -5.20 -28.35 6.26
N ALA D 402 -6.13 -27.89 7.09
CA ALA D 402 -7.55 -27.97 6.78
C ALA D 402 -8.01 -26.64 6.21
N TYR D 403 -8.68 -26.69 5.08
CA TYR D 403 -9.08 -25.47 4.39
C TYR D 403 -10.53 -25.55 3.94
N ARG D 404 -11.22 -24.42 4.01
CA ARG D 404 -12.56 -24.27 3.46
C ARG D 404 -12.55 -23.07 2.52
N THR D 405 -13.19 -23.22 1.36
CA THR D 405 -13.20 -22.17 0.35
C THR D 405 -14.58 -22.11 -0.27
N SER D 406 -15.35 -21.09 0.10
CA SER D 406 -16.68 -20.87 -0.50
C SER D 406 -16.55 -19.97 -1.73
N TYR D 407 -15.73 -20.42 -2.67
CA TYR D 407 -15.44 -19.64 -3.86
C TYR D 407 -16.71 -19.40 -4.67
N GLY D 408 -16.86 -18.16 -5.14
CA GLY D 408 -17.98 -17.80 -5.99
C GLY D 408 -17.49 -17.32 -7.35
N ASP D 409 -18.22 -17.69 -8.39
CA ASP D 409 -17.91 -17.27 -9.76
C ASP D 409 -19.24 -16.93 -10.43
N GLU D 410 -19.60 -15.64 -10.39
CA GLU D 410 -20.85 -15.20 -10.98
C GLU D 410 -20.85 -15.26 -12.50
N ASP D 411 -19.69 -15.40 -13.12
CA ASP D 411 -19.60 -15.45 -14.58
C ASP D 411 -19.91 -16.82 -15.16
N SER D 412 -20.06 -17.84 -14.31
CA SER D 412 -20.40 -19.18 -14.76
C SER D 412 -21.84 -19.49 -14.39
N ILE D 413 -22.63 -19.88 -15.38
CA ILE D 413 -24.05 -20.17 -15.13
C ILE D 413 -24.19 -21.43 -14.29
N LEU D 414 -23.48 -22.49 -14.66
CA LEU D 414 -23.60 -23.75 -13.95
C LEU D 414 -22.87 -23.75 -12.61
N PHE D 415 -21.83 -22.92 -12.48
CA PHE D 415 -20.98 -22.93 -11.29
C PHE D 415 -21.00 -21.59 -10.60
N HIS D 416 -22.20 -21.04 -10.38
CA HIS D 416 -22.33 -19.74 -9.75
C HIS D 416 -21.70 -19.73 -8.36
N GLU D 417 -21.96 -20.75 -7.56
CA GLU D 417 -21.41 -20.84 -6.22
C GLU D 417 -20.72 -22.19 -6.04
N ILE D 418 -19.56 -22.16 -5.40
CA ILE D 418 -18.76 -23.36 -5.17
C ILE D 418 -18.35 -23.39 -3.70
N ASP D 419 -18.67 -24.49 -3.03
CA ASP D 419 -18.28 -24.70 -1.65
C ASP D 419 -17.25 -25.81 -1.59
N THR D 420 -16.32 -25.70 -0.64
CA THR D 420 -15.24 -26.67 -0.52
C THR D 420 -14.90 -26.87 0.94
N ILE D 421 -14.70 -28.12 1.34
CA ILE D 421 -14.18 -28.46 2.66
C ILE D 421 -13.06 -29.46 2.46
N GLY D 422 -11.84 -29.10 2.87
CA GLY D 422 -10.71 -29.96 2.63
C GLY D 422 -9.78 -30.12 3.82
N PHE D 423 -9.27 -31.33 4.01
CA PHE D 423 -8.39 -31.66 5.12
C PHE D 423 -7.20 -32.43 4.56
N ARG D 424 -6.17 -31.72 4.13
CA ARG D 424 -5.03 -32.33 3.47
C ARG D 424 -3.93 -32.64 4.47
N THR D 425 -3.06 -33.56 4.09
CA THR D 425 -1.97 -34.01 4.94
C THR D 425 -0.79 -34.40 4.07
N ASN D 426 0.40 -33.94 4.43
CA ASN D 426 1.60 -34.23 3.67
C ASN D 426 2.72 -34.66 4.60
N ILE D 427 3.38 -35.76 4.27
CA ILE D 427 4.54 -36.26 4.99
C ILE D 427 5.64 -36.50 3.98
N GLY D 428 6.85 -36.07 4.30
CA GLY D 428 7.95 -36.16 3.36
C GLY D 428 9.26 -36.49 4.05
N LYS D 429 10.13 -37.18 3.31
CA LYS D 429 11.48 -37.51 3.74
C LYS D 429 12.47 -36.92 2.73
N GLY D 430 13.54 -36.33 3.25
CA GLY D 430 14.52 -35.65 2.42
C GLY D 430 15.70 -36.53 2.10
N LEU D 431 16.01 -36.63 0.80
CA LEU D 431 17.21 -37.32 0.34
C LEU D 431 18.35 -36.32 0.21
N GLY D 432 18.75 -35.79 1.35
CA GLY D 432 19.74 -34.74 1.40
C GLY D 432 19.14 -33.42 1.82
N LYS D 433 19.92 -32.36 1.65
CA LYS D 433 19.48 -31.01 1.99
C LYS D 433 18.79 -30.31 0.83
N ASN D 434 18.64 -30.96 -0.31
CA ASN D 434 18.05 -30.33 -1.50
C ASN D 434 16.99 -31.16 -2.19
N PHE D 435 16.93 -32.47 -1.96
CA PHE D 435 15.92 -33.32 -2.56
C PHE D 435 14.89 -33.69 -1.50
N THR D 436 13.62 -33.55 -1.85
CA THR D 436 12.53 -33.82 -0.91
C THR D 436 11.47 -34.64 -1.60
N LEU D 437 11.24 -35.86 -1.11
CA LEU D 437 10.20 -36.75 -1.60
C LEU D 437 9.09 -36.82 -0.57
N SER D 438 7.85 -36.62 -1.02
CA SER D 438 6.73 -36.57 -0.08
C SER D 438 5.47 -37.12 -0.72
N LEU D 439 4.63 -37.74 0.11
CA LEU D 439 3.32 -38.22 -0.30
C LEU D 439 2.27 -37.48 0.50
N GLY D 440 1.32 -36.85 -0.21
CA GLY D 440 0.32 -36.05 0.44
C GLY D 440 -1.09 -36.33 -0.04
N THR D 441 -2.00 -36.61 0.89
CA THR D 441 -3.37 -36.95 0.56
C THR D 441 -4.31 -35.84 1.02
N LYS D 442 -5.56 -35.93 0.57
CA LYS D 442 -6.57 -34.97 0.97
C LYS D 442 -7.95 -35.56 0.75
N VAL D 443 -8.93 -34.97 1.43
CA VAL D 443 -10.33 -35.31 1.25
C VAL D 443 -11.12 -34.03 1.11
N GLU D 444 -11.98 -33.97 0.09
CA GLU D 444 -12.71 -32.75 -0.21
C GLU D 444 -14.21 -33.03 -0.27
N TYR D 445 -14.99 -32.10 0.28
CA TYR D 445 -16.43 -32.07 0.12
C TYR D 445 -16.77 -30.82 -0.68
N ILE D 446 -17.27 -31.02 -1.89
CA ILE D 446 -17.55 -29.92 -2.80
C ILE D 446 -19.04 -29.90 -3.10
N LYS D 447 -19.63 -28.71 -3.09
CA LYS D 447 -21.01 -28.51 -3.49
C LYS D 447 -21.05 -27.43 -4.56
N GLU D 448 -21.55 -27.79 -5.74
CA GLU D 448 -21.64 -26.86 -6.85
C GLU D 448 -23.06 -26.31 -6.93
N LYS D 449 -23.18 -25.06 -7.34
CA LYS D 449 -24.48 -24.41 -7.46
C LYS D 449 -24.55 -23.65 -8.77
N HIS D 450 -25.71 -23.68 -9.41
CA HIS D 450 -25.93 -22.98 -10.65
C HIS D 450 -26.47 -21.58 -10.39
N GLU D 451 -26.52 -20.78 -11.45
CA GLU D 451 -27.03 -19.42 -11.35
C GLU D 451 -28.54 -19.44 -11.36
N ASP D 452 -29.15 -18.97 -10.26
CA ASP D 452 -30.61 -18.93 -10.18
C ASP D 452 -31.17 -17.92 -11.16
N GLY D 453 -32.27 -18.29 -11.81
CA GLY D 453 -32.89 -17.46 -12.82
C GLY D 453 -32.34 -17.62 -14.22
N LYS D 454 -31.28 -18.41 -14.39
CA LYS D 454 -30.71 -18.67 -15.71
C LYS D 454 -30.86 -20.11 -16.16
N LEU D 455 -31.09 -21.04 -15.24
CA LEU D 455 -31.30 -22.44 -15.56
C LEU D 455 -32.71 -22.85 -15.16
N ARG D 456 -33.43 -23.46 -16.08
CA ARG D 456 -34.81 -23.90 -15.86
C ARG D 456 -34.87 -25.41 -15.91
N GLN D 457 -35.49 -26.00 -14.89
CA GLN D 457 -35.72 -27.45 -14.86
C GLN D 457 -37.20 -27.73 -15.11
N ALA D 458 -37.47 -28.67 -15.99
CA ALA D 458 -38.84 -29.00 -16.32
C ALA D 458 -39.40 -30.04 -15.34
N ASN D 459 -40.67 -30.38 -15.55
CA ASN D 459 -41.34 -31.34 -14.67
C ASN D 459 -40.70 -32.71 -14.70
N ASN D 460 -40.00 -33.06 -15.78
CA ASN D 460 -39.37 -34.37 -15.88
C ASN D 460 -38.18 -34.52 -14.94
N GLY D 461 -37.71 -33.43 -14.34
CA GLY D 461 -36.57 -33.48 -13.44
C GLY D 461 -35.25 -33.09 -14.07
N LYS D 462 -35.19 -33.00 -15.38
CA LYS D 462 -33.97 -32.60 -16.07
C LYS D 462 -33.88 -31.08 -16.19
N TRP D 463 -32.67 -30.60 -16.45
CA TRP D 463 -32.37 -29.18 -16.49
C TRP D 463 -32.11 -28.74 -17.91
N TYR D 464 -32.66 -27.58 -18.28
CA TYR D 464 -32.53 -27.05 -19.62
C TYR D 464 -32.09 -25.60 -19.58
N TYR D 465 -31.26 -25.22 -20.55
CA TYR D 465 -30.73 -23.87 -20.68
C TYR D 465 -31.19 -23.30 -22.02
N LYS D 466 -31.68 -22.07 -22.00
CA LYS D 466 -32.28 -21.45 -23.17
C LYS D 466 -31.22 -20.66 -23.92
N GLU D 467 -30.88 -21.12 -25.12
CA GLU D 467 -30.01 -20.39 -26.04
C GLU D 467 -30.75 -20.24 -27.36
N LYS D 468 -30.85 -19.02 -27.84
CA LYS D 468 -31.62 -18.66 -29.05
C LYS D 468 -32.93 -19.45 -29.11
N ASN D 469 -33.75 -19.24 -28.08
CA ASN D 469 -35.10 -19.80 -27.94
C ASN D 469 -35.15 -21.30 -28.25
N LYS D 470 -34.27 -22.05 -27.60
CA LYS D 470 -34.39 -23.51 -27.57
C LYS D 470 -33.77 -24.00 -26.27
N TRP D 471 -34.28 -25.13 -25.79
CA TRP D 471 -33.85 -25.69 -24.51
C TRP D 471 -32.78 -26.74 -24.73
N ARG D 472 -31.66 -26.61 -24.01
CA ARG D 472 -30.54 -27.52 -24.10
C ARG D 472 -30.38 -28.25 -22.77
N GLU D 473 -30.39 -29.57 -22.80
CA GLU D 473 -30.28 -30.35 -21.58
C GLU D 473 -28.89 -30.20 -20.98
N ILE D 474 -28.83 -29.75 -19.74
CA ILE D 474 -27.57 -29.56 -19.01
C ILE D 474 -27.61 -30.41 -17.76
N GLU D 475 -26.58 -31.21 -17.55
CA GLU D 475 -26.52 -32.15 -16.44
C GLU D 475 -25.47 -31.73 -15.44
N GLY D 476 -25.53 -32.35 -14.25
CA GLY D 476 -24.62 -32.01 -13.18
C GLY D 476 -25.02 -30.82 -12.34
N VAL D 477 -26.21 -30.27 -12.56
CA VAL D 477 -26.66 -29.11 -11.81
C VAL D 477 -26.84 -29.48 -10.34
N ASP D 478 -26.45 -28.57 -9.45
CA ASP D 478 -26.52 -28.78 -8.01
C ASP D 478 -25.80 -30.06 -7.60
N ASP D 479 -24.50 -30.08 -7.86
CA ASP D 479 -23.68 -31.26 -7.64
C ASP D 479 -23.04 -31.22 -6.26
N LYS D 480 -23.23 -32.29 -5.50
CA LYS D 480 -22.59 -32.47 -4.21
C LYS D 480 -21.88 -33.82 -4.23
N TYR D 481 -20.60 -33.83 -3.89
CA TYR D 481 -19.83 -35.06 -4.00
C TYR D 481 -18.58 -34.99 -3.15
N TRP D 482 -18.20 -36.14 -2.60
CA TRP D 482 -16.92 -36.27 -1.94
C TRP D 482 -15.81 -36.31 -2.97
N LEU D 483 -14.57 -36.21 -2.49
CA LEU D 483 -13.40 -36.16 -3.37
C LEU D 483 -12.18 -36.61 -2.59
N TRP D 484 -11.68 -37.80 -2.88
CA TRP D 484 -10.49 -38.32 -2.23
C TRP D 484 -9.37 -38.42 -3.25
N SER D 485 -8.16 -38.02 -2.85
CA SER D 485 -7.03 -38.06 -3.76
C SER D 485 -5.74 -38.11 -2.97
N ILE D 486 -4.73 -38.74 -3.55
CA ILE D 486 -3.37 -38.76 -3.01
C ILE D 486 -2.41 -38.33 -4.09
N TYR D 487 -1.23 -37.90 -3.68
CA TYR D 487 -0.20 -37.51 -4.63
C TYR D 487 1.19 -37.66 -4.05
N PRO D 488 2.04 -38.47 -4.64
CA PRO D 488 3.47 -38.44 -4.28
C PRO D 488 4.22 -37.42 -5.09
N TYR D 489 4.89 -36.47 -4.43
CA TYR D 489 5.58 -35.40 -5.13
C TYR D 489 7.02 -35.29 -4.66
N ILE D 490 7.88 -34.90 -5.58
CA ILE D 490 9.30 -34.67 -5.30
C ILE D 490 9.60 -33.21 -5.59
N SER D 491 10.41 -32.60 -4.73
CA SER D 491 10.73 -31.18 -4.85
C SER D 491 12.23 -30.97 -4.67
N TYR D 492 12.78 -30.06 -5.47
CA TYR D 492 14.21 -29.76 -5.46
C TYR D 492 14.38 -28.30 -5.08
N ASP D 493 15.11 -28.06 -3.99
CA ASP D 493 15.22 -26.72 -3.41
C ASP D 493 16.68 -26.35 -3.23
N THR D 494 17.04 -25.15 -3.69
CA THR D 494 18.38 -24.63 -3.46
C THR D 494 18.36 -23.14 -3.08
N ARG D 495 17.21 -22.59 -2.75
CA ARG D 495 17.13 -21.17 -2.43
C ARG D 495 17.90 -20.86 -1.15
N ASN D 496 18.57 -19.71 -1.14
CA ASN D 496 19.33 -19.34 0.05
C ASN D 496 18.40 -18.99 1.21
N ASN D 497 17.33 -18.24 0.94
CA ASN D 497 16.37 -17.86 1.97
C ASN D 497 14.96 -18.03 1.43
N TYR D 498 14.06 -18.52 2.28
CA TYR D 498 12.69 -18.75 1.84
C TYR D 498 11.88 -17.47 1.73
N LEU D 499 12.11 -16.51 2.63
CA LEU D 499 11.27 -15.32 2.68
C LEU D 499 11.52 -14.41 1.49
N ASN D 500 12.80 -14.07 1.24
CA ASN D 500 13.18 -13.15 0.18
C ASN D 500 14.30 -13.75 -0.68
N PRO D 501 14.01 -14.85 -1.37
CA PRO D 501 15.08 -15.57 -2.08
C PRO D 501 15.78 -14.68 -3.10
N THR D 502 17.09 -14.90 -3.22
CA THR D 502 17.91 -14.12 -4.13
C THR D 502 18.55 -14.93 -5.23
N SER D 503 18.94 -16.18 -4.96
CA SER D 503 19.58 -16.99 -5.98
C SER D 503 19.34 -18.46 -5.63
N GLY D 504 18.97 -19.25 -6.62
CA GLY D 504 18.76 -20.66 -6.41
C GLY D 504 17.78 -21.22 -7.42
N PHE D 505 17.37 -22.46 -7.16
CA PHE D 505 16.46 -23.19 -8.02
C PHE D 505 15.40 -23.86 -7.15
N TYR D 506 14.19 -23.98 -7.67
CA TYR D 506 13.09 -24.57 -6.92
C TYR D 506 12.17 -25.29 -7.90
N GLY D 507 12.24 -26.62 -7.93
CA GLY D 507 11.41 -27.40 -8.82
C GLY D 507 10.50 -28.36 -8.09
N LYS D 508 9.20 -28.27 -8.34
CA LYS D 508 8.21 -29.11 -7.70
C LYS D 508 7.46 -29.90 -8.75
N PHE D 509 7.23 -31.19 -8.48
CA PHE D 509 6.61 -32.09 -9.44
C PHE D 509 5.73 -33.07 -8.68
N GLN D 510 4.42 -32.99 -8.88
CA GLN D 510 3.48 -33.87 -8.21
C GLN D 510 2.61 -34.59 -9.23
N VAL D 511 2.30 -35.85 -8.94
CA VAL D 511 1.42 -36.66 -9.77
C VAL D 511 0.22 -37.03 -8.91
N GLU D 512 -0.97 -36.60 -9.33
CA GLU D 512 -2.17 -36.73 -8.53
C GLU D 512 -3.15 -37.67 -9.23
N ALA D 513 -3.73 -38.58 -8.46
CA ALA D 513 -4.73 -39.51 -8.99
C ALA D 513 -5.66 -39.90 -7.85
N GLY D 514 -6.94 -39.56 -7.96
CA GLY D 514 -7.87 -39.80 -6.88
C GLY D 514 -9.24 -40.14 -7.40
N HIS D 515 -10.13 -40.49 -6.47
CA HIS D 515 -11.48 -40.93 -6.77
C HIS D 515 -12.48 -39.86 -6.35
N ALA D 516 -13.41 -39.56 -7.23
CA ALA D 516 -14.43 -38.54 -6.99
C ALA D 516 -15.81 -39.13 -7.22
N GLY D 517 -16.77 -38.63 -6.47
CA GLY D 517 -18.15 -39.07 -6.56
C GLY D 517 -19.00 -38.15 -7.40
N GLY D 518 -20.32 -38.19 -7.16
CA GLY D 518 -21.23 -37.31 -7.86
C GLY D 518 -21.38 -37.67 -9.33
N TYR D 519 -21.67 -36.64 -10.13
CA TYR D 519 -21.86 -36.84 -11.57
C TYR D 519 -20.61 -37.42 -12.20
N LYS D 520 -20.78 -38.45 -13.01
CA LYS D 520 -19.67 -39.18 -13.63
C LYS D 520 -18.66 -39.63 -12.58
N SER D 521 -19.14 -40.48 -11.67
CA SER D 521 -18.26 -41.06 -10.66
C SER D 521 -17.12 -41.81 -11.33
N GLY D 522 -15.90 -41.59 -10.85
CA GLY D 522 -14.77 -42.28 -11.42
C GLY D 522 -13.47 -41.81 -10.77
N ASN D 523 -12.38 -42.32 -11.32
CA ASN D 523 -11.05 -42.00 -10.84
C ASN D 523 -10.35 -41.09 -11.85
N PHE D 524 -9.86 -39.95 -11.38
CA PHE D 524 -9.25 -38.95 -12.23
C PHE D 524 -7.76 -38.87 -11.93
N GLY D 525 -7.02 -38.24 -12.84
CA GLY D 525 -5.58 -38.11 -12.70
C GLY D 525 -5.16 -36.67 -12.88
N ASN D 526 -3.94 -36.39 -12.43
CA ASN D 526 -3.42 -35.03 -12.49
C ASN D 526 -1.91 -35.05 -12.31
N ALA D 527 -1.26 -34.06 -12.92
CA ALA D 527 0.18 -33.88 -12.75
C ALA D 527 0.49 -32.39 -12.82
N THR D 528 1.61 -32.01 -12.20
CA THR D 528 1.96 -30.59 -12.11
C THR D 528 3.45 -30.45 -11.94
N LEU D 529 4.06 -29.59 -12.78
CA LEU D 529 5.47 -29.29 -12.69
C LEU D 529 5.64 -27.78 -12.59
N GLU D 530 6.35 -27.34 -11.55
CA GLU D 530 6.57 -25.92 -11.31
C GLU D 530 8.05 -25.69 -11.08
N LEU D 531 8.64 -24.76 -11.85
CA LEU D 531 10.05 -24.44 -11.78
C LEU D 531 10.21 -22.98 -11.38
N ARG D 532 11.05 -22.74 -10.38
CA ARG D 532 11.38 -21.38 -9.95
C ARG D 532 12.89 -21.27 -9.82
N THR D 533 13.45 -20.24 -10.44
CA THR D 533 14.89 -20.02 -10.39
C THR D 533 15.17 -18.53 -10.26
N TYR D 534 16.36 -18.22 -9.74
CA TYR D 534 16.79 -16.84 -9.59
C TYR D 534 18.27 -16.74 -9.95
N HIS D 535 18.68 -15.56 -10.40
CA HIS D 535 20.09 -15.28 -10.60
C HIS D 535 20.29 -13.78 -10.61
N LYS D 536 21.54 -13.37 -10.46
CA LYS D 536 21.86 -11.95 -10.33
C LYS D 536 21.51 -11.19 -11.60
N GLY D 537 21.09 -9.94 -11.44
CA GLY D 537 20.63 -9.14 -12.54
C GLY D 537 21.57 -8.02 -12.95
N LEU D 538 21.02 -6.83 -13.19
CA LEU D 538 21.82 -5.74 -13.75
C LEU D 538 22.83 -5.21 -12.74
N PHE D 539 22.39 -4.96 -11.52
CA PHE D 539 23.25 -4.28 -10.54
C PHE D 539 22.87 -4.77 -9.14
N LYS D 540 23.32 -4.04 -8.13
CA LYS D 540 23.06 -4.41 -6.74
C LYS D 540 21.57 -4.40 -6.46
N ASN D 541 21.10 -5.44 -5.77
CA ASN D 541 19.71 -5.65 -5.37
C ASN D 541 18.78 -5.89 -6.56
N ASN D 542 19.30 -5.93 -7.78
CA ASN D 542 18.49 -6.23 -8.95
C ASN D 542 18.57 -7.73 -9.21
N ILE D 543 17.49 -8.45 -8.93
CA ILE D 543 17.44 -9.90 -9.05
C ILE D 543 16.49 -10.26 -10.17
N PHE D 544 16.95 -11.10 -11.09
CA PHE D 544 16.11 -11.64 -12.15
C PHE D 544 15.53 -12.96 -11.68
N ALA D 545 14.21 -13.09 -11.78
CA ALA D 545 13.50 -14.26 -11.29
C ALA D 545 12.66 -14.86 -12.41
N TYR D 546 12.68 -16.18 -12.51
CA TYR D 546 11.96 -16.91 -13.55
C TYR D 546 11.07 -17.96 -12.91
N LYS D 547 9.81 -18.00 -13.31
CA LYS D 547 8.87 -18.99 -12.80
C LYS D 547 8.04 -19.51 -13.97
N VAL D 548 8.08 -20.82 -14.17
CA VAL D 548 7.28 -21.48 -15.20
C VAL D 548 6.48 -22.58 -14.53
N VAL D 549 5.17 -22.57 -14.75
CA VAL D 549 4.26 -23.52 -14.13
C VAL D 549 3.63 -24.36 -15.24
N GLY D 550 3.68 -25.67 -15.08
CA GLY D 550 3.11 -26.57 -16.06
C GLY D 550 2.33 -27.68 -15.39
N GLY D 551 1.26 -28.11 -16.04
CA GLY D 551 0.45 -29.18 -15.53
C GLY D 551 -0.56 -29.70 -16.54
N VAL D 552 -0.83 -30.99 -16.49
CA VAL D 552 -1.81 -31.62 -17.37
C VAL D 552 -2.77 -32.43 -16.52
N ALA D 553 -3.98 -32.62 -17.04
CA ALA D 553 -4.98 -33.38 -16.31
C ALA D 553 -5.85 -34.12 -17.30
N THR D 554 -6.25 -35.34 -16.93
CA THR D 554 -7.15 -36.11 -17.75
C THR D 554 -8.53 -35.44 -17.80
N ASN D 555 -9.26 -35.71 -18.87
CA ASN D 555 -10.59 -35.11 -19.02
C ASN D 555 -11.59 -35.62 -18.00
N ASN D 556 -11.27 -36.69 -17.27
CA ASN D 556 -12.21 -37.23 -16.30
C ASN D 556 -12.37 -36.35 -15.07
N THR D 557 -11.47 -35.41 -14.85
CA THR D 557 -11.55 -34.56 -13.66
C THR D 557 -12.79 -33.68 -13.73
N LYS D 558 -13.32 -33.36 -12.55
CA LYS D 558 -14.51 -32.53 -12.47
C LYS D 558 -14.21 -31.12 -12.97
N GLU D 559 -15.26 -30.44 -13.43
CA GLU D 559 -15.08 -29.11 -14.00
C GLU D 559 -14.56 -28.12 -12.97
N SER D 560 -15.05 -28.22 -11.73
CA SER D 560 -14.58 -27.32 -10.67
C SER D 560 -13.11 -27.54 -10.38
N GLN D 561 -12.62 -28.77 -10.53
CA GLN D 561 -11.23 -29.10 -10.27
C GLN D 561 -10.33 -28.91 -11.48
N LYS D 562 -10.87 -28.42 -12.59
CA LYS D 562 -10.06 -28.17 -13.77
C LYS D 562 -9.14 -26.98 -13.52
N PHE D 563 -8.08 -26.90 -14.32
CA PHE D 563 -7.08 -25.87 -14.13
C PHE D 563 -7.64 -24.50 -14.48
N TRP D 564 -7.30 -23.51 -13.67
CA TRP D 564 -7.72 -22.12 -13.86
C TRP D 564 -6.51 -21.24 -14.07
N VAL D 565 -6.63 -20.31 -15.01
CA VAL D 565 -5.55 -19.36 -15.32
C VAL D 565 -6.12 -17.97 -15.18
N GLY D 566 -5.41 -17.11 -14.44
CA GLY D 566 -5.84 -15.75 -14.23
C GLY D 566 -5.57 -15.25 -12.82
N GLY D 567 -5.98 -14.02 -12.54
CA GLY D 567 -5.81 -13.46 -11.22
C GLY D 567 -4.37 -13.08 -10.94
N GLY D 568 -4.14 -12.60 -9.72
CA GLY D 568 -2.81 -12.18 -9.33
C GLY D 568 -1.85 -13.30 -9.00
N ASN D 569 -2.34 -14.54 -8.95
CA ASN D 569 -1.47 -15.66 -8.62
C ASN D 569 -0.78 -16.25 -9.84
N SER D 570 -1.48 -16.35 -10.96
CA SER D 570 -0.95 -17.03 -12.14
C SER D 570 -0.72 -16.08 -13.31
N LEU D 571 -1.74 -15.35 -13.75
CA LEU D 571 -1.64 -14.52 -14.94
C LEU D 571 -2.27 -13.16 -14.64
N ARG D 572 -1.44 -12.13 -14.54
CA ARG D 572 -1.93 -10.78 -14.31
C ARG D 572 -2.63 -10.25 -15.55
N GLY D 573 -3.35 -9.14 -15.37
CA GLY D 573 -4.00 -8.46 -16.46
C GLY D 573 -5.29 -9.10 -16.94
N TYR D 574 -5.70 -10.21 -16.33
CA TYR D 574 -6.95 -10.87 -16.70
C TYR D 574 -7.69 -11.25 -15.44
N ASP D 575 -9.01 -11.35 -15.54
CA ASP D 575 -9.82 -11.73 -14.40
C ASP D 575 -9.54 -13.18 -14.00
N GLY D 576 -9.88 -13.50 -12.76
CA GLY D 576 -9.70 -14.85 -12.25
C GLY D 576 -10.45 -15.88 -13.07
N GLY D 577 -9.77 -16.93 -13.49
CA GLY D 577 -10.40 -17.93 -14.32
C GLY D 577 -10.67 -17.50 -15.74
N PHE D 578 -9.84 -16.59 -16.28
CA PHE D 578 -10.03 -16.16 -17.66
C PHE D 578 -9.86 -17.33 -18.63
N PHE D 579 -8.87 -18.18 -18.39
CA PHE D 579 -8.66 -19.37 -19.18
C PHE D 579 -8.92 -20.60 -18.31
N LYS D 580 -9.64 -21.57 -18.88
CA LYS D 580 -9.94 -22.82 -18.20
C LYS D 580 -9.60 -23.97 -19.13
N GLY D 581 -9.27 -25.10 -18.53
CA GLY D 581 -8.95 -26.28 -19.31
C GLY D 581 -8.22 -27.32 -18.49
N SER D 582 -7.88 -28.41 -19.16
CA SER D 582 -7.18 -29.52 -18.54
C SER D 582 -5.68 -29.51 -18.82
N GLN D 583 -5.18 -28.52 -19.55
CA GLN D 583 -3.75 -28.40 -19.83
C GLN D 583 -3.36 -26.94 -19.61
N LYS D 584 -2.51 -26.69 -18.61
CA LYS D 584 -2.13 -25.35 -18.23
C LYS D 584 -0.61 -25.20 -18.26
N LEU D 585 -0.14 -24.09 -18.83
CA LEU D 585 1.27 -23.74 -18.82
C LEU D 585 1.39 -22.23 -18.72
N VAL D 586 1.98 -21.76 -17.62
CA VAL D 586 2.14 -20.34 -17.36
C VAL D 586 3.60 -20.08 -17.02
N ALA D 587 4.20 -19.10 -17.71
CA ALA D 587 5.57 -18.69 -17.48
C ALA D 587 5.61 -17.22 -17.13
N THR D 588 6.38 -16.89 -16.09
CA THR D 588 6.47 -15.52 -15.59
C THR D 588 7.92 -15.15 -15.33
N ILE D 589 8.28 -13.92 -15.69
CA ILE D 589 9.62 -13.40 -15.46
C ILE D 589 9.49 -12.06 -14.73
N GLU D 590 10.22 -11.93 -13.62
CA GLU D 590 10.15 -10.73 -12.80
C GLU D 590 11.55 -10.20 -12.54
N ASN D 591 11.64 -8.88 -12.38
CA ASN D 591 12.88 -8.19 -12.05
C ASN D 591 12.62 -7.40 -10.77
N ARG D 592 13.02 -7.97 -9.64
CA ARG D 592 12.80 -7.33 -8.34
C ARG D 592 14.04 -6.52 -7.95
N THR D 593 13.79 -5.31 -7.45
CA THR D 593 14.86 -4.43 -7.01
C THR D 593 14.61 -4.04 -5.56
N GLN D 594 15.62 -4.24 -4.72
CA GLN D 594 15.52 -3.96 -3.29
C GLN D 594 16.18 -2.60 -3.04
N LEU D 595 15.42 -1.53 -3.27
CA LEU D 595 15.94 -0.18 -3.07
C LEU D 595 16.23 0.12 -1.61
N ASN D 596 15.57 -0.56 -0.69
CA ASN D 596 15.76 -0.33 0.73
C ASN D 596 15.36 -1.60 1.48
N ASP D 597 15.12 -1.48 2.78
CA ASP D 597 14.70 -2.60 3.61
C ASP D 597 13.20 -2.66 3.82
N ILE D 598 12.42 -1.75 3.22
CA ILE D 598 10.99 -1.71 3.50
C ILE D 598 10.16 -1.63 2.23
N ILE D 599 10.80 -1.37 1.09
CA ILE D 599 10.10 -1.34 -0.20
C ILE D 599 10.86 -2.19 -1.20
N GLY D 600 10.15 -2.57 -2.25
CA GLY D 600 10.75 -3.32 -3.34
C GLY D 600 10.06 -3.05 -4.66
N LEU D 601 10.83 -2.69 -5.68
CA LEU D 601 10.31 -2.38 -7.00
C LEU D 601 10.45 -3.61 -7.88
N VAL D 602 9.33 -4.06 -8.45
CA VAL D 602 9.29 -5.27 -9.25
C VAL D 602 8.60 -4.98 -10.57
N VAL D 603 9.23 -5.38 -11.66
CA VAL D 603 8.65 -5.30 -13.00
C VAL D 603 8.48 -6.73 -13.49
N PHE D 604 7.27 -7.09 -13.89
CA PHE D 604 6.94 -8.47 -14.21
C PHE D 604 6.35 -8.57 -15.61
N ALA D 605 6.59 -9.71 -16.24
CA ALA D 605 6.00 -10.04 -17.54
C ALA D 605 5.67 -11.52 -17.53
N ASP D 606 4.42 -11.86 -17.81
CA ASP D 606 3.96 -13.24 -17.71
C ASP D 606 3.12 -13.59 -18.92
N ALA D 607 3.05 -14.89 -19.22
CA ALA D 607 2.26 -15.39 -20.32
C ALA D 607 1.84 -16.83 -20.03
N GLY D 608 0.67 -17.20 -20.55
CA GLY D 608 0.17 -18.54 -20.37
C GLY D 608 -1.29 -18.63 -20.76
N ARG D 609 -1.75 -19.87 -20.89
CA ARG D 609 -3.14 -20.12 -21.27
C ARG D 609 -3.47 -21.58 -21.01
N ALA D 610 -4.67 -21.83 -20.50
CA ALA D 610 -5.19 -23.19 -20.36
C ALA D 610 -5.86 -23.63 -21.65
N TRP D 611 -5.87 -24.94 -21.88
CA TRP D 611 -6.41 -25.48 -23.12
C TRP D 611 -7.18 -26.76 -22.83
N LYS D 612 -8.00 -27.15 -23.81
CA LYS D 612 -8.73 -28.43 -23.79
C LYS D 612 -9.63 -28.54 -22.57
N GLN D 613 -10.64 -27.66 -22.53
CA GLN D 613 -11.62 -27.70 -21.46
C GLN D 613 -12.71 -28.73 -21.76
N ASN D 614 -13.44 -28.54 -22.86
CA ASN D 614 -14.54 -29.41 -23.26
C ASN D 614 -15.57 -29.54 -22.14
N GLY D 615 -15.88 -28.42 -21.49
CA GLY D 615 -16.80 -28.41 -20.39
C GLY D 615 -18.25 -28.23 -20.82
N ARG D 616 -19.15 -28.48 -19.87
CA ARG D 616 -20.59 -28.39 -20.10
C ARG D 616 -21.08 -26.95 -20.06
N ASP D 617 -20.55 -26.14 -19.16
CA ASP D 617 -21.04 -24.78 -18.97
C ASP D 617 -20.69 -23.93 -20.19
N PRO D 618 -21.68 -23.35 -20.88
CA PRO D 618 -21.37 -22.48 -22.03
C PRO D 618 -20.80 -21.13 -21.63
N SER D 619 -20.57 -20.89 -20.34
CA SER D 619 -19.97 -19.62 -19.93
C SER D 619 -18.59 -19.43 -20.53
N TYR D 620 -17.80 -20.50 -20.57
CA TYR D 620 -16.46 -20.45 -21.15
C TYR D 620 -16.59 -20.42 -22.67
N THR D 621 -16.49 -19.23 -23.24
CA THR D 621 -16.58 -19.04 -24.68
C THR D 621 -15.21 -18.96 -25.35
N ARG D 622 -14.14 -19.15 -24.59
CA ARG D 622 -12.77 -19.06 -25.13
C ARG D 622 -12.08 -20.41 -25.12
N ASP D 623 -12.85 -21.49 -25.23
CA ASP D 623 -12.28 -22.83 -25.29
C ASP D 623 -11.53 -23.01 -26.60
N ASN D 624 -10.20 -23.08 -26.52
CA ASN D 624 -9.35 -23.16 -27.69
C ASN D 624 -8.47 -24.40 -27.61
N SER D 625 -8.38 -25.13 -28.72
CA SER D 625 -7.50 -26.29 -28.85
C SER D 625 -6.11 -25.81 -29.26
N ARG D 626 -5.28 -26.74 -29.76
CA ARG D 626 -3.94 -26.43 -30.24
C ARG D 626 -3.06 -25.88 -29.10
N PHE D 627 -2.78 -26.77 -28.15
CA PHE D 627 -1.82 -26.52 -27.09
C PHE D 627 -0.60 -25.78 -27.62
N GLY D 628 -0.30 -24.64 -27.01
CA GLY D 628 0.77 -23.80 -27.49
C GLY D 628 0.37 -22.73 -28.47
N HIS D 629 -0.90 -22.32 -28.46
CA HIS D 629 -1.40 -21.29 -29.37
C HIS D 629 -2.26 -20.31 -28.59
N ASN D 630 -2.36 -19.09 -29.10
CA ASN D 630 -3.15 -18.03 -28.49
C ASN D 630 -2.74 -17.78 -27.04
N ILE D 631 -1.44 -17.83 -26.77
CA ILE D 631 -0.92 -17.66 -25.43
C ILE D 631 -1.01 -16.17 -25.08
N GLY D 632 -1.94 -15.81 -24.19
CA GLY D 632 -2.07 -14.43 -23.78
C GLY D 632 -0.85 -13.97 -23.00
N THR D 633 -0.47 -12.72 -23.22
CA THR D 633 0.70 -12.14 -22.57
C THR D 633 0.30 -10.91 -21.77
N THR D 634 1.00 -10.69 -20.66
CA THR D 634 0.77 -9.54 -19.81
C THR D 634 2.09 -9.06 -19.22
N ALA D 635 2.14 -7.77 -18.89
CA ALA D 635 3.30 -7.18 -18.25
C ALA D 635 2.84 -6.00 -17.41
N GLY D 636 3.67 -5.61 -16.46
CA GLY D 636 3.35 -4.48 -15.62
C GLY D 636 4.38 -4.30 -14.53
N VAL D 637 4.10 -3.33 -13.66
CA VAL D 637 4.98 -3.01 -12.54
C VAL D 637 4.29 -3.42 -11.25
N GLY D 638 5.10 -3.74 -10.25
CA GLY D 638 4.56 -4.19 -8.97
C GLY D 638 5.37 -3.61 -7.83
N ILE D 639 4.69 -3.40 -6.70
CA ILE D 639 5.30 -2.88 -5.49
C ILE D 639 5.22 -3.95 -4.43
N ARG D 640 6.39 -4.40 -3.95
CA ARG D 640 6.49 -5.36 -2.87
C ARG D 640 7.18 -4.64 -1.71
N LEU D 641 6.39 -3.99 -0.87
CA LEU D 641 6.92 -3.21 0.24
C LEU D 641 6.91 -4.04 1.52
N ASN D 642 7.99 -3.96 2.27
CA ASN D 642 8.11 -4.64 3.56
C ASN D 642 7.68 -3.67 4.65
N THR D 643 6.38 -3.71 4.96
CA THR D 643 5.87 -2.85 6.01
C THR D 643 6.40 -3.31 7.38
N PRO D 644 6.53 -2.39 8.33
CA PRO D 644 6.96 -2.81 9.68
C PRO D 644 6.00 -3.77 10.34
N ILE D 645 4.74 -3.81 9.91
CA ILE D 645 3.77 -4.74 10.47
C ILE D 645 3.68 -6.05 9.71
N GLY D 646 4.30 -6.15 8.55
CA GLY D 646 4.30 -7.38 7.79
C GLY D 646 4.47 -7.18 6.30
N PRO D 647 4.79 -8.25 5.58
CA PRO D 647 4.95 -8.13 4.13
C PRO D 647 3.64 -7.82 3.44
N LEU D 648 3.75 -7.12 2.31
CA LEU D 648 2.58 -6.70 1.55
C LEU D 648 2.97 -6.53 0.09
N ARG D 649 2.02 -6.82 -0.80
CA ARG D 649 2.26 -6.80 -2.23
C ARG D 649 1.25 -5.90 -2.94
N PHE D 650 1.71 -5.24 -3.99
CA PHE D 650 0.86 -4.45 -4.88
C PHE D 650 1.27 -4.75 -6.32
N ASP D 651 0.29 -5.03 -7.17
CA ASP D 651 0.57 -5.44 -8.55
C ASP D 651 -0.32 -4.67 -9.50
N PHE D 652 0.27 -4.21 -10.61
CA PHE D 652 -0.47 -3.54 -11.67
C PHE D 652 0.08 -4.01 -13.01
N GLY D 653 -0.72 -4.74 -13.76
CA GLY D 653 -0.29 -5.32 -15.03
C GLY D 653 -1.11 -4.78 -16.18
N TRP D 654 -0.46 -4.61 -17.34
CA TRP D 654 -1.11 -4.19 -18.56
C TRP D 654 -1.24 -5.38 -19.49
N PRO D 655 -2.45 -5.80 -19.86
CA PRO D 655 -2.58 -6.86 -20.87
C PRO D 655 -2.04 -6.40 -22.21
N VAL D 656 -0.94 -7.00 -22.67
CA VAL D 656 -0.26 -6.55 -23.87
C VAL D 656 -0.29 -7.64 -24.93
N GLY D 657 0.27 -7.34 -26.10
CA GLY D 657 0.22 -8.29 -27.20
C GLY D 657 -1.21 -8.45 -27.68
N ASN D 658 -1.68 -9.69 -27.74
CA ASN D 658 -3.07 -9.96 -28.09
C ASN D 658 -3.96 -9.48 -26.96
N LYS D 659 -4.82 -8.50 -27.25
CA LYS D 659 -5.69 -7.91 -26.24
C LYS D 659 -7.09 -8.52 -26.39
N MET D 660 -7.24 -9.75 -25.87
CA MET D 660 -8.55 -10.38 -25.88
C MET D 660 -9.54 -9.62 -25.01
N ASP D 661 -9.10 -9.15 -23.85
CA ASP D 661 -9.94 -8.40 -22.93
C ASP D 661 -9.59 -6.91 -23.01
N ASP D 662 -10.61 -6.07 -23.09
CA ASP D 662 -10.41 -4.65 -23.31
C ASP D 662 -10.02 -3.90 -22.03
N ASP D 663 -10.02 -4.57 -20.88
CA ASP D 663 -9.69 -3.90 -19.64
C ASP D 663 -8.24 -3.44 -19.63
N GLY D 664 -7.97 -2.41 -18.83
CA GLY D 664 -6.65 -1.82 -18.75
C GLY D 664 -5.94 -2.13 -17.45
N MET D 665 -5.99 -1.19 -16.52
CA MET D 665 -5.32 -1.36 -15.24
C MET D 665 -5.90 -2.53 -14.48
N LYS D 666 -5.06 -3.18 -13.67
CA LYS D 666 -5.47 -4.24 -12.77
C LYS D 666 -4.82 -4.02 -11.41
N PHE D 667 -5.57 -4.30 -10.35
CA PHE D 667 -5.08 -4.15 -8.98
C PHE D 667 -5.10 -5.49 -8.28
N TYR D 668 -4.12 -5.71 -7.41
CA TYR D 668 -4.00 -6.95 -6.66
C TYR D 668 -3.44 -6.67 -5.28
N PHE D 669 -4.05 -7.29 -4.27
CA PHE D 669 -3.66 -7.14 -2.87
C PHE D 669 -3.34 -8.51 -2.30
N ASN D 670 -2.12 -8.68 -1.82
CA ASN D 670 -1.70 -9.98 -1.31
C ASN D 670 -0.43 -9.80 -0.48
N MET D 671 -0.03 -10.88 0.19
CA MET D 671 1.21 -10.93 0.94
C MET D 671 2.14 -11.98 0.34
N GLY D 672 3.30 -12.15 0.97
CA GLY D 672 4.24 -13.15 0.49
C GLY D 672 4.88 -12.72 -0.83
N GLN D 673 5.04 -13.70 -1.73
CA GLN D 673 5.53 -13.42 -3.07
C GLN D 673 5.06 -14.53 -3.99
N SER D 674 4.75 -14.17 -5.24
CA SER D 674 4.39 -15.18 -6.23
C SER D 674 5.58 -16.07 -6.57
N PHE D 675 6.79 -15.55 -6.44
CA PHE D 675 7.99 -16.31 -6.77
C PHE D 675 8.64 -16.86 -5.52
N GLN E 1 36.51 10.49 34.53
CA GLN E 1 37.95 10.29 34.39
C GLN E 1 38.59 9.98 35.73
N MET E 2 38.21 10.74 36.75
CA MET E 2 38.80 10.54 38.07
C MET E 2 38.38 9.21 38.68
N THR E 3 37.20 8.72 38.32
CA THR E 3 36.68 7.44 38.78
C THR E 3 36.70 7.33 40.31
N GLN E 4 35.97 8.24 40.95
CA GLN E 4 35.90 8.29 42.39
C GLN E 4 34.94 7.23 42.91
N SER E 5 35.26 6.68 44.08
CA SER E 5 34.42 5.72 44.78
C SER E 5 34.38 6.08 46.26
N PRO E 6 33.33 5.68 46.98
CA PRO E 6 33.29 5.96 48.42
C PRO E 6 34.38 5.19 49.15
N SER E 7 35.29 5.92 49.80
CA SER E 7 36.51 5.32 50.31
C SER E 7 36.24 4.38 51.47
N SER E 8 35.44 4.82 52.45
CA SER E 8 35.21 4.05 53.66
C SER E 8 33.83 3.41 53.62
N LEU E 9 33.80 2.09 53.78
CA LEU E 9 32.54 1.36 53.90
C LEU E 9 32.70 0.30 54.99
N SER E 10 31.66 0.12 55.79
CA SER E 10 31.64 -0.88 56.85
C SER E 10 30.44 -1.80 56.65
N ALA E 11 30.65 -3.09 56.88
CA ALA E 11 29.60 -4.08 56.72
C ALA E 11 29.82 -5.19 57.74
N SER E 12 29.11 -6.31 57.57
CA SER E 12 29.18 -7.43 58.47
C SER E 12 29.14 -8.72 57.68
N VAL E 13 29.48 -9.82 58.36
CA VAL E 13 29.47 -11.13 57.72
C VAL E 13 28.02 -11.52 57.39
N GLY E 14 27.79 -11.94 56.15
CA GLY E 14 26.46 -12.27 55.70
C GLY E 14 25.70 -11.11 55.08
N ASP E 15 26.26 -9.91 55.08
CA ASP E 15 25.61 -8.73 54.54
C ASP E 15 25.83 -8.63 53.03
N ARG E 16 25.02 -7.80 52.39
CA ARG E 16 25.15 -7.49 50.97
C ARG E 16 25.68 -6.07 50.84
N VAL E 17 26.82 -5.92 50.17
CA VAL E 17 27.50 -4.63 50.07
C VAL E 17 27.56 -4.20 48.62
N THR E 18 27.57 -2.89 48.40
CA THR E 18 27.71 -2.33 47.07
C THR E 18 28.75 -1.21 47.10
N ILE E 19 29.38 -0.99 45.95
CA ILE E 19 30.41 0.03 45.79
C ILE E 19 30.21 0.67 44.42
N THR E 20 29.80 1.93 44.41
CA THR E 20 29.66 2.64 43.15
C THR E 20 31.01 3.14 42.65
N CYS E 21 31.12 3.32 41.34
CA CYS E 21 32.35 3.83 40.75
C CYS E 21 31.96 4.74 39.60
N ARG E 22 32.09 6.05 39.81
CA ARG E 22 31.73 7.01 38.79
C ARG E 22 32.71 6.96 37.62
N ALA E 23 32.24 7.42 36.46
CA ALA E 23 33.07 7.42 35.27
C ALA E 23 32.51 8.40 34.25
N SER E 24 33.33 8.75 33.26
CA SER E 24 32.92 9.63 32.16
C SER E 24 33.70 9.21 30.91
N GLN E 25 33.08 8.36 30.09
CA GLN E 25 33.69 7.89 28.87
C GLN E 25 32.61 7.52 27.86
N SER E 26 33.01 6.85 26.79
CA SER E 26 32.11 6.50 25.70
C SER E 26 31.44 5.16 25.97
N VAL E 27 30.76 4.62 24.95
CA VAL E 27 30.04 3.36 25.11
C VAL E 27 30.99 2.19 25.30
N SER E 28 32.18 2.26 24.71
CA SER E 28 33.13 1.15 24.73
C SER E 28 33.95 1.10 26.03
N SER E 29 33.45 1.72 27.10
CA SER E 29 34.15 1.69 28.38
C SER E 29 33.85 0.39 29.11
N ALA E 30 34.91 -0.27 29.58
CA ALA E 30 34.79 -1.51 30.34
C ALA E 30 35.57 -1.39 31.63
N VAL E 31 35.01 -1.92 32.72
CA VAL E 31 35.57 -1.77 34.04
C VAL E 31 35.88 -3.15 34.61
N ALA E 32 36.83 -3.18 35.54
CA ALA E 32 37.28 -4.45 36.11
C ALA E 32 37.96 -4.16 37.44
N TRP E 33 37.41 -4.66 38.53
CA TRP E 33 37.93 -4.35 39.86
C TRP E 33 38.51 -5.58 40.53
N TYR E 34 39.45 -5.33 41.44
CA TYR E 34 40.23 -6.37 42.09
C TYR E 34 40.05 -6.31 43.59
N GLN E 35 39.92 -7.49 44.21
CA GLN E 35 39.91 -7.63 45.66
C GLN E 35 41.36 -7.65 46.12
N GLN E 36 41.92 -6.47 46.36
CA GLN E 36 43.30 -6.38 46.79
C GLN E 36 43.40 -6.81 48.24
N LYS E 37 43.94 -8.01 48.46
CA LYS E 37 44.20 -8.45 49.83
C LYS E 37 45.19 -7.47 50.46
N PRO E 38 45.00 -7.12 51.74
CA PRO E 38 45.84 -6.05 52.33
C PRO E 38 47.31 -6.39 52.44
N GLY E 39 47.72 -7.61 52.10
CA GLY E 39 49.11 -7.97 52.30
C GLY E 39 49.94 -8.30 51.07
N LYS E 40 49.36 -8.93 50.05
CA LYS E 40 50.18 -9.51 48.99
C LYS E 40 50.00 -8.84 47.62
N ALA E 41 48.79 -8.86 47.06
CA ALA E 41 48.61 -8.43 45.68
C ALA E 41 47.14 -8.43 45.31
N PRO E 42 46.71 -7.54 44.42
CA PRO E 42 45.31 -7.57 43.97
C PRO E 42 45.03 -8.77 43.07
N LYS E 43 43.75 -9.13 42.98
CA LYS E 43 43.31 -10.25 42.17
C LYS E 43 42.05 -9.85 41.42
N LEU E 44 42.05 -10.09 40.12
CA LEU E 44 40.90 -9.72 39.29
C LEU E 44 39.71 -10.61 39.61
N LEU E 45 38.51 -10.01 39.63
CA LEU E 45 37.29 -10.80 39.82
C LEU E 45 36.11 -10.31 38.99
N ILE E 46 36.33 -9.51 37.95
CA ILE E 46 35.27 -9.10 37.03
C ILE E 46 35.92 -8.54 35.78
N TYR E 47 35.27 -8.75 34.63
CA TYR E 47 35.87 -8.36 33.36
C TYR E 47 35.35 -7.05 32.80
N SER E 48 34.06 -6.98 32.45
CA SER E 48 33.39 -5.71 32.25
C SER E 48 32.05 -5.75 32.97
N ALA E 49 31.38 -6.89 32.88
CA ALA E 49 30.19 -7.18 33.67
C ALA E 49 30.14 -8.61 34.15
N SER E 50 31.18 -9.41 33.89
CA SER E 50 31.18 -10.83 34.21
C SER E 50 32.47 -11.16 34.96
N SER E 51 32.40 -12.20 35.78
CA SER E 51 33.49 -12.55 36.67
C SER E 51 34.59 -13.31 35.94
N LEU E 52 35.77 -13.35 36.56
CA LEU E 52 36.85 -14.17 36.06
C LEU E 52 36.48 -15.65 36.21
N TYR E 53 36.90 -16.45 35.24
CA TYR E 53 36.47 -17.84 35.20
C TYR E 53 36.97 -18.63 36.40
N SER E 54 38.23 -18.43 36.80
CA SER E 54 38.82 -19.27 37.83
C SER E 54 38.42 -18.82 39.23
N GLY E 55 38.85 -17.62 39.62
CA GLY E 55 38.69 -17.20 41.00
C GLY E 55 37.45 -16.39 41.29
N VAL E 56 36.40 -17.05 41.76
CA VAL E 56 35.20 -16.39 42.26
C VAL E 56 34.35 -17.42 43.00
N PRO E 57 33.95 -17.16 44.24
CA PRO E 57 33.01 -18.07 44.90
C PRO E 57 31.56 -17.71 44.58
N SER E 58 31.29 -17.38 43.32
CA SER E 58 29.95 -17.01 42.86
C SER E 58 29.33 -15.88 43.68
N ARG E 59 30.14 -15.08 44.37
CA ARG E 59 29.64 -14.00 45.22
C ARG E 59 29.71 -12.65 44.52
N PHE E 60 30.90 -12.23 44.10
CA PHE E 60 31.08 -10.91 43.53
C PHE E 60 30.47 -10.84 42.13
N SER E 61 29.65 -9.81 41.92
CA SER E 61 29.03 -9.57 40.62
C SER E 61 28.62 -8.11 40.56
N GLY E 62 28.38 -7.63 39.35
CA GLY E 62 28.00 -6.25 39.19
C GLY E 62 27.59 -5.96 37.77
N SER E 63 27.22 -4.70 37.53
CA SER E 63 26.83 -4.25 36.21
C SER E 63 27.10 -2.76 36.11
N ARG E 64 26.70 -2.16 34.99
CA ARG E 64 26.86 -0.74 34.75
C ARG E 64 25.52 -0.04 34.88
N SER E 65 25.49 1.02 35.67
CA SER E 65 24.31 1.84 35.85
C SER E 65 24.64 3.22 35.29
N GLY E 66 24.41 3.38 33.99
CA GLY E 66 24.78 4.63 33.35
C GLY E 66 26.28 4.80 33.39
N THR E 67 26.74 5.88 34.01
CA THR E 67 28.15 6.12 34.20
C THR E 67 28.67 5.61 35.54
N ASP E 68 27.82 4.95 36.33
CA ASP E 68 28.21 4.40 37.61
C ASP E 68 28.19 2.89 37.57
N PHE E 69 29.25 2.28 38.09
CA PHE E 69 29.41 0.83 38.12
C PHE E 69 29.41 0.36 39.57
N THR E 70 28.66 -0.71 39.84
CA THR E 70 28.46 -1.17 41.20
C THR E 70 28.74 -2.67 41.29
N LEU E 71 28.87 -3.15 42.53
CA LEU E 71 29.11 -4.54 42.82
C LEU E 71 28.02 -5.09 43.73
N THR E 72 27.55 -6.30 43.44
CA THR E 72 26.57 -6.98 44.27
C THR E 72 27.24 -8.24 44.81
N ILE E 73 27.93 -8.09 45.93
CA ILE E 73 28.58 -9.21 46.58
C ILE E 73 27.57 -9.91 47.48
N SER E 74 27.65 -11.24 47.53
CA SER E 74 26.70 -12.04 48.29
C SER E 74 27.06 -11.96 49.78
N SER E 75 26.48 -12.86 50.57
CA SER E 75 26.77 -12.92 52.01
C SER E 75 28.28 -12.91 52.24
N LEU E 76 28.73 -11.97 53.07
CA LEU E 76 30.15 -11.74 53.25
C LEU E 76 30.82 -12.94 53.90
N GLN E 77 32.11 -13.06 53.68
CA GLN E 77 32.93 -14.16 54.16
C GLN E 77 34.12 -13.62 54.93
N PRO E 78 34.69 -14.40 55.84
CA PRO E 78 35.82 -13.89 56.63
C PRO E 78 37.02 -13.50 55.80
N GLU E 79 37.26 -14.17 54.67
CA GLU E 79 38.45 -13.92 53.87
C GLU E 79 38.27 -12.82 52.83
N ASP E 80 37.07 -12.27 52.70
CA ASP E 80 36.81 -11.24 51.69
C ASP E 80 37.01 -9.82 52.20
N PHE E 81 37.33 -9.65 53.47
CA PHE E 81 37.52 -8.31 54.05
C PHE E 81 38.88 -7.80 53.62
N ALA E 82 38.89 -7.01 52.55
CA ALA E 82 40.13 -6.47 52.00
C ALA E 82 39.81 -5.15 51.30
N THR E 83 40.76 -4.67 50.52
CA THR E 83 40.61 -3.42 49.79
C THR E 83 40.15 -3.71 48.37
N TYR E 84 39.08 -3.04 47.95
CA TYR E 84 38.48 -3.27 46.64
C TYR E 84 38.60 -1.99 45.81
N TYR E 85 39.16 -2.12 44.62
CA TYR E 85 39.51 -1.02 43.75
C TYR E 85 38.49 -0.88 42.62
N CYS E 86 38.80 -0.01 41.66
CA CYS E 86 37.99 0.14 40.47
C CYS E 86 38.86 0.70 39.37
N GLN E 87 38.56 0.33 38.14
CA GLN E 87 39.36 0.80 37.02
C GLN E 87 38.49 0.86 35.78
N GLN E 88 38.91 1.66 34.81
CA GLN E 88 38.18 1.80 33.55
C GLN E 88 39.19 1.96 32.43
N PHE E 89 38.86 1.39 31.27
CA PHE E 89 39.79 1.31 30.15
C PHE E 89 39.31 2.20 29.00
N SER E 90 39.99 3.32 28.82
CA SER E 90 39.79 4.15 27.64
C SER E 90 40.85 3.82 26.59
N GLN E 91 41.00 4.67 25.59
CA GLN E 91 41.96 4.39 24.52
C GLN E 91 43.38 4.62 25.02
N ARG E 92 43.96 3.58 25.60
CA ARG E 92 45.30 3.62 26.21
C ARG E 92 45.35 4.70 27.30
N LEU E 93 44.53 4.46 28.33
CA LEU E 93 44.61 5.22 29.58
C LEU E 93 44.00 4.36 30.66
N VAL E 94 44.86 3.75 31.47
CA VAL E 94 44.44 2.92 32.59
C VAL E 94 44.27 3.84 33.79
N THR E 95 43.04 4.03 34.24
CA THR E 95 42.75 4.81 35.42
C THR E 95 42.30 3.89 36.54
N PHE E 96 42.74 4.18 37.76
CA PHE E 96 42.41 3.37 38.92
C PHE E 96 41.60 4.21 39.90
N GLY E 97 40.62 3.58 40.55
CA GLY E 97 39.85 4.27 41.56
C GLY E 97 40.66 4.50 42.83
N GLN E 98 40.11 5.35 43.70
CA GLN E 98 40.77 5.61 44.97
C GLN E 98 40.76 4.39 45.88
N GLY E 99 39.86 3.44 45.65
CA GLY E 99 39.88 2.22 46.43
C GLY E 99 39.00 2.33 47.65
N THR E 100 38.40 1.20 48.03
CA THR E 100 37.53 1.12 49.18
C THR E 100 37.99 -0.02 50.08
N LYS E 101 37.67 0.10 51.37
CA LYS E 101 38.05 -0.87 52.37
C LYS E 101 36.80 -1.50 52.96
N VAL E 102 36.85 -2.82 53.20
CA VAL E 102 35.72 -3.57 53.72
C VAL E 102 36.14 -4.23 55.02
N GLU E 103 35.35 -4.02 56.07
CA GLU E 103 35.65 -4.57 57.39
C GLU E 103 34.35 -4.85 58.13
N ILE E 104 34.47 -5.48 59.30
CA ILE E 104 33.32 -5.85 60.10
C ILE E 104 32.70 -4.60 60.74
N LYS E 105 31.46 -4.75 61.19
CA LYS E 105 30.75 -3.69 61.91
C LYS E 105 30.39 -4.20 63.30
N ARG E 106 30.75 -3.43 64.33
CA ARG E 106 30.52 -3.86 65.71
C ARG E 106 30.47 -2.62 66.60
N THR E 107 30.54 -2.84 67.92
CA THR E 107 30.28 -1.81 68.91
C THR E 107 31.56 -1.11 69.34
N VAL E 108 31.44 -0.24 70.34
CA VAL E 108 32.49 0.67 70.73
C VAL E 108 33.00 0.31 72.12
N ALA E 109 34.11 0.92 72.53
CA ALA E 109 34.65 0.76 73.86
C ALA E 109 35.48 2.00 74.20
N ALA E 110 36.21 1.95 75.31
CA ALA E 110 36.95 3.09 75.83
C ALA E 110 38.42 2.75 76.02
N PRO E 111 39.34 3.53 75.45
CA PRO E 111 40.78 3.23 75.57
C PRO E 111 41.37 3.65 76.91
N SER E 112 42.69 3.46 77.06
CA SER E 112 43.45 3.95 78.21
C SER E 112 44.74 4.60 77.70
N VAL E 113 44.84 5.91 77.84
CA VAL E 113 45.85 6.70 77.16
C VAL E 113 46.91 7.12 78.17
N PHE E 114 48.18 7.04 77.77
CA PHE E 114 49.29 7.54 78.55
C PHE E 114 50.00 8.67 77.85
N ILE E 115 50.90 9.33 78.59
CA ILE E 115 51.81 10.32 78.06
C ILE E 115 53.22 9.89 78.43
N PHE E 116 54.05 9.64 77.41
CA PHE E 116 55.42 9.23 77.68
C PHE E 116 56.34 10.40 77.38
N PRO E 117 56.92 11.05 78.39
CA PRO E 117 57.80 12.20 78.15
C PRO E 117 59.19 11.73 77.75
N PRO E 118 59.91 12.51 76.94
CA PRO E 118 61.22 12.08 76.47
C PRO E 118 62.20 11.88 77.60
N SER E 119 63.06 10.87 77.45
CA SER E 119 64.12 10.65 78.42
C SER E 119 65.25 11.66 78.20
N ASP E 120 66.29 11.54 79.03
CA ASP E 120 67.42 12.46 78.93
C ASP E 120 68.13 12.32 77.59
N SER E 121 68.08 11.13 76.97
CA SER E 121 68.73 10.93 75.69
C SER E 121 68.19 11.87 74.63
N GLN E 122 66.87 11.99 74.52
CA GLN E 122 66.29 12.98 73.62
C GLN E 122 66.49 14.39 74.12
N LEU E 123 66.50 14.57 75.45
CA LEU E 123 66.55 15.92 76.00
C LEU E 123 67.90 16.59 75.71
N LYS E 124 68.98 15.82 75.64
CA LYS E 124 70.26 16.40 75.26
C LYS E 124 70.39 16.60 73.75
N SER E 125 69.47 16.03 72.96
CA SER E 125 69.54 16.19 71.52
C SER E 125 68.79 17.42 71.01
N GLY E 126 67.81 17.90 71.76
CA GLY E 126 67.07 19.09 71.37
C GLY E 126 65.75 18.84 70.69
N THR E 127 65.09 17.72 70.97
CA THR E 127 63.82 17.38 70.36
C THR E 127 62.81 16.98 71.42
N ALA E 128 61.53 17.16 71.10
CA ALA E 128 60.42 16.87 72.01
C ALA E 128 59.56 15.78 71.41
N SER E 129 59.26 14.75 72.20
CA SER E 129 58.45 13.63 71.73
C SER E 129 57.45 13.27 72.81
N VAL E 130 56.19 13.65 72.60
CA VAL E 130 55.09 13.32 73.50
C VAL E 130 54.06 12.51 72.72
N VAL E 131 53.64 11.38 73.29
CA VAL E 131 52.73 10.46 72.63
C VAL E 131 51.57 10.14 73.55
N CYS E 132 50.37 10.02 72.96
CA CYS E 132 49.24 9.41 73.64
C CYS E 132 48.58 8.45 72.66
N LEU E 133 47.92 7.44 73.21
CA LEU E 133 47.48 6.29 72.45
C LEU E 133 46.00 6.05 72.67
N LEU E 134 45.38 5.39 71.71
CA LEU E 134 43.99 4.96 71.81
C LEU E 134 43.92 3.51 71.37
N ASN E 135 43.41 2.64 72.22
CA ASN E 135 43.26 1.24 71.90
C ASN E 135 41.84 0.78 72.23
N ASN E 136 41.50 -0.41 71.72
CA ASN E 136 40.17 -0.99 71.85
C ASN E 136 39.07 0.04 71.62
N PHE E 137 39.26 0.89 70.61
CA PHE E 137 38.24 1.85 70.21
C PHE E 137 37.82 1.53 68.79
N TYR E 138 37.54 0.25 68.54
CA TYR E 138 37.46 -0.39 67.23
C TYR E 138 36.72 0.42 66.17
N PRO E 139 35.56 1.05 66.46
CA PRO E 139 34.92 1.86 65.42
C PRO E 139 35.73 3.12 65.19
N ARG E 140 36.78 3.01 64.36
CA ARG E 140 37.87 3.97 64.31
C ARG E 140 37.38 5.41 64.23
N GLU E 141 36.75 5.79 63.11
CA GLU E 141 36.19 7.12 62.91
C GLU E 141 37.08 8.19 63.53
N ALA E 142 38.37 8.14 63.22
CA ALA E 142 39.41 8.76 64.02
C ALA E 142 39.29 10.27 64.03
N LYS E 143 39.44 10.86 65.22
CA LYS E 143 39.56 12.30 65.40
C LYS E 143 40.38 12.53 66.66
N VAL E 144 41.41 13.37 66.52
CA VAL E 144 42.37 13.58 67.61
C VAL E 144 42.74 15.06 67.65
N GLN E 145 42.82 15.60 68.86
CA GLN E 145 43.25 16.98 69.08
C GLN E 145 44.27 17.01 70.19
N TRP E 146 45.21 17.94 70.09
CA TRP E 146 46.30 18.08 71.04
C TRP E 146 46.34 19.52 71.56
N LYS E 147 47.07 19.72 72.65
CA LYS E 147 47.20 21.05 73.23
C LYS E 147 48.44 21.11 74.10
N VAL E 148 49.33 22.06 73.80
CA VAL E 148 50.53 22.27 74.60
C VAL E 148 50.33 23.52 75.44
N ASP E 149 51.12 23.63 76.51
CA ASP E 149 51.03 24.66 77.54
C ASP E 149 49.59 24.92 77.98
N ASN E 150 48.77 23.85 77.93
CA ASN E 150 47.37 23.84 78.35
C ASN E 150 46.46 24.61 77.39
N ALA E 151 47.02 25.19 76.34
CA ALA E 151 46.20 25.95 75.40
C ALA E 151 45.92 25.19 74.11
N LEU E 152 46.95 24.87 73.34
CA LEU E 152 46.72 24.42 71.97
C LEU E 152 47.96 23.72 71.43
N GLN E 153 47.75 22.98 70.35
CA GLN E 153 48.80 22.40 69.52
C GLN E 153 48.38 22.56 68.07
N SER E 154 49.37 22.65 67.16
CA SER E 154 49.07 22.81 65.74
C SER E 154 50.11 22.06 64.91
N GLY E 155 49.67 20.99 64.25
CA GLY E 155 50.42 20.40 63.15
C GLY E 155 51.61 19.53 63.50
N ASN E 156 52.23 19.75 64.67
CA ASN E 156 53.44 19.03 65.02
C ASN E 156 53.20 17.53 65.19
N SER E 157 51.98 17.13 65.54
CA SER E 157 51.68 15.73 65.77
C SER E 157 51.72 14.94 64.47
N GLN E 158 52.21 13.70 64.55
CA GLN E 158 52.15 12.75 63.46
C GLN E 158 51.22 11.60 63.85
N GLU E 159 50.60 10.99 62.86
CA GLU E 159 49.57 9.97 63.10
C GLU E 159 50.05 8.61 62.63
N SER E 160 49.71 7.57 63.39
CA SER E 160 50.06 6.21 63.03
C SER E 160 49.00 5.29 63.63
N VAL E 161 48.12 4.76 62.80
CA VAL E 161 47.00 3.93 63.23
C VAL E 161 47.13 2.55 62.61
N THR E 162 47.06 1.52 63.44
CA THR E 162 47.07 0.14 62.99
C THR E 162 45.66 -0.29 62.63
N GLU E 163 45.54 -1.06 61.54
CA GLU E 163 44.23 -1.56 61.13
C GLU E 163 43.72 -2.60 62.13
N GLN E 164 42.52 -3.11 61.87
CA GLN E 164 41.86 -4.02 62.79
C GLN E 164 42.71 -5.25 63.05
N ASP E 165 42.80 -5.65 64.31
CA ASP E 165 43.62 -6.79 64.69
C ASP E 165 42.93 -8.10 64.32
N SER E 166 43.68 -9.20 64.44
CA SER E 166 43.14 -10.51 64.07
C SER E 166 42.09 -10.99 65.05
N LYS E 167 42.29 -10.75 66.35
CA LYS E 167 41.42 -11.28 67.38
C LYS E 167 40.57 -10.19 68.03
N ASP E 168 41.19 -9.16 68.57
CA ASP E 168 40.45 -8.04 69.15
C ASP E 168 39.81 -7.14 68.10
N SER E 169 40.37 -7.08 66.90
CA SER E 169 39.81 -6.36 65.75
C SER E 169 39.71 -4.86 65.98
N THR E 170 40.28 -4.34 67.06
CA THR E 170 40.17 -2.93 67.37
C THR E 170 41.28 -2.14 66.68
N TYR E 171 41.43 -0.87 67.07
CA TYR E 171 42.42 0.02 66.49
C TYR E 171 43.34 0.54 67.59
N SER E 172 44.53 0.97 67.18
CA SER E 172 45.59 1.36 68.12
C SER E 172 46.25 2.67 67.68
N LEU E 173 45.46 3.69 67.39
CA LEU E 173 46.01 4.96 66.92
C LEU E 173 46.89 5.58 68.01
N SER E 174 48.04 6.10 67.58
CA SER E 174 48.91 6.87 68.45
C SER E 174 49.44 8.08 67.69
N SER E 175 49.74 9.14 68.43
CA SER E 175 50.26 10.36 67.84
C SER E 175 51.47 10.84 68.64
N THR E 176 52.55 11.18 67.93
CA THR E 176 53.82 11.50 68.56
C THR E 176 54.27 12.88 68.13
N LEU E 177 55.00 13.56 69.02
CA LEU E 177 55.41 14.94 68.82
C LEU E 177 56.88 15.03 68.38
N THR E 178 57.20 16.13 67.70
CA THR E 178 58.57 16.47 67.32
C THR E 178 58.69 17.99 67.38
N LEU E 179 59.13 18.51 68.54
CA LEU E 179 59.29 19.94 68.73
C LEU E 179 60.70 20.21 69.26
N SER E 180 61.16 21.44 69.05
CA SER E 180 62.48 21.84 69.50
C SER E 180 62.54 21.92 71.02
N LYS E 181 63.76 21.89 71.55
CA LYS E 181 63.95 21.82 72.99
C LYS E 181 63.47 23.10 73.68
N ALA E 182 63.67 24.25 73.04
CA ALA E 182 63.27 25.51 73.65
C ALA E 182 61.76 25.56 73.88
N ASP E 183 60.98 25.12 72.90
CA ASP E 183 59.53 25.10 73.08
C ASP E 183 59.10 24.02 74.07
N TYR E 184 59.80 22.88 74.07
CA TYR E 184 59.51 21.85 75.06
C TYR E 184 59.70 22.36 76.47
N GLU E 185 60.77 23.12 76.71
CA GLU E 185 61.04 23.65 78.03
C GLU E 185 60.05 24.77 78.37
N LYS E 186 59.79 25.68 77.42
CA LYS E 186 58.99 26.86 77.69
C LYS E 186 57.54 26.54 78.05
N HIS E 187 56.94 25.55 77.41
CA HIS E 187 55.54 25.22 77.67
C HIS E 187 55.39 24.65 79.08
N LYS E 188 54.15 24.64 79.57
CA LYS E 188 53.89 24.32 80.97
C LYS E 188 53.17 23.00 81.16
N VAL E 189 52.00 22.83 80.54
CA VAL E 189 51.17 21.64 80.75
C VAL E 189 51.00 20.93 79.41
N TYR E 190 51.28 19.63 79.40
CA TYR E 190 51.27 18.82 78.19
C TYR E 190 49.93 18.09 78.11
N ALA E 191 49.30 18.11 76.94
CA ALA E 191 47.99 17.50 76.83
C ALA E 191 47.70 17.13 75.38
N CYS E 192 46.77 16.19 75.21
CA CYS E 192 46.15 15.88 73.92
C CYS E 192 44.67 15.62 74.17
N GLU E 193 43.83 16.56 73.78
CA GLU E 193 42.38 16.44 73.98
C GLU E 193 41.82 15.51 72.91
N VAL E 194 41.66 14.24 73.25
CA VAL E 194 41.27 13.21 72.30
C VAL E 194 39.80 12.87 72.51
N THR E 195 39.02 12.94 71.43
CA THR E 195 37.61 12.60 71.47
C THR E 195 37.13 12.22 70.09
N HIS E 196 36.14 11.34 70.04
CA HIS E 196 35.49 10.90 68.81
C HIS E 196 34.26 10.08 69.21
N GLN E 197 33.59 9.50 68.22
CA GLN E 197 32.32 8.81 68.45
C GLN E 197 32.46 7.69 69.46
N GLY E 198 33.50 6.86 69.33
CA GLY E 198 33.73 5.83 70.33
C GLY E 198 34.43 6.32 71.58
N LEU E 199 34.77 7.60 71.64
CA LEU E 199 35.37 8.20 72.82
C LEU E 199 34.39 9.03 73.63
N SER E 200 33.17 9.21 73.13
CA SER E 200 32.10 9.94 73.83
C SER E 200 32.58 11.37 74.09
N SER E 201 32.38 11.90 75.29
CA SER E 201 32.83 13.25 75.59
C SER E 201 34.36 13.30 75.68
N PRO E 202 34.96 14.45 75.39
CA PRO E 202 36.43 14.54 75.44
C PRO E 202 36.97 14.22 76.82
N VAL E 203 38.08 13.49 76.83
CA VAL E 203 38.80 13.15 78.05
C VAL E 203 40.07 13.98 78.10
N THR E 204 40.24 14.73 79.18
CA THR E 204 41.36 15.64 79.34
C THR E 204 42.51 14.94 80.06
N LYS E 205 43.65 14.85 79.38
CA LYS E 205 44.89 14.38 79.97
C LYS E 205 45.75 15.59 80.30
N SER E 206 46.72 15.40 81.19
CA SER E 206 47.55 16.52 81.64
C SER E 206 48.91 16.01 82.04
N PHE E 207 49.94 16.84 81.79
CA PHE E 207 51.30 16.63 82.28
C PHE E 207 51.95 18.00 82.47
N ASN E 208 52.08 18.41 83.74
CA ASN E 208 52.49 19.76 84.10
C ASN E 208 54.00 20.00 83.96
N ARG E 209 54.71 19.18 83.18
CA ARG E 209 56.16 19.33 82.98
C ARG E 209 56.91 19.06 84.27
N GLY E 210 56.17 18.71 85.32
CA GLY E 210 56.75 18.48 86.63
C GLY E 210 57.01 17.01 86.90
N GLU E 211 57.41 16.29 85.85
CA GLU E 211 57.73 14.87 85.96
C GLU E 211 59.07 14.69 86.67
N CYS E 212 59.03 14.60 88.00
CA CYS E 212 60.24 14.45 88.81
C CYS E 212 61.17 13.35 88.30
N GLU F 1 49.88 -22.52 36.63
CA GLU F 1 51.33 -22.49 36.76
C GLU F 1 51.89 -21.13 36.36
N VAL F 2 51.03 -20.29 35.78
CA VAL F 2 51.47 -18.97 35.34
C VAL F 2 51.63 -18.06 36.55
N GLN F 3 52.81 -17.49 36.70
CA GLN F 3 53.05 -16.48 37.73
C GLN F 3 54.18 -15.58 37.25
N LEU F 4 54.30 -14.43 37.89
CA LEU F 4 55.35 -13.48 37.57
C LEU F 4 56.11 -13.14 38.83
N VAL F 5 57.41 -12.96 38.69
CA VAL F 5 58.28 -12.55 39.80
C VAL F 5 59.01 -11.28 39.39
N GLU F 6 59.08 -10.33 40.31
CA GLU F 6 59.79 -9.08 40.08
C GLU F 6 61.16 -9.17 40.72
N SER F 7 62.16 -8.59 40.06
CA SER F 7 63.51 -8.56 40.59
C SER F 7 64.16 -7.25 40.14
N GLY F 8 65.40 -7.05 40.60
CA GLY F 8 66.13 -5.85 40.24
C GLY F 8 65.81 -4.64 41.07
N GLY F 9 64.88 -4.75 42.02
CA GLY F 9 64.60 -3.66 42.92
C GLY F 9 65.74 -3.48 43.91
N GLY F 10 65.73 -2.32 44.57
CA GLY F 10 66.81 -2.00 45.48
C GLY F 10 66.61 -0.64 46.13
N LEU F 11 67.67 -0.16 46.74
CA LEU F 11 67.67 1.07 47.50
C LEU F 11 68.54 2.10 46.79
N VAL F 12 67.99 3.29 46.55
CA VAL F 12 68.67 4.33 45.81
C VAL F 12 68.50 5.66 46.54
N GLN F 13 69.29 6.64 46.12
CA GLN F 13 69.19 8.02 46.56
C GLN F 13 68.49 8.83 45.47
N PRO F 14 67.94 9.99 45.79
CA PRO F 14 67.23 10.78 44.77
C PRO F 14 68.14 11.11 43.60
N GLY F 15 67.58 11.06 42.40
CA GLY F 15 68.36 11.21 41.20
C GLY F 15 69.14 9.98 40.79
N GLY F 16 68.94 8.85 41.48
CA GLY F 16 69.66 7.63 41.18
C GLY F 16 69.04 6.90 40.00
N SER F 17 69.47 5.64 39.85
CA SER F 17 69.02 4.83 38.73
C SER F 17 68.88 3.38 39.18
N LEU F 18 68.05 2.63 38.45
CA LEU F 18 67.83 1.22 38.71
C LEU F 18 67.26 0.57 37.47
N ARG F 19 67.08 -0.75 37.53
CA ARG F 19 66.52 -1.52 36.43
C ARG F 19 65.68 -2.65 37.03
N LEU F 20 64.37 -2.58 36.83
CA LEU F 20 63.46 -3.56 37.38
C LEU F 20 63.11 -4.61 36.33
N SER F 21 63.07 -5.87 36.75
CA SER F 21 62.86 -6.98 35.84
C SER F 21 61.68 -7.82 36.30
N CYS F 22 60.85 -8.23 35.34
CA CYS F 22 59.71 -9.10 35.60
C CYS F 22 59.79 -10.26 34.63
N ALA F 23 59.75 -11.48 35.15
CA ALA F 23 59.98 -12.68 34.36
C ALA F 23 58.72 -13.53 34.30
N ALA F 24 58.35 -13.94 33.10
CA ALA F 24 57.17 -14.78 32.92
C ALA F 24 57.49 -16.23 33.25
N SER F 25 56.45 -16.98 33.63
CA SER F 25 56.61 -18.35 34.08
C SER F 25 55.55 -19.25 33.45
N GLY F 26 55.39 -19.16 32.13
CA GLY F 26 54.48 -20.07 31.46
C GLY F 26 53.76 -19.50 30.26
N PHE F 27 53.67 -18.17 30.18
CA PHE F 27 53.20 -17.51 28.99
C PHE F 27 54.36 -16.76 28.35
N ASN F 28 54.17 -16.37 27.09
CA ASN F 28 55.23 -15.74 26.31
C ASN F 28 54.89 -14.27 26.11
N VAL F 29 55.87 -13.41 26.38
CA VAL F 29 55.64 -11.98 26.33
C VAL F 29 55.33 -11.51 24.91
N TYR F 30 55.65 -12.31 23.89
CA TYR F 30 55.37 -11.90 22.53
C TYR F 30 53.88 -11.71 22.27
N SER F 31 53.02 -12.36 23.05
CA SER F 31 51.58 -12.19 22.87
C SER F 31 50.92 -11.42 23.99
N SER F 32 51.36 -11.58 25.23
CA SER F 32 50.75 -10.92 26.35
C SER F 32 51.14 -9.44 26.38
N SER F 33 50.69 -8.73 27.40
CA SER F 33 50.85 -7.28 27.44
C SER F 33 51.87 -6.79 28.46
N ILE F 34 51.91 -7.36 29.66
CA ILE F 34 52.81 -6.92 30.72
C ILE F 34 52.62 -5.45 31.03
N HIS F 35 51.88 -5.16 32.09
CA HIS F 35 51.65 -3.81 32.56
C HIS F 35 52.34 -3.61 33.91
N TRP F 36 52.93 -2.43 34.09
CA TRP F 36 53.60 -2.08 35.33
C TRP F 36 52.73 -1.11 36.11
N VAL F 37 52.48 -1.40 37.38
CA VAL F 37 51.77 -0.50 38.26
C VAL F 37 52.55 -0.38 39.57
N ARG F 38 52.28 0.69 40.31
CA ARG F 38 52.92 0.93 41.58
C ARG F 38 51.89 1.30 42.62
N GLN F 39 52.23 1.06 43.88
CA GLN F 39 51.37 1.36 45.01
C GLN F 39 52.20 2.08 46.06
N ALA F 40 52.02 3.38 46.17
CA ALA F 40 52.70 4.13 47.20
C ALA F 40 52.21 3.67 48.58
N PRO F 41 53.08 3.68 49.59
CA PRO F 41 52.67 3.16 50.90
C PRO F 41 51.48 3.91 51.44
N GLY F 42 50.51 3.16 51.96
CA GLY F 42 49.30 3.76 52.50
C GLY F 42 48.47 4.52 51.49
N LYS F 43 48.64 4.24 50.20
CA LYS F 43 47.95 4.95 49.14
C LYS F 43 47.41 3.95 48.14
N GLY F 44 46.79 4.47 47.07
CA GLY F 44 46.20 3.63 46.05
C GLY F 44 47.22 3.19 45.01
N LEU F 45 46.74 2.40 44.06
CA LEU F 45 47.57 1.93 42.96
C LEU F 45 47.52 2.93 41.81
N GLU F 46 48.59 2.93 41.01
CA GLU F 46 48.72 3.90 39.93
C GLU F 46 49.48 3.26 38.77
N TRP F 47 48.91 3.35 37.57
CA TRP F 47 49.56 2.77 36.40
C TRP F 47 50.88 3.48 36.12
N VAL F 48 51.86 2.72 35.66
CA VAL F 48 53.17 3.27 35.27
C VAL F 48 53.38 3.18 33.77
N ALA F 49 53.44 1.96 33.23
CA ALA F 49 53.76 1.77 31.82
C ALA F 49 53.28 0.39 31.38
N SER F 50 53.25 0.20 30.06
CA SER F 50 52.81 -1.05 29.48
C SER F 50 53.39 -1.19 28.09
N ILE F 51 53.89 -2.38 27.76
CA ILE F 51 54.55 -2.62 26.48
C ILE F 51 53.81 -3.76 25.79
N TYR F 52 52.93 -3.41 24.86
CA TYR F 52 52.23 -4.42 24.10
C TYR F 52 53.15 -4.96 23.02
N SER F 53 53.67 -6.17 23.23
CA SER F 53 54.34 -6.84 22.12
C SER F 53 53.29 -7.23 21.09
N TYR F 54 53.75 -7.77 19.96
CA TYR F 54 52.87 -8.13 18.83
C TYR F 54 52.36 -6.87 18.13
N TYR F 55 52.59 -5.71 18.74
CA TYR F 55 52.21 -4.43 18.16
C TYR F 55 53.31 -3.38 18.25
N GLY F 56 54.30 -3.55 19.11
CA GLY F 56 55.38 -2.58 19.22
C GLY F 56 54.95 -1.22 19.72
N SER F 57 53.98 -1.17 20.62
CA SER F 57 53.50 0.07 21.19
C SER F 57 53.99 0.17 22.63
N THR F 58 54.73 1.22 22.93
CA THR F 58 55.36 1.40 24.25
C THR F 58 55.28 2.87 24.62
N TYR F 59 54.22 3.24 25.34
CA TYR F 59 54.04 4.59 25.85
C TYR F 59 53.70 4.51 27.34
N TYR F 60 54.26 5.44 28.11
CA TYR F 60 54.15 5.45 29.55
C TYR F 60 53.06 6.43 29.98
N ALA F 61 52.46 6.16 31.14
CA ALA F 61 51.20 6.81 31.48
C ALA F 61 51.25 8.31 31.68
N ASP F 62 51.76 8.77 32.83
CA ASP F 62 51.76 10.20 33.10
C ASP F 62 53.11 10.74 33.55
N SER F 63 53.68 10.12 34.57
CA SER F 63 54.88 10.62 35.23
C SER F 63 56.14 9.99 34.69
N VAL F 64 56.03 9.18 33.66
CA VAL F 64 57.14 8.44 33.08
C VAL F 64 57.37 8.84 31.62
N LYS F 65 56.87 10.01 31.24
CA LYS F 65 56.90 10.41 29.84
C LYS F 65 58.31 10.40 29.29
N GLY F 66 59.29 10.82 30.09
CA GLY F 66 60.65 10.84 29.63
C GLY F 66 61.63 10.23 30.61
N ARG F 67 61.16 9.89 31.81
CA ARG F 67 62.08 9.44 32.84
C ARG F 67 62.48 7.97 32.64
N PHE F 68 61.53 7.06 32.78
CA PHE F 68 61.86 5.64 32.70
C PHE F 68 61.46 5.07 31.35
N THR F 69 62.04 3.91 31.05
CA THR F 69 61.74 3.17 29.84
C THR F 69 61.37 1.73 30.23
N ILE F 70 60.41 1.17 29.51
CA ILE F 70 60.05 -0.24 29.69
C ILE F 70 60.36 -0.96 28.39
N SER F 71 61.23 -1.95 28.47
CA SER F 71 61.63 -2.74 27.31
C SER F 71 61.50 -4.22 27.66
N ALA F 72 60.87 -4.98 26.77
CA ALA F 72 60.67 -6.41 26.98
C ALA F 72 61.23 -7.17 25.80
N ASP F 73 62.10 -8.13 26.08
CA ASP F 73 62.59 -9.03 25.06
C ASP F 73 62.08 -10.44 25.31
N THR F 74 61.63 -11.09 24.25
CA THR F 74 61.03 -12.41 24.35
C THR F 74 62.07 -13.52 24.43
N SER F 75 63.36 -13.20 24.27
CA SER F 75 64.39 -14.21 24.36
C SER F 75 64.42 -14.84 25.75
N LYS F 76 64.49 -14.00 26.78
CA LYS F 76 64.43 -14.46 28.15
C LYS F 76 63.03 -14.38 28.73
N ASN F 77 62.03 -14.05 27.90
CA ASN F 77 60.62 -14.06 28.30
C ASN F 77 60.38 -13.14 29.50
N THR F 78 61.01 -11.97 29.46
CA THR F 78 60.95 -11.06 30.60
C THR F 78 60.87 -9.62 30.09
N ALA F 79 60.35 -8.75 30.95
CA ALA F 79 60.19 -7.34 30.66
C ALA F 79 61.08 -6.53 31.60
N TYR F 80 61.81 -5.57 31.04
CA TYR F 80 62.77 -4.77 31.79
C TYR F 80 62.29 -3.33 31.86
N LEU F 81 62.23 -2.79 33.08
CA LEU F 81 61.87 -1.41 33.30
C LEU F 81 63.08 -0.67 33.86
N GLN F 82 63.51 0.38 33.16
CA GLN F 82 64.65 1.18 33.56
C GLN F 82 64.22 2.22 34.58
N MET F 83 65.17 2.63 35.43
CA MET F 83 64.92 3.65 36.43
C MET F 83 66.04 4.68 36.37
N ASN F 84 65.67 5.95 36.50
CA ASN F 84 66.65 7.03 36.57
C ASN F 84 65.97 8.29 37.10
N SER F 85 66.75 9.14 37.75
CA SER F 85 66.27 10.45 38.23
C SER F 85 65.01 10.29 39.07
N LEU F 86 65.00 9.28 39.94
CA LEU F 86 63.84 9.01 40.76
C LEU F 86 63.64 10.11 41.80
N ARG F 87 62.39 10.37 42.13
CA ARG F 87 62.04 11.44 43.04
C ARG F 87 61.28 10.86 44.24
N ALA F 88 60.75 11.76 45.08
CA ALA F 88 60.21 11.34 46.37
C ALA F 88 59.03 10.40 46.21
N GLU F 89 58.11 10.69 45.28
CA GLU F 89 56.91 9.86 45.14
C GLU F 89 57.21 8.47 44.62
N ASP F 90 58.40 8.25 44.07
CA ASP F 90 58.73 6.95 43.48
C ASP F 90 58.95 5.87 44.52
N THR F 91 58.99 6.23 45.80
CA THR F 91 59.16 5.25 46.87
C THR F 91 57.86 4.46 47.01
N ALA F 92 57.85 3.23 46.50
CA ALA F 92 56.65 2.41 46.50
C ALA F 92 57.05 0.99 46.14
N VAL F 93 56.06 0.10 46.14
CA VAL F 93 56.23 -1.23 45.56
C VAL F 93 55.91 -1.15 44.09
N TYR F 94 56.35 -2.16 43.34
CA TYR F 94 56.11 -2.21 41.90
C TYR F 94 55.60 -3.58 41.52
N TYR F 95 54.43 -3.62 40.90
CA TYR F 95 53.81 -4.86 40.44
C TYR F 95 53.84 -4.91 38.92
N CYS F 96 54.20 -6.07 38.38
CA CYS F 96 54.04 -6.32 36.95
C CYS F 96 52.85 -7.24 36.76
N ALA F 97 51.90 -6.81 35.95
CA ALA F 97 50.65 -7.53 35.81
C ALA F 97 50.32 -7.75 34.35
N ARG F 98 50.00 -8.99 34.00
CA ARG F 98 49.60 -9.32 32.64
C ARG F 98 48.14 -8.94 32.42
N GLY F 99 47.88 -8.40 31.23
CA GLY F 99 46.53 -7.99 30.85
C GLY F 99 45.93 -9.01 29.90
N TYR F 100 44.65 -9.29 30.07
CA TYR F 100 44.02 -10.38 29.34
C TYR F 100 42.70 -9.92 28.76
N SER F 101 42.58 -9.99 27.44
CA SER F 101 41.32 -9.74 26.74
C SER F 101 40.59 -11.06 26.58
N SER F 102 39.28 -11.02 26.79
CA SER F 102 38.49 -12.25 26.85
C SER F 102 38.51 -13.02 25.55
N TYR F 103 38.91 -12.38 24.45
CA TYR F 103 38.93 -13.01 23.15
C TYR F 103 40.17 -13.87 22.99
N TRP F 104 39.99 -15.09 22.48
CA TRP F 104 41.11 -16.00 22.33
C TRP F 104 42.06 -15.55 21.22
N LEU F 105 41.53 -14.99 20.14
CA LEU F 105 42.36 -14.53 19.05
C LEU F 105 43.29 -13.42 19.55
N LYS F 106 44.59 -13.69 19.52
CA LYS F 106 45.57 -12.82 20.15
C LYS F 106 45.99 -11.65 19.26
N SER F 107 45.18 -11.30 18.28
CA SER F 107 45.34 -10.01 17.62
C SER F 107 44.54 -8.91 18.30
N HIS F 108 43.73 -9.27 19.30
CA HIS F 108 43.01 -8.30 20.12
C HIS F 108 43.79 -8.13 21.42
N GLN F 109 44.57 -7.05 21.50
CA GLN F 109 45.48 -6.84 22.61
C GLN F 109 44.97 -5.84 23.62
N TRP F 110 43.69 -5.49 23.57
CA TRP F 110 43.15 -4.58 24.56
C TRP F 110 43.25 -5.21 25.95
N PRO F 111 43.54 -4.45 26.97
CA PRO F 111 43.84 -5.04 28.29
C PRO F 111 42.66 -5.75 28.93
N TYR F 112 41.53 -5.05 29.07
CA TYR F 112 40.30 -5.60 29.65
C TYR F 112 40.47 -6.07 31.09
N GLY F 113 41.60 -5.79 31.72
CA GLY F 113 41.81 -6.17 33.11
C GLY F 113 43.09 -6.94 33.34
N PHE F 114 43.67 -6.79 34.52
CA PHE F 114 44.92 -7.45 34.88
C PHE F 114 44.60 -8.58 35.85
N ASP F 115 44.98 -9.81 35.51
CA ASP F 115 44.69 -10.95 36.36
C ASP F 115 45.94 -11.50 37.05
N TYR F 116 46.96 -11.85 36.28
CA TYR F 116 48.15 -12.47 36.87
C TYR F 116 49.08 -11.38 37.37
N TRP F 117 49.19 -11.25 38.68
CA TRP F 117 49.98 -10.20 39.31
C TRP F 117 51.18 -10.79 40.00
N GLY F 118 52.31 -10.09 39.89
CA GLY F 118 53.54 -10.57 40.47
C GLY F 118 53.58 -10.36 41.96
N GLN F 119 54.73 -10.69 42.53
CA GLN F 119 54.94 -10.59 43.97
C GLN F 119 55.15 -9.16 44.44
N GLY F 120 55.83 -8.36 43.64
CA GLY F 120 56.09 -6.98 43.99
C GLY F 120 57.49 -6.81 44.55
N THR F 121 58.09 -5.65 44.30
CA THR F 121 59.40 -5.32 44.82
C THR F 121 59.37 -3.92 45.43
N LEU F 122 60.06 -3.75 46.55
CA LEU F 122 60.10 -2.48 47.24
C LEU F 122 61.31 -1.68 46.77
N VAL F 123 61.07 -0.46 46.29
CA VAL F 123 62.14 0.46 45.92
C VAL F 123 61.99 1.71 46.77
N THR F 124 63.04 2.09 47.47
CA THR F 124 63.07 3.27 48.32
C THR F 124 64.07 4.26 47.76
N VAL F 125 63.64 5.52 47.61
CA VAL F 125 64.50 6.56 47.07
C VAL F 125 65.11 7.44 48.16
N SER F 126 64.75 7.23 49.43
CA SER F 126 65.16 8.13 50.49
C SER F 126 66.67 8.18 50.64
N SER F 127 67.19 9.37 50.90
CA SER F 127 68.61 9.59 51.14
C SER F 127 68.90 9.37 52.63
N ALA F 128 70.10 9.75 53.06
CA ALA F 128 70.56 9.54 54.43
C ALA F 128 70.45 8.06 54.81
N SER F 129 71.07 7.23 53.97
CA SER F 129 70.96 5.79 54.06
C SER F 129 72.11 5.22 54.89
N THR F 130 71.98 3.94 55.23
CA THR F 130 73.01 3.19 55.94
C THR F 130 73.37 3.85 57.27
N LYS F 131 72.38 3.91 58.17
CA LYS F 131 72.57 4.42 59.51
C LYS F 131 71.93 3.47 60.51
N GLY F 132 72.43 3.47 61.74
CA GLY F 132 71.95 2.58 62.76
C GLY F 132 70.53 2.89 63.18
N PRO F 133 69.89 1.96 63.88
CA PRO F 133 68.53 2.21 64.36
C PRO F 133 68.42 3.39 65.31
N SER F 134 69.42 3.61 66.15
CA SER F 134 69.41 4.70 67.13
C SER F 134 68.11 4.70 67.93
N VAL F 135 67.73 3.52 68.41
CA VAL F 135 66.44 3.38 69.09
C VAL F 135 66.42 4.20 70.37
N PHE F 136 65.21 4.49 70.84
CA PHE F 136 65.00 5.25 72.06
C PHE F 136 64.59 4.32 73.19
N PRO F 137 65.38 4.19 74.24
CA PRO F 137 64.92 3.42 75.40
C PRO F 137 63.81 4.15 76.16
N LEU F 138 62.60 4.07 75.62
CA LEU F 138 61.41 4.63 76.25
C LEU F 138 61.09 3.78 77.47
N ALA F 139 61.47 4.25 78.66
CA ALA F 139 61.24 3.53 79.90
C ALA F 139 60.28 4.35 80.76
N PRO F 140 58.98 4.11 80.68
CA PRO F 140 58.03 4.97 81.39
C PRO F 140 58.03 4.69 82.88
N SER F 141 58.02 5.76 83.67
CA SER F 141 57.65 5.62 85.06
C SER F 141 56.17 5.24 85.13
N SER F 142 55.90 4.14 85.83
CA SER F 142 54.58 3.54 85.68
C SER F 142 53.50 4.41 86.31
N LYS F 143 53.50 4.53 87.64
CA LYS F 143 52.65 5.46 88.38
C LYS F 143 51.18 5.38 87.97
N SER F 144 50.82 4.32 87.24
CA SER F 144 49.47 4.18 86.68
C SER F 144 48.94 2.76 86.67
N THR F 145 49.57 1.81 87.37
CA THR F 145 49.27 0.40 87.19
C THR F 145 47.91 0.09 87.80
N SER F 146 46.85 0.43 87.06
CA SER F 146 45.50 0.17 87.51
C SER F 146 45.03 -1.24 87.19
N GLY F 147 45.64 -1.90 86.21
CA GLY F 147 45.28 -3.26 85.88
C GLY F 147 44.75 -3.45 84.47
N GLY F 148 45.50 -4.18 83.65
CA GLY F 148 45.11 -4.38 82.27
C GLY F 148 45.10 -3.11 81.46
N THR F 149 45.69 -2.04 81.98
CA THR F 149 45.72 -0.76 81.30
C THR F 149 47.10 -0.12 81.31
N ALA F 150 48.06 -0.70 82.04
CA ALA F 150 49.41 -0.15 82.11
C ALA F 150 50.06 -0.26 80.73
N ALA F 151 50.24 0.87 80.07
CA ALA F 151 50.78 0.93 78.72
C ALA F 151 52.28 1.12 78.79
N LEU F 152 53.03 0.13 78.31
CA LEU F 152 54.48 0.23 78.19
C LEU F 152 54.85 0.44 76.73
N GLY F 153 56.07 0.90 76.50
CA GLY F 153 56.48 1.25 75.16
C GLY F 153 57.97 1.10 74.94
N CYS F 154 58.33 0.94 73.67
CA CYS F 154 59.72 0.85 73.23
C CYS F 154 59.83 1.69 71.95
N LEU F 155 60.11 2.98 72.11
CA LEU F 155 60.11 3.90 70.98
C LEU F 155 61.35 3.67 70.12
N VAL F 156 61.18 3.77 68.81
CA VAL F 156 62.28 3.72 67.85
C VAL F 156 62.28 5.02 67.07
N LYS F 157 63.42 5.69 67.04
CA LYS F 157 63.53 7.03 66.47
C LYS F 157 64.66 7.06 65.46
N ASP F 158 64.48 7.90 64.43
CA ASP F 158 65.48 8.19 63.38
C ASP F 158 66.23 6.94 62.93
N TYR F 159 65.47 5.90 62.59
CA TYR F 159 66.05 4.62 62.20
C TYR F 159 65.90 4.40 60.70
N PHE F 160 66.90 3.71 60.14
CA PHE F 160 67.06 3.50 58.71
C PHE F 160 65.84 2.76 58.16
N PRO F 161 65.22 3.26 57.08
CA PRO F 161 64.05 2.57 56.51
C PRO F 161 64.30 1.09 56.23
N GLU F 162 63.57 0.24 56.95
CA GLU F 162 63.61 -1.20 56.77
C GLU F 162 62.55 -1.82 57.67
N PRO F 163 62.14 -3.05 57.40
CA PRO F 163 61.23 -3.76 58.33
C PRO F 163 61.95 -4.12 59.62
N VAL F 164 61.49 -3.55 60.73
CA VAL F 164 62.10 -3.75 62.04
C VAL F 164 61.00 -4.16 63.01
N THR F 165 61.25 -5.21 63.79
CA THR F 165 60.28 -5.70 64.75
C THR F 165 60.58 -5.12 66.14
N VAL F 166 59.57 -5.15 67.00
CA VAL F 166 59.70 -4.80 68.41
C VAL F 166 59.17 -5.96 69.23
N SER F 167 59.93 -6.40 70.22
CA SER F 167 59.56 -7.54 71.05
C SER F 167 59.27 -7.09 72.47
N TRP F 168 58.61 -7.98 73.22
CA TRP F 168 58.27 -7.73 74.62
C TRP F 168 58.43 -9.06 75.36
N ASN F 169 59.53 -9.19 76.11
CA ASN F 169 59.95 -10.47 76.68
C ASN F 169 60.07 -11.52 75.58
N SER F 170 60.75 -11.12 74.49
CA SER F 170 60.83 -11.92 73.27
C SER F 170 59.44 -12.35 72.80
N GLY F 171 58.50 -11.43 72.88
CA GLY F 171 57.13 -11.69 72.46
C GLY F 171 56.28 -12.46 73.44
N ALA F 172 56.76 -12.68 74.66
CA ALA F 172 55.98 -13.44 75.64
C ALA F 172 54.75 -12.65 76.08
N LEU F 173 54.94 -11.39 76.46
CA LEU F 173 53.83 -10.54 76.90
C LEU F 173 53.27 -9.83 75.66
N THR F 174 52.43 -10.54 74.92
CA THR F 174 51.87 -10.03 73.68
C THR F 174 50.39 -9.65 73.81
N SER F 175 49.78 -9.87 74.96
CA SER F 175 48.40 -9.46 75.16
C SER F 175 48.27 -7.95 75.06
N GLY F 176 47.33 -7.48 74.26
CA GLY F 176 47.17 -6.06 74.03
C GLY F 176 48.34 -5.41 73.34
N VAL F 177 48.99 -6.12 72.41
CA VAL F 177 50.11 -5.55 71.68
C VAL F 177 49.59 -4.53 70.68
N HIS F 178 50.27 -3.40 70.57
CA HIS F 178 49.87 -2.33 69.66
C HIS F 178 51.09 -1.79 68.92
N THR F 179 51.92 -2.70 68.40
CA THR F 179 53.09 -2.29 67.63
C THR F 179 52.65 -1.60 66.36
N PHE F 180 53.12 -0.37 66.15
CA PHE F 180 52.53 0.38 65.06
C PHE F 180 53.38 0.28 63.80
N PRO F 181 52.77 0.46 62.64
CA PRO F 181 53.56 0.53 61.40
C PRO F 181 54.46 1.75 61.43
N ALA F 182 55.63 1.61 60.79
CA ALA F 182 56.61 2.69 60.78
C ALA F 182 56.08 3.90 60.03
N VAL F 183 56.39 5.08 60.55
CA VAL F 183 56.00 6.34 59.93
C VAL F 183 57.23 7.23 59.80
N LEU F 184 57.37 7.85 58.64
CA LEU F 184 58.51 8.73 58.36
C LEU F 184 58.66 9.80 59.43
N GLN F 185 59.79 9.76 60.14
CA GLN F 185 60.07 10.77 61.15
C GLN F 185 60.46 12.07 60.46
N SER F 186 59.46 12.80 59.96
CA SER F 186 59.66 14.13 59.41
C SER F 186 60.70 14.16 58.29
N SER F 187 61.94 14.51 58.64
CA SER F 187 62.97 14.82 57.66
C SER F 187 63.35 13.64 56.78
N GLY F 188 64.03 12.64 57.34
CA GLY F 188 64.61 11.62 56.50
C GLY F 188 64.53 10.18 56.96
N LEU F 189 64.01 9.94 58.15
CA LEU F 189 64.00 8.59 58.72
C LEU F 189 62.57 8.20 59.08
N TYR F 190 62.40 6.95 59.48
CA TYR F 190 61.13 6.44 59.97
C TYR F 190 61.17 6.39 61.50
N SER F 191 60.00 6.15 62.10
CA SER F 191 59.90 6.00 63.55
C SER F 191 58.66 5.18 63.88
N LEU F 192 58.73 4.47 65.00
CA LEU F 192 57.63 3.63 65.44
C LEU F 192 57.82 3.30 66.92
N SER F 193 56.74 2.81 67.54
CA SER F 193 56.72 2.44 68.94
C SER F 193 55.89 1.17 69.10
N SER F 194 55.57 0.84 70.35
CA SER F 194 54.71 -0.31 70.63
C SER F 194 54.08 -0.12 72.00
N VAL F 195 52.95 -0.81 72.20
CA VAL F 195 52.21 -0.76 73.46
C VAL F 195 51.74 -2.15 73.83
N VAL F 196 51.84 -2.48 75.13
CA VAL F 196 51.22 -3.66 75.70
C VAL F 196 50.54 -3.25 77.00
N THR F 197 49.62 -4.10 77.45
CA THR F 197 48.86 -3.87 78.67
C THR F 197 49.16 -4.97 79.68
N VAL F 198 49.43 -4.57 80.92
CA VAL F 198 49.75 -5.54 81.98
C VAL F 198 48.84 -5.30 83.17
N PRO F 199 48.56 -6.33 83.97
CA PRO F 199 47.63 -6.16 85.11
C PRO F 199 48.20 -5.28 86.21
N SER F 200 47.42 -5.14 87.30
CA SER F 200 47.86 -4.33 88.44
C SER F 200 48.62 -5.18 89.45
N SER F 201 48.25 -6.45 89.60
CA SER F 201 48.88 -7.30 90.59
C SER F 201 50.38 -7.39 90.37
N SER F 202 50.83 -7.41 89.11
CA SER F 202 52.26 -7.39 88.83
C SER F 202 52.86 -6.00 89.00
N LEU F 203 52.03 -4.96 89.07
CA LEU F 203 52.50 -3.58 89.15
C LEU F 203 53.49 -3.28 88.04
N GLY F 204 54.74 -3.02 88.43
CA GLY F 204 55.81 -2.81 87.47
C GLY F 204 57.03 -3.62 87.82
N THR F 205 56.99 -4.30 88.97
CA THR F 205 58.11 -5.14 89.38
C THR F 205 58.29 -6.34 88.48
N GLN F 206 57.26 -6.70 87.71
CA GLN F 206 57.42 -7.74 86.70
C GLN F 206 58.41 -7.30 85.65
N THR F 207 59.26 -8.23 85.20
CA THR F 207 60.37 -7.91 84.31
C THR F 207 59.88 -7.97 82.88
N TYR F 208 59.81 -6.80 82.23
CA TYR F 208 59.48 -6.71 80.83
C TYR F 208 60.72 -6.35 80.02
N ILE F 209 60.99 -7.14 78.99
CA ILE F 209 62.22 -7.03 78.21
C ILE F 209 61.86 -6.65 76.78
N CYS F 210 62.50 -5.61 76.27
CA CYS F 210 62.31 -5.17 74.90
C CYS F 210 63.45 -5.66 74.03
N ASN F 211 63.16 -5.93 72.76
CA ASN F 211 64.17 -6.38 71.82
C ASN F 211 63.90 -5.76 70.46
N VAL F 212 64.96 -5.27 69.81
CA VAL F 212 64.84 -4.64 68.50
C VAL F 212 65.83 -5.31 67.56
N ASN F 213 65.53 -5.23 66.27
CA ASN F 213 66.29 -5.96 65.24
C ASN F 213 66.38 -5.05 64.02
N HIS F 214 67.54 -4.43 63.84
CA HIS F 214 67.81 -3.62 62.66
C HIS F 214 68.64 -4.43 61.66
N LYS F 215 67.98 -5.42 61.08
CA LYS F 215 68.70 -6.46 60.33
C LYS F 215 69.47 -5.94 59.12
N PRO F 216 68.88 -5.14 58.21
CA PRO F 216 69.66 -4.71 57.03
C PRO F 216 70.94 -3.98 57.39
N SER F 217 70.94 -3.20 58.46
CA SER F 217 72.14 -2.53 58.94
C SER F 217 72.93 -3.39 59.91
N ASN F 218 72.51 -4.64 60.12
CA ASN F 218 73.22 -5.61 60.97
C ASN F 218 73.32 -5.10 62.40
N THR F 219 72.16 -4.74 62.96
CA THR F 219 72.07 -4.27 64.34
C THR F 219 70.95 -5.01 65.04
N LYS F 220 71.23 -5.50 66.24
CA LYS F 220 70.23 -6.17 67.07
C LYS F 220 70.43 -5.69 68.50
N VAL F 221 69.51 -4.85 68.98
CA VAL F 221 69.62 -4.24 70.30
C VAL F 221 68.57 -4.86 71.22
N ASP F 222 69.04 -5.41 72.33
CA ASP F 222 68.16 -5.96 73.37
C ASP F 222 68.05 -4.95 74.49
N LYS F 223 66.82 -4.57 74.81
CA LYS F 223 66.56 -3.52 75.79
C LYS F 223 65.74 -4.08 76.94
N LYS F 224 65.36 -3.19 77.85
CA LYS F 224 64.57 -3.54 79.02
C LYS F 224 63.86 -2.30 79.54
N VAL F 225 62.87 -2.52 80.39
CA VAL F 225 62.11 -1.43 81.00
C VAL F 225 61.85 -1.78 82.47
N GLU F 226 62.16 -0.85 83.35
CA GLU F 226 61.82 -0.96 84.77
C GLU F 226 61.32 0.39 85.24
N PRO F 227 60.27 0.41 86.07
CA PRO F 227 59.69 1.66 86.60
C PRO F 227 60.70 2.48 87.39
#